data_3SZ4
# 
_entry.id   3SZ4 
# 
_audit_conform.dict_name       mmcif_pdbx.dic 
_audit_conform.dict_version    5.380 
_audit_conform.dict_location   http://mmcif.pdb.org/dictionaries/ascii/mmcif_pdbx.dic 
# 
loop_
_database_2.database_id 
_database_2.database_code 
_database_2.pdbx_database_accession 
_database_2.pdbx_DOI 
PDB   3SZ4         pdb_00003sz4 10.2210/pdb3sz4/pdb 
RCSB  RCSB066832   ?            ?                   
WWPDB D_1000066832 ?            ?                   
# 
loop_
_pdbx_database_related.db_name 
_pdbx_database_related.db_id 
_pdbx_database_related.details 
_pdbx_database_related.content_type 
PDB 3SYY 'Crystal Structure of an alkaline exonuclease (LHK-Exo) from Laribacter hongkongensis' unspecified 
PDB 3SZ5 .                                                                                      unspecified 
# 
_pdbx_database_status.status_code                     REL 
_pdbx_database_status.entry_id                        3SZ4 
_pdbx_database_status.recvd_initial_deposition_date   2011-07-18 
_pdbx_database_status.deposit_site                    RCSB 
_pdbx_database_status.process_site                    PDBJ 
_pdbx_database_status.status_code_sf                  REL 
_pdbx_database_status.status_code_mr                  ? 
_pdbx_database_status.SG_entry                        ? 
_pdbx_database_status.status_code_cs                  ? 
_pdbx_database_status.pdb_format_compatible           Y 
_pdbx_database_status.status_code_nmr_data            ? 
_pdbx_database_status.methods_development_category    ? 
# 
loop_
_audit_author.name 
_audit_author.pdbx_ordinal 
'Yang, W.'    1 
'Chen, W.Y.'  2 
'Wang, H.'    3 
'Zhang, Q.'   4 
'Zhou, W.'    5 
'Bartlam, M.' 6 
'Watt, R.M.'  7 
'Rao, Z.'     8 
# 
_citation.id                        primary 
_citation.title                     
'Structural and functional insight into the mechanism of an alkaline exonuclease from Laribacter hongkongensis.' 
_citation.journal_abbrev            'Nucleic Acids Res.' 
_citation.journal_volume            39 
_citation.page_first                9803 
_citation.page_last                 9819 
_citation.year                      2011 
_citation.journal_id_ASTM           NARHAD 
_citation.country                   UK 
_citation.journal_id_ISSN           0305-1048 
_citation.journal_id_CSD            0389 
_citation.book_publisher            ? 
_citation.pdbx_database_id_PubMed   21893587 
_citation.pdbx_database_id_DOI      10.1093/nar/gkr660 
# 
loop_
_citation_author.citation_id 
_citation_author.name 
_citation_author.ordinal 
_citation_author.identifier_ORCID 
primary 'Yang, W.'    1  ? 
primary 'Chen, W.Y.'  2  ? 
primary 'Wang, H.'    3  ? 
primary 'Ho, J.W.'    4  ? 
primary 'Huang, J.D.' 5  ? 
primary 'Woo, P.C.'   6  ? 
primary 'Lau, S.K.'   7  ? 
primary 'Yuen, K.Y.'  8  ? 
primary 'Zhang, Q.'   9  ? 
primary 'Zhou, W.'    10 ? 
primary 'Bartlam, M.' 11 ? 
primary 'Watt, R.M.'  12 ? 
primary 'Rao, Z.'     13 ? 
# 
_cell.entry_id           3SZ4 
_cell.length_a           108.327 
_cell.length_b           108.327 
_cell.length_c           47.824 
_cell.angle_alpha        90.00 
_cell.angle_beta         90.00 
_cell.angle_gamma        120.00 
_cell.Z_PDB              6 
_cell.pdbx_unique_axis   ? 
_cell.length_a_esd       ? 
_cell.length_b_esd       ? 
_cell.length_c_esd       ? 
_cell.angle_alpha_esd    ? 
_cell.angle_beta_esd     ? 
_cell.angle_gamma_esd    ? 
# 
_symmetry.entry_id                         3SZ4 
_symmetry.space_group_name_H-M             'P 63' 
_symmetry.pdbx_full_space_group_name_H-M   ? 
_symmetry.cell_setting                     ? 
_symmetry.Int_Tables_number                173 
_symmetry.space_group_name_Hall            ? 
# 
loop_
_entity.id 
_entity.type 
_entity.src_method 
_entity.pdbx_description 
_entity.formula_weight 
_entity.pdbx_number_of_molecules 
_entity.pdbx_ec 
_entity.pdbx_mutation 
_entity.pdbx_fragment 
_entity.details 
1 polymer     man Exonuclease                          24476.742 1  ? ? ? ? 
2 non-polymer syn 'MAGNESIUM ION'                      24.305    1  ? ? ? ? 
3 non-polymer syn "2'-DEOXYADENOSINE-5'-MONOPHOSPHATE" 331.222   1  ? ? ? ? 
4 water       nat water                                18.015    17 ? ? ? ? 
# 
_entity_name_com.entity_id   1 
_entity_name_com.name        'alkaline exonuclease, LHK-Exo' 
# 
_entity_poly.entity_id                      1 
_entity_poly.type                           'polypeptide(L)' 
_entity_poly.nstd_linkage                   no 
_entity_poly.nstd_monomer                   no 
_entity_poly.pdbx_seq_one_letter_code       
;MEQRTEEWFAARLGKVTASRVADVMTKTKSGYAASRQNYMAELICQRLTGTQEIRFSNAAMQRGTELEPHARARYIIETG
EIVTEVGLIDHPTIAGFGASPDGLVGDTGLIEIKCPNTWTHIETIKTGKPKPEYIKQMQTQMACTGRQWCDFVSYDDRLP
DDMQYFCTRIERDDALIAEIETEVSAFLAELEAEIEYLKRKAAKLAAALEHHHHHH
;
_entity_poly.pdbx_seq_one_letter_code_can   
;MEQRTEEWFAARLGKVTASRVADVMTKTKSGYAASRQNYMAELICQRLTGTQEIRFSNAAMQRGTELEPHARARYIIETG
EIVTEVGLIDHPTIAGFGASPDGLVGDTGLIEIKCPNTWTHIETIKTGKPKPEYIKQMQTQMACTGRQWCDFVSYDDRLP
DDMQYFCTRIERDDALIAEIETEVSAFLAELEAEIEYLKRKAAKLAAALEHHHHHH
;
_entity_poly.pdbx_strand_id                 A 
_entity_poly.pdbx_target_identifier         ? 
# 
loop_
_entity_poly_seq.entity_id 
_entity_poly_seq.num 
_entity_poly_seq.mon_id 
_entity_poly_seq.hetero 
1 1   MET n 
1 2   GLU n 
1 3   GLN n 
1 4   ARG n 
1 5   THR n 
1 6   GLU n 
1 7   GLU n 
1 8   TRP n 
1 9   PHE n 
1 10  ALA n 
1 11  ALA n 
1 12  ARG n 
1 13  LEU n 
1 14  GLY n 
1 15  LYS n 
1 16  VAL n 
1 17  THR n 
1 18  ALA n 
1 19  SER n 
1 20  ARG n 
1 21  VAL n 
1 22  ALA n 
1 23  ASP n 
1 24  VAL n 
1 25  MET n 
1 26  THR n 
1 27  LYS n 
1 28  THR n 
1 29  LYS n 
1 30  SER n 
1 31  GLY n 
1 32  TYR n 
1 33  ALA n 
1 34  ALA n 
1 35  SER n 
1 36  ARG n 
1 37  GLN n 
1 38  ASN n 
1 39  TYR n 
1 40  MET n 
1 41  ALA n 
1 42  GLU n 
1 43  LEU n 
1 44  ILE n 
1 45  CYS n 
1 46  GLN n 
1 47  ARG n 
1 48  LEU n 
1 49  THR n 
1 50  GLY n 
1 51  THR n 
1 52  GLN n 
1 53  GLU n 
1 54  ILE n 
1 55  ARG n 
1 56  PHE n 
1 57  SER n 
1 58  ASN n 
1 59  ALA n 
1 60  ALA n 
1 61  MET n 
1 62  GLN n 
1 63  ARG n 
1 64  GLY n 
1 65  THR n 
1 66  GLU n 
1 67  LEU n 
1 68  GLU n 
1 69  PRO n 
1 70  HIS n 
1 71  ALA n 
1 72  ARG n 
1 73  ALA n 
1 74  ARG n 
1 75  TYR n 
1 76  ILE n 
1 77  ILE n 
1 78  GLU n 
1 79  THR n 
1 80  GLY n 
1 81  GLU n 
1 82  ILE n 
1 83  VAL n 
1 84  THR n 
1 85  GLU n 
1 86  VAL n 
1 87  GLY n 
1 88  LEU n 
1 89  ILE n 
1 90  ASP n 
1 91  HIS n 
1 92  PRO n 
1 93  THR n 
1 94  ILE n 
1 95  ALA n 
1 96  GLY n 
1 97  PHE n 
1 98  GLY n 
1 99  ALA n 
1 100 SER n 
1 101 PRO n 
1 102 ASP n 
1 103 GLY n 
1 104 LEU n 
1 105 VAL n 
1 106 GLY n 
1 107 ASP n 
1 108 THR n 
1 109 GLY n 
1 110 LEU n 
1 111 ILE n 
1 112 GLU n 
1 113 ILE n 
1 114 LYS n 
1 115 CYS n 
1 116 PRO n 
1 117 ASN n 
1 118 THR n 
1 119 TRP n 
1 120 THR n 
1 121 HIS n 
1 122 ILE n 
1 123 GLU n 
1 124 THR n 
1 125 ILE n 
1 126 LYS n 
1 127 THR n 
1 128 GLY n 
1 129 LYS n 
1 130 PRO n 
1 131 LYS n 
1 132 PRO n 
1 133 GLU n 
1 134 TYR n 
1 135 ILE n 
1 136 LYS n 
1 137 GLN n 
1 138 MET n 
1 139 GLN n 
1 140 THR n 
1 141 GLN n 
1 142 MET n 
1 143 ALA n 
1 144 CYS n 
1 145 THR n 
1 146 GLY n 
1 147 ARG n 
1 148 GLN n 
1 149 TRP n 
1 150 CYS n 
1 151 ASP n 
1 152 PHE n 
1 153 VAL n 
1 154 SER n 
1 155 TYR n 
1 156 ASP n 
1 157 ASP n 
1 158 ARG n 
1 159 LEU n 
1 160 PRO n 
1 161 ASP n 
1 162 ASP n 
1 163 MET n 
1 164 GLN n 
1 165 TYR n 
1 166 PHE n 
1 167 CYS n 
1 168 THR n 
1 169 ARG n 
1 170 ILE n 
1 171 GLU n 
1 172 ARG n 
1 173 ASP n 
1 174 ASP n 
1 175 ALA n 
1 176 LEU n 
1 177 ILE n 
1 178 ALA n 
1 179 GLU n 
1 180 ILE n 
1 181 GLU n 
1 182 THR n 
1 183 GLU n 
1 184 VAL n 
1 185 SER n 
1 186 ALA n 
1 187 PHE n 
1 188 LEU n 
1 189 ALA n 
1 190 GLU n 
1 191 LEU n 
1 192 GLU n 
1 193 ALA n 
1 194 GLU n 
1 195 ILE n 
1 196 GLU n 
1 197 TYR n 
1 198 LEU n 
1 199 LYS n 
1 200 ARG n 
1 201 LYS n 
1 202 ALA n 
1 203 ALA n 
1 204 LYS n 
1 205 LEU n 
1 206 ALA n 
1 207 ALA n 
1 208 ALA n 
1 209 LEU n 
1 210 GLU n 
1 211 HIS n 
1 212 HIS n 
1 213 HIS n 
1 214 HIS n 
1 215 HIS n 
1 216 HIS n 
# 
_entity_src_gen.entity_id                          1 
_entity_src_gen.pdbx_src_id                        1 
_entity_src_gen.pdbx_alt_source_flag               sample 
_entity_src_gen.pdbx_seq_type                      ? 
_entity_src_gen.pdbx_beg_seq_num                   ? 
_entity_src_gen.pdbx_end_seq_num                   ? 
_entity_src_gen.gene_src_common_name               ? 
_entity_src_gen.gene_src_genus                     ? 
_entity_src_gen.pdbx_gene_src_gene                 LHK_01497 
_entity_src_gen.gene_src_species                   ? 
_entity_src_gen.gene_src_strain                    HLHK9 
_entity_src_gen.gene_src_tissue                    ? 
_entity_src_gen.gene_src_tissue_fraction           ? 
_entity_src_gen.gene_src_details                   ? 
_entity_src_gen.pdbx_gene_src_fragment             ? 
_entity_src_gen.pdbx_gene_src_scientific_name      'Laribacter hongkongensis' 
_entity_src_gen.pdbx_gene_src_ncbi_taxonomy_id     557598 
_entity_src_gen.pdbx_gene_src_variant              ? 
_entity_src_gen.pdbx_gene_src_cell_line            ? 
_entity_src_gen.pdbx_gene_src_atcc                 ? 
_entity_src_gen.pdbx_gene_src_organ                ? 
_entity_src_gen.pdbx_gene_src_organelle            ? 
_entity_src_gen.pdbx_gene_src_cell                 ? 
_entity_src_gen.pdbx_gene_src_cellular_location    ? 
_entity_src_gen.host_org_common_name               ? 
_entity_src_gen.pdbx_host_org_scientific_name      'Escherichia coli' 
_entity_src_gen.pdbx_host_org_ncbi_taxonomy_id     562 
_entity_src_gen.host_org_genus                     ? 
_entity_src_gen.pdbx_host_org_gene                 ? 
_entity_src_gen.pdbx_host_org_organ                ? 
_entity_src_gen.host_org_species                   ? 
_entity_src_gen.pdbx_host_org_tissue               ? 
_entity_src_gen.pdbx_host_org_tissue_fraction      ? 
_entity_src_gen.pdbx_host_org_strain               'BL21(DE3)' 
_entity_src_gen.pdbx_host_org_variant              ? 
_entity_src_gen.pdbx_host_org_cell_line            ? 
_entity_src_gen.pdbx_host_org_atcc                 ? 
_entity_src_gen.pdbx_host_org_culture_collection   ? 
_entity_src_gen.pdbx_host_org_cell                 ? 
_entity_src_gen.pdbx_host_org_organelle            ? 
_entity_src_gen.pdbx_host_org_cellular_location    ? 
_entity_src_gen.pdbx_host_org_vector_type          Plasmid 
_entity_src_gen.pdbx_host_org_vector               ? 
_entity_src_gen.host_org_details                   ? 
_entity_src_gen.expression_system_id               ? 
_entity_src_gen.plasmid_name                       pET28a 
_entity_src_gen.plasmid_details                    ? 
_entity_src_gen.pdbx_description                   ? 
# 
_struct_ref.id                         1 
_struct_ref.db_name                    UNP 
_struct_ref.db_code                    C1D7P6_LARHH 
_struct_ref.pdbx_db_accession          C1D7P6 
_struct_ref.entity_id                  1 
_struct_ref.pdbx_seq_one_letter_code   
;MEQRTEEWFAARLGKVTASRVADVMTKTKSGYAASRQNYMAELICQRLTGTQEIRFSNAAMQRGTELEPHARARYIIETG
EIVTEVGLIDHPTIAGFGASPDGLVGDTGLIEIKCPNTWTHIETIKTGKPKPEYIKQMQTQMACTGRQWCDFVSYDDRLP
DDMQYFCTRIERDDALIAEIETEVSAFLAELEAEIEYLKRKAA
;
_struct_ref.pdbx_align_begin           1 
_struct_ref.pdbx_db_isoform            ? 
# 
_struct_ref_seq.align_id                      1 
_struct_ref_seq.ref_id                        1 
_struct_ref_seq.pdbx_PDB_id_code              3SZ4 
_struct_ref_seq.pdbx_strand_id                A 
_struct_ref_seq.seq_align_beg                 1 
_struct_ref_seq.pdbx_seq_align_beg_ins_code   ? 
_struct_ref_seq.seq_align_end                 203 
_struct_ref_seq.pdbx_seq_align_end_ins_code   ? 
_struct_ref_seq.pdbx_db_accession             C1D7P6 
_struct_ref_seq.db_align_beg                  1 
_struct_ref_seq.pdbx_db_align_beg_ins_code    ? 
_struct_ref_seq.db_align_end                  203 
_struct_ref_seq.pdbx_db_align_end_ins_code    ? 
_struct_ref_seq.pdbx_auth_seq_align_beg       1 
_struct_ref_seq.pdbx_auth_seq_align_end       203 
# 
loop_
_struct_ref_seq_dif.align_id 
_struct_ref_seq_dif.pdbx_pdb_id_code 
_struct_ref_seq_dif.mon_id 
_struct_ref_seq_dif.pdbx_pdb_strand_id 
_struct_ref_seq_dif.seq_num 
_struct_ref_seq_dif.pdbx_pdb_ins_code 
_struct_ref_seq_dif.pdbx_seq_db_name 
_struct_ref_seq_dif.pdbx_seq_db_accession_code 
_struct_ref_seq_dif.db_mon_id 
_struct_ref_seq_dif.pdbx_seq_db_seq_num 
_struct_ref_seq_dif.details 
_struct_ref_seq_dif.pdbx_auth_seq_num 
_struct_ref_seq_dif.pdbx_ordinal 
1 3SZ4 LYS A 204 ? UNP C1D7P6 ? ? 'expression tag' 204 1  
1 3SZ4 LEU A 205 ? UNP C1D7P6 ? ? 'expression tag' 205 2  
1 3SZ4 ALA A 206 ? UNP C1D7P6 ? ? 'expression tag' 206 3  
1 3SZ4 ALA A 207 ? UNP C1D7P6 ? ? 'expression tag' 207 4  
1 3SZ4 ALA A 208 ? UNP C1D7P6 ? ? 'expression tag' 208 5  
1 3SZ4 LEU A 209 ? UNP C1D7P6 ? ? 'expression tag' 209 6  
1 3SZ4 GLU A 210 ? UNP C1D7P6 ? ? 'expression tag' 210 7  
1 3SZ4 HIS A 211 ? UNP C1D7P6 ? ? 'expression tag' 211 8  
1 3SZ4 HIS A 212 ? UNP C1D7P6 ? ? 'expression tag' 212 9  
1 3SZ4 HIS A 213 ? UNP C1D7P6 ? ? 'expression tag' 213 10 
1 3SZ4 HIS A 214 ? UNP C1D7P6 ? ? 'expression tag' 214 11 
1 3SZ4 HIS A 215 ? UNP C1D7P6 ? ? 'expression tag' 215 12 
1 3SZ4 HIS A 216 ? UNP C1D7P6 ? ? 'expression tag' 216 13 
# 
loop_
_chem_comp.id 
_chem_comp.type 
_chem_comp.mon_nstd_flag 
_chem_comp.name 
_chem_comp.pdbx_synonyms 
_chem_comp.formula 
_chem_comp.formula_weight 
ALA 'L-peptide linking' y ALANINE                              ? 'C3 H7 N O2'      89.093  
ARG 'L-peptide linking' y ARGININE                             ? 'C6 H15 N4 O2 1'  175.209 
ASN 'L-peptide linking' y ASPARAGINE                           ? 'C4 H8 N2 O3'     132.118 
ASP 'L-peptide linking' y 'ASPARTIC ACID'                      ? 'C4 H7 N O4'      133.103 
CYS 'L-peptide linking' y CYSTEINE                             ? 'C3 H7 N O2 S'    121.158 
D5M non-polymer         . "2'-DEOXYADENOSINE-5'-MONOPHOSPHATE" ? 'C10 H14 N5 O6 P' 331.222 
GLN 'L-peptide linking' y GLUTAMINE                            ? 'C5 H10 N2 O3'    146.144 
GLU 'L-peptide linking' y 'GLUTAMIC ACID'                      ? 'C5 H9 N O4'      147.129 
GLY 'peptide linking'   y GLYCINE                              ? 'C2 H5 N O2'      75.067  
HIS 'L-peptide linking' y HISTIDINE                            ? 'C6 H10 N3 O2 1'  156.162 
HOH non-polymer         . WATER                                ? 'H2 O'            18.015  
ILE 'L-peptide linking' y ISOLEUCINE                           ? 'C6 H13 N O2'     131.173 
LEU 'L-peptide linking' y LEUCINE                              ? 'C6 H13 N O2'     131.173 
LYS 'L-peptide linking' y LYSINE                               ? 'C6 H15 N2 O2 1'  147.195 
MET 'L-peptide linking' y METHIONINE                           ? 'C5 H11 N O2 S'   149.211 
MG  non-polymer         . 'MAGNESIUM ION'                      ? 'Mg 2'            24.305  
PHE 'L-peptide linking' y PHENYLALANINE                        ? 'C9 H11 N O2'     165.189 
PRO 'L-peptide linking' y PROLINE                              ? 'C5 H9 N O2'      115.130 
SER 'L-peptide linking' y SERINE                               ? 'C3 H7 N O3'      105.093 
THR 'L-peptide linking' y THREONINE                            ? 'C4 H9 N O3'      119.119 
TRP 'L-peptide linking' y TRYPTOPHAN                           ? 'C11 H12 N2 O2'   204.225 
TYR 'L-peptide linking' y TYROSINE                             ? 'C9 H11 N O3'     181.189 
VAL 'L-peptide linking' y VALINE                               ? 'C5 H11 N O2'     117.146 
# 
_exptl.entry_id          3SZ4 
_exptl.method            'X-RAY DIFFRACTION' 
_exptl.crystals_number   1 
# 
_exptl_crystal.id                    1 
_exptl_crystal.density_meas          ? 
_exptl_crystal.density_Matthews      3.31 
_exptl_crystal.density_percent_sol   62.83 
_exptl_crystal.description           ? 
# 
_exptl_crystal_grow.crystal_id      1 
_exptl_crystal_grow.method          'VAPOR DIFFUSION, SITTING DROP' 
_exptl_crystal_grow.temp            293 
_exptl_crystal_grow.temp_details    ? 
_exptl_crystal_grow.pH              8.4 
_exptl_crystal_grow.pdbx_details    
'0.1M Tris pH 8.4, 1.0M potassium sodium tartrate tetrahydrate, VAPOR DIFFUSION, SITTING DROP, temperature 293K' 
_exptl_crystal_grow.pdbx_pH_range   . 
# 
_diffrn.id                     1 
_diffrn.ambient_temp           100 
_diffrn.ambient_temp_details   ? 
_diffrn.crystal_id             1 
# 
_diffrn_detector.diffrn_id              1 
_diffrn_detector.detector               'IMAGE PLATE' 
_diffrn_detector.type                   'RIGAKU RAXIS IV++' 
_diffrn_detector.pdbx_collection_date   2009-11-30 
_diffrn_detector.details                mirrors 
# 
_diffrn_radiation.diffrn_id                        1 
_diffrn_radiation.wavelength_id                    1 
_diffrn_radiation.pdbx_monochromatic_or_laue_m_l   M 
_diffrn_radiation.monochromator                    ? 
_diffrn_radiation.pdbx_diffrn_protocol             'SINGLE WAVELENGTH' 
_diffrn_radiation.pdbx_scattering_type             x-ray 
# 
_diffrn_radiation_wavelength.id           1 
_diffrn_radiation_wavelength.wavelength   1.5418 
_diffrn_radiation_wavelength.wt           1.0 
# 
_diffrn_source.diffrn_id                   1 
_diffrn_source.source                      'ROTATING ANODE' 
_diffrn_source.type                        'RIGAKU MICROMAX-007' 
_diffrn_source.pdbx_synchrotron_site       ? 
_diffrn_source.pdbx_synchrotron_beamline   ? 
_diffrn_source.pdbx_wavelength             ? 
_diffrn_source.pdbx_wavelength_list        1.5418 
# 
_reflns.entry_id                     3SZ4 
_reflns.observed_criterion_sigma_I   -3.0 
_reflns.observed_criterion_sigma_F   0.0 
_reflns.d_resolution_low             50 
_reflns.d_resolution_high            2.59 
_reflns.number_obs                   10072 
_reflns.number_all                   10125 
_reflns.percent_possible_obs         99.5 
_reflns.pdbx_Rmerge_I_obs            0.047 
_reflns.pdbx_Rsym_value              ? 
_reflns.pdbx_netI_over_sigmaI        43.7 
_reflns.B_iso_Wilson_estimate        ? 
_reflns.pdbx_redundancy              4.5 
_reflns.R_free_details               ? 
_reflns.limit_h_max                  ? 
_reflns.limit_h_min                  ? 
_reflns.limit_k_max                  ? 
_reflns.limit_k_min                  ? 
_reflns.limit_l_max                  ? 
_reflns.limit_l_min                  ? 
_reflns.observed_criterion_F_max     ? 
_reflns.observed_criterion_F_min     ? 
_reflns.pdbx_chi_squared             ? 
_reflns.pdbx_scaling_rejects         ? 
_reflns.pdbx_ordinal                 1 
_reflns.pdbx_diffrn_id               1 
# 
_reflns_shell.d_res_high                  2.60 
_reflns_shell.d_res_low                   2.64 
_reflns_shell.percent_possible_all        100.0 
_reflns_shell.Rmerge_I_obs                0.473 
_reflns_shell.pdbx_Rsym_value             ? 
_reflns_shell.meanI_over_sigI_obs         4.3 
_reflns_shell.pdbx_redundancy             4.5 
_reflns_shell.percent_possible_obs        ? 
_reflns_shell.number_unique_all           509 
_reflns_shell.number_measured_all         ? 
_reflns_shell.number_measured_obs         ? 
_reflns_shell.number_unique_obs           ? 
_reflns_shell.pdbx_chi_squared            ? 
_reflns_shell.pdbx_rejects                ? 
_reflns_shell.pdbx_netI_over_sigmaI_obs   ? 
_reflns_shell.number_possible             ? 
_reflns_shell.Rmerge_F_all                ? 
_reflns_shell.Rmerge_F_obs                ? 
_reflns_shell.Rmerge_I_all                ? 
_reflns_shell.meanI_over_sigI_all         ? 
_reflns_shell.pdbx_Rrim_I_all             ? 
_reflns_shell.pdbx_Rpim_I_all             ? 
_reflns_shell.pdbx_ordinal                1 
_reflns_shell.pdbx_diffrn_id              1 
# 
_refine.entry_id                                 3SZ4 
_refine.ls_number_reflns_obs                     9575 
_refine.ls_number_reflns_all                     9636 
_refine.pdbx_ls_sigma_I                          0 
_refine.pdbx_ls_sigma_F                          ? 
_refine.pdbx_data_cutoff_high_absF               ? 
_refine.pdbx_data_cutoff_low_absF                ? 
_refine.pdbx_data_cutoff_high_rms_absF           ? 
_refine.ls_d_res_low                             50.00 
_refine.ls_d_res_high                            2.59 
_refine.ls_percent_reflns_obs                    99.36 
_refine.ls_R_factor_obs                          0.21044 
_refine.ls_R_factor_all                          ? 
_refine.ls_R_factor_R_work                       0.20791 
_refine.ls_R_factor_R_free                       0.26215 
_refine.ls_R_factor_R_free_error                 ? 
_refine.ls_R_factor_R_free_error_details         ? 
_refine.ls_percent_reflns_R_free                 4.8 
_refine.ls_number_reflns_R_free                  487 
_refine.ls_number_parameters                     ? 
_refine.ls_number_restraints                     ? 
_refine.occupancy_min                            ? 
_refine.occupancy_max                            ? 
_refine.correlation_coeff_Fo_to_Fc               0.948 
_refine.correlation_coeff_Fo_to_Fc_free          0.934 
_refine.B_iso_mean                               65.594 
_refine.aniso_B[1][1]                            1.05 
_refine.aniso_B[2][2]                            1.05 
_refine.aniso_B[3][3]                            -1.58 
_refine.aniso_B[1][2]                            0.53 
_refine.aniso_B[1][3]                            -0.00 
_refine.aniso_B[2][3]                            -0.00 
_refine.solvent_model_details                    MASK 
_refine.solvent_model_param_ksol                 ? 
_refine.solvent_model_param_bsol                 ? 
_refine.pdbx_solvent_vdw_probe_radii             1.40 
_refine.pdbx_solvent_ion_probe_radii             0.80 
_refine.pdbx_solvent_shrinkage_radii             0.80 
_refine.pdbx_ls_cross_valid_method               THROUGHOUT 
_refine.details                                  'HYDROGENS HAVE BEEN ADDED IN THE RIDING POSITIONS' 
_refine.pdbx_starting_model                      3SYY 
_refine.pdbx_method_to_determine_struct          'MOLECULAR REPLACEMENT' 
_refine.pdbx_isotropic_thermal_model             ? 
_refine.pdbx_stereochemistry_target_values       'MAXIMUM LIKELIHOOD' 
_refine.pdbx_stereochem_target_val_spec_case     ? 
_refine.pdbx_R_Free_selection_details            RANDOM 
_refine.pdbx_overall_ESU_R_Free                  0.280 
_refine.overall_SU_ML                            0.214 
_refine.pdbx_overall_phase_error                 ? 
_refine.overall_SU_B                             10.974 
_refine.overall_SU_R_Cruickshank_DPI             ? 
_refine.ls_redundancy_reflns_obs                 ? 
_refine.B_iso_min                                ? 
_refine.B_iso_max                                ? 
_refine.overall_SU_R_free                        ? 
_refine.pdbx_overall_ESU_R                       ? 
_refine.ls_wR_factor_R_free                      ? 
_refine.ls_wR_factor_R_work                      ? 
_refine.overall_FOM_free_R_set                   ? 
_refine.overall_FOM_work_R_set                   ? 
_refine.pdbx_diffrn_id                           1 
_refine.pdbx_refine_id                           'X-RAY DIFFRACTION' 
_refine.pdbx_TLS_residual_ADP_flag               ? 
_refine.pdbx_overall_SU_R_free_Cruickshank_DPI   ? 
_refine.pdbx_overall_SU_R_Blow_DPI               ? 
_refine.pdbx_overall_SU_R_free_Blow_DPI          ? 
# 
_refine_hist.pdbx_refine_id                   'X-RAY DIFFRACTION' 
_refine_hist.cycle_id                         LAST 
_refine_hist.pdbx_number_atoms_protein        1529 
_refine_hist.pdbx_number_atoms_nucleic_acid   0 
_refine_hist.pdbx_number_atoms_ligand         23 
_refine_hist.number_atoms_solvent             17 
_refine_hist.number_atoms_total               1569 
_refine_hist.d_res_high                       2.59 
_refine_hist.d_res_low                        50.00 
# 
loop_
_refine_ls_restr.type 
_refine_ls_restr.dev_ideal 
_refine_ls_restr.dev_ideal_target 
_refine_ls_restr.weight 
_refine_ls_restr.number 
_refine_ls_restr.pdbx_restraint_function 
_refine_ls_restr.pdbx_refine_id 
r_bond_refined_d       0.016  0.022  ? 1577 ? 'X-RAY DIFFRACTION' 
r_angle_refined_deg    1.608  1.977  ? 2134 ? 'X-RAY DIFFRACTION' 
r_dihedral_angle_1_deg 6.146  5.000  ? 192  ? 'X-RAY DIFFRACTION' 
r_dihedral_angle_2_deg 34.433 24.306 ? 72   ? 'X-RAY DIFFRACTION' 
r_dihedral_angle_3_deg 17.995 15.000 ? 278  ? 'X-RAY DIFFRACTION' 
r_dihedral_angle_4_deg 15.003 15.000 ? 12   ? 'X-RAY DIFFRACTION' 
r_chiral_restr         0.097  0.200  ? 241  ? 'X-RAY DIFFRACTION' 
r_gen_planes_refined   0.006  0.021  ? 1170 ? 'X-RAY DIFFRACTION' 
r_mcbond_it            0.760  1.500  ? 967  ? 'X-RAY DIFFRACTION' 
r_mcangle_it           1.429  2.000  ? 1556 ? 'X-RAY DIFFRACTION' 
r_scbond_it            1.808  3.000  ? 610  ? 'X-RAY DIFFRACTION' 
r_scangle_it           3.143  4.500  ? 578  ? 'X-RAY DIFFRACTION' 
# 
_refine_ls_shell.pdbx_refine_id                   'X-RAY DIFFRACTION' 
_refine_ls_shell.pdbx_total_number_of_bins_used   20 
_refine_ls_shell.d_res_high                       2.594 
_refine_ls_shell.d_res_low                        2.661 
_refine_ls_shell.number_reflns_R_work             698 
_refine_ls_shell.R_factor_R_work                  0.313 
_refine_ls_shell.percent_reflns_obs               98.13 
_refine_ls_shell.R_factor_R_free                  0.382 
_refine_ls_shell.R_factor_R_free_error            ? 
_refine_ls_shell.percent_reflns_R_free            ? 
_refine_ls_shell.number_reflns_R_free             36 
_refine_ls_shell.number_reflns_all                ? 
_refine_ls_shell.R_factor_all                     ? 
_refine_ls_shell.number_reflns_obs                ? 
_refine_ls_shell.redundancy_reflns_obs            ? 
# 
_struct.entry_id                  3SZ4 
_struct.title                     'Crystal Structure of LHK-Exo in complex with dAMP' 
_struct.pdbx_model_details        ? 
_struct.pdbx_CASP_flag            ? 
_struct.pdbx_model_type_details   ? 
# 
_struct_keywords.entry_id        3SZ4 
_struct_keywords.pdbx_keywords   HYDROLASE 
_struct_keywords.text            'alkaline exonuclease, digest double stranded DNA with strict 5-3-polarity, HYDROLASE' 
# 
loop_
_struct_asym.id 
_struct_asym.pdbx_blank_PDB_chainid_flag 
_struct_asym.pdbx_modified 
_struct_asym.entity_id 
_struct_asym.details 
A N N 1 ? 
B N N 2 ? 
C N N 3 ? 
D N N 4 ? 
# 
_struct_biol.id        1 
_struct_biol.details   ? 
# 
loop_
_struct_conf.conf_type_id 
_struct_conf.id 
_struct_conf.pdbx_PDB_helix_id 
_struct_conf.beg_label_comp_id 
_struct_conf.beg_label_asym_id 
_struct_conf.beg_label_seq_id 
_struct_conf.pdbx_beg_PDB_ins_code 
_struct_conf.end_label_comp_id 
_struct_conf.end_label_asym_id 
_struct_conf.end_label_seq_id 
_struct_conf.pdbx_end_PDB_ins_code 
_struct_conf.beg_auth_comp_id 
_struct_conf.beg_auth_asym_id 
_struct_conf.beg_auth_seq_id 
_struct_conf.end_auth_comp_id 
_struct_conf.end_auth_asym_id 
_struct_conf.end_auth_seq_id 
_struct_conf.pdbx_PDB_helix_class 
_struct_conf.details 
_struct_conf.pdbx_PDB_helix_length 
HELX_P HELX_P1 1 THR A 5   ? LEU A 13  ? THR A 5   LEU A 13  1 ? 9  
HELX_P HELX_P2 2 ARG A 20  ? THR A 26  ? ARG A 20  THR A 26  1 ? 7  
HELX_P HELX_P3 3 ALA A 33  ? GLY A 50  ? ALA A 33  GLY A 50  1 ? 18 
HELX_P HELX_P4 4 ASN A 58  ? GLY A 80  ? ASN A 58  GLY A 80  1 ? 23 
HELX_P HELX_P5 5 ASN A 117 ? GLY A 128 ? ASN A 117 GLY A 128 1 ? 12 
HELX_P HELX_P6 6 LYS A 131 ? GLY A 146 ? LYS A 131 GLY A 146 1 ? 16 
HELX_P HELX_P7 7 PRO A 160 ? MET A 163 ? PRO A 160 MET A 163 5 ? 4  
HELX_P HELX_P8 8 ASP A 173 ? ALA A 206 ? ASP A 173 ALA A 206 1 ? 34 
# 
_struct_conf_type.id          HELX_P 
_struct_conf_type.criteria    ? 
_struct_conf_type.reference   ? 
# 
loop_
_struct_conn.id 
_struct_conn.conn_type_id 
_struct_conn.pdbx_leaving_atom_flag 
_struct_conn.pdbx_PDB_id 
_struct_conn.ptnr1_label_asym_id 
_struct_conn.ptnr1_label_comp_id 
_struct_conn.ptnr1_label_seq_id 
_struct_conn.ptnr1_label_atom_id 
_struct_conn.pdbx_ptnr1_label_alt_id 
_struct_conn.pdbx_ptnr1_PDB_ins_code 
_struct_conn.pdbx_ptnr1_standard_comp_id 
_struct_conn.ptnr1_symmetry 
_struct_conn.ptnr2_label_asym_id 
_struct_conn.ptnr2_label_comp_id 
_struct_conn.ptnr2_label_seq_id 
_struct_conn.ptnr2_label_atom_id 
_struct_conn.pdbx_ptnr2_label_alt_id 
_struct_conn.pdbx_ptnr2_PDB_ins_code 
_struct_conn.ptnr1_auth_asym_id 
_struct_conn.ptnr1_auth_comp_id 
_struct_conn.ptnr1_auth_seq_id 
_struct_conn.ptnr2_auth_asym_id 
_struct_conn.ptnr2_auth_comp_id 
_struct_conn.ptnr2_auth_seq_id 
_struct_conn.ptnr2_symmetry 
_struct_conn.pdbx_ptnr3_label_atom_id 
_struct_conn.pdbx_ptnr3_label_seq_id 
_struct_conn.pdbx_ptnr3_label_comp_id 
_struct_conn.pdbx_ptnr3_label_asym_id 
_struct_conn.pdbx_ptnr3_label_alt_id 
_struct_conn.pdbx_ptnr3_PDB_ins_code 
_struct_conn.details 
_struct_conn.pdbx_dist_value 
_struct_conn.pdbx_value_order 
_struct_conn.pdbx_role 
metalc1 metalc ? ? A ASP 102 OD2 ? ? ? 1_555 B MG . MG ? ? A ASP 102 A MG 217 1_555 ? ? ? ? ? ? ? 2.313 ? ? 
metalc2 metalc ? ? A GLU 112 OE2 ? ? ? 1_555 B MG . MG ? ? A GLU 112 A MG 217 1_555 ? ? ? ? ? ? ? 2.566 ? ? 
metalc3 metalc ? ? A ILE 113 O   ? ? ? 1_555 B MG . MG ? ? A ILE 113 A MG 217 1_555 ? ? ? ? ? ? ? 2.555 ? ? 
# 
_struct_conn_type.id          metalc 
_struct_conn_type.criteria    ? 
_struct_conn_type.reference   ? 
# 
loop_
_struct_sheet.id 
_struct_sheet.type 
_struct_sheet.number_strands 
_struct_sheet.details 
A ? 3 ? 
B ? 5 ? 
# 
loop_
_struct_sheet_order.sheet_id 
_struct_sheet_order.range_id_1 
_struct_sheet_order.range_id_2 
_struct_sheet_order.offset 
_struct_sheet_order.sense 
A 1 2 ? parallel      
A 2 3 ? anti-parallel 
B 1 2 ? anti-parallel 
B 2 3 ? anti-parallel 
B 3 4 ? parallel      
B 4 5 ? anti-parallel 
# 
loop_
_struct_sheet_range.sheet_id 
_struct_sheet_range.id 
_struct_sheet_range.beg_label_comp_id 
_struct_sheet_range.beg_label_asym_id 
_struct_sheet_range.beg_label_seq_id 
_struct_sheet_range.pdbx_beg_PDB_ins_code 
_struct_sheet_range.end_label_comp_id 
_struct_sheet_range.end_label_asym_id 
_struct_sheet_range.end_label_seq_id 
_struct_sheet_range.pdbx_end_PDB_ins_code 
_struct_sheet_range.beg_auth_comp_id 
_struct_sheet_range.beg_auth_asym_id 
_struct_sheet_range.beg_auth_seq_id 
_struct_sheet_range.end_auth_comp_id 
_struct_sheet_range.end_auth_asym_id 
_struct_sheet_range.end_auth_seq_id 
A 1 VAL A 16  ? THR A 17  ? VAL A 16  THR A 17  
A 2 PHE A 97  ? ALA A 99  ? PHE A 97  ALA A 99  
A 3 ILE A 89  ? ASP A 90  ? ILE A 89  ASP A 90  
B 1 VAL A 83  ? THR A 84  ? VAL A 83  THR A 84  
B 2 GLY A 103 ? VAL A 105 ? GLY A 103 VAL A 105 
B 3 GLY A 109 ? LYS A 114 ? GLY A 109 LYS A 114 
B 4 TRP A 149 ? TYR A 155 ? TRP A 149 TYR A 155 
B 5 TYR A 165 ? GLU A 171 ? TYR A 165 GLU A 171 
# 
loop_
_pdbx_struct_sheet_hbond.sheet_id 
_pdbx_struct_sheet_hbond.range_id_1 
_pdbx_struct_sheet_hbond.range_id_2 
_pdbx_struct_sheet_hbond.range_1_label_atom_id 
_pdbx_struct_sheet_hbond.range_1_label_comp_id 
_pdbx_struct_sheet_hbond.range_1_label_asym_id 
_pdbx_struct_sheet_hbond.range_1_label_seq_id 
_pdbx_struct_sheet_hbond.range_1_PDB_ins_code 
_pdbx_struct_sheet_hbond.range_1_auth_atom_id 
_pdbx_struct_sheet_hbond.range_1_auth_comp_id 
_pdbx_struct_sheet_hbond.range_1_auth_asym_id 
_pdbx_struct_sheet_hbond.range_1_auth_seq_id 
_pdbx_struct_sheet_hbond.range_2_label_atom_id 
_pdbx_struct_sheet_hbond.range_2_label_comp_id 
_pdbx_struct_sheet_hbond.range_2_label_asym_id 
_pdbx_struct_sheet_hbond.range_2_label_seq_id 
_pdbx_struct_sheet_hbond.range_2_PDB_ins_code 
_pdbx_struct_sheet_hbond.range_2_auth_atom_id 
_pdbx_struct_sheet_hbond.range_2_auth_comp_id 
_pdbx_struct_sheet_hbond.range_2_auth_asym_id 
_pdbx_struct_sheet_hbond.range_2_auth_seq_id 
A 1 2 N VAL A 16  ? N VAL A 16  O GLY A 98  ? O GLY A 98  
A 2 3 O ALA A 99  ? O ALA A 99  N ILE A 89  ? N ILE A 89  
B 1 2 N THR A 84  ? N THR A 84  O LEU A 104 ? O LEU A 104 
B 2 3 N VAL A 105 ? N VAL A 105 O GLY A 109 ? O GLY A 109 
B 3 4 N LEU A 110 ? N LEU A 110 O ASP A 151 ? O ASP A 151 
B 4 5 N PHE A 152 ? N PHE A 152 O THR A 168 ? O THR A 168 
# 
loop_
_struct_site.id 
_struct_site.pdbx_evidence_code 
_struct_site.pdbx_auth_asym_id 
_struct_site.pdbx_auth_comp_id 
_struct_site.pdbx_auth_seq_id 
_struct_site.pdbx_auth_ins_code 
_struct_site.pdbx_num_residues 
_struct_site.details 
AC1 Software A MG  217 ? 3 'BINDING SITE FOR RESIDUE MG A 217'  
AC2 Software A D5M 218 ? 7 'BINDING SITE FOR RESIDUE D5M A 218' 
# 
loop_
_struct_site_gen.id 
_struct_site_gen.site_id 
_struct_site_gen.pdbx_num_res 
_struct_site_gen.label_comp_id 
_struct_site_gen.label_asym_id 
_struct_site_gen.label_seq_id 
_struct_site_gen.pdbx_auth_ins_code 
_struct_site_gen.auth_comp_id 
_struct_site_gen.auth_asym_id 
_struct_site_gen.auth_seq_id 
_struct_site_gen.label_atom_id 
_struct_site_gen.label_alt_id 
_struct_site_gen.symmetry 
_struct_site_gen.details 
1  AC1 3 ASP A 102 ? ASP A 102 . ? 1_555 ? 
2  AC1 3 GLU A 112 ? GLU A 112 . ? 1_555 ? 
3  AC1 3 ILE A 113 ? ILE A 113 . ? 1_555 ? 
4  AC2 7 PHE A 9   ? PHE A 9   . ? 1_555 ? 
5  AC2 7 ARG A 12  ? ARG A 12  . ? 1_555 ? 
6  AC2 7 THR A 17  ? THR A 17  . ? 1_555 ? 
7  AC2 7 ALA A 18  ? ALA A 18  . ? 1_555 ? 
8  AC2 7 SER A 19  ? SER A 19  . ? 1_555 ? 
9  AC2 7 ALA A 99  ? ALA A 99  . ? 1_555 ? 
10 AC2 7 SER A 100 ? SER A 100 . ? 1_555 ? 
# 
_atom_sites.entry_id                    3SZ4 
_atom_sites.fract_transf_matrix[1][1]   0.00272831 
_atom_sites.fract_transf_matrix[1][2]   0.00969902 
_atom_sites.fract_transf_matrix[1][3]   -0.00347931 
_atom_sites.fract_transf_matrix[2][1]   -0.00081470 
_atom_sites.fract_transf_matrix[2][2]   0.00237025 
_atom_sites.fract_transf_matrix[2][3]   -0.01036014 
_atom_sites.fract_transf_matrix[3][1]   -0.01960157 
_atom_sites.fract_transf_matrix[3][2]   0.00660927 
_atom_sites.fract_transf_matrix[3][3]   0.00305353 
_atom_sites.fract_transf_vector[1]      0.246770 
_atom_sites.fract_transf_vector[2]      -0.166734 
_atom_sites.fract_transf_vector[3]      0.129345 
# 
loop_
_atom_type.symbol 
C  
MG 
N  
O  
P  
S  
# 
loop_
_atom_site.group_PDB 
_atom_site.id 
_atom_site.type_symbol 
_atom_site.label_atom_id 
_atom_site.label_alt_id 
_atom_site.label_comp_id 
_atom_site.label_asym_id 
_atom_site.label_entity_id 
_atom_site.label_seq_id 
_atom_site.pdbx_PDB_ins_code 
_atom_site.Cartn_x 
_atom_site.Cartn_y 
_atom_site.Cartn_z 
_atom_site.occupancy 
_atom_site.B_iso_or_equiv 
_atom_site.pdbx_formal_charge 
_atom_site.auth_seq_id 
_atom_site.auth_comp_id 
_atom_site.auth_asym_id 
_atom_site.auth_atom_id 
_atom_site.pdbx_PDB_model_num 
ATOM   1    N  N     . THR A 1 5   ? -13.762 2.950   4.919   1.00 98.92  ? 5   THR A N     1 
ATOM   2    C  CA    . THR A 1 5   ? -14.981 2.284   5.471   1.00 99.32  ? 5   THR A CA    1 
ATOM   3    C  C     . THR A 1 5   ? -14.601 1.121   6.400   1.00 99.65  ? 5   THR A C     1 
ATOM   4    O  O     . THR A 1 5   ? -13.504 0.557   6.277   1.00 99.79  ? 5   THR A O     1 
ATOM   5    C  CB    . THR A 1 5   ? -15.959 1.796   4.341   1.00 99.30  ? 5   THR A CB    1 
ATOM   6    O  OG1   . THR A 1 5   ? -15.828 0.378   4.120   1.00 98.54  ? 5   THR A OG1   1 
ATOM   7    C  CG2   . THR A 1 5   ? -15.736 2.582   3.029   1.00 99.36  ? 5   THR A CG2   1 
ATOM   8    N  N     . GLU A 1 6   ? -15.521 0.763   7.304   1.00 99.72  ? 6   GLU A N     1 
ATOM   9    C  CA    . GLU A 1 6   ? -15.298 -0.249  8.361   1.00 99.91  ? 6   GLU A CA    1 
ATOM   10   C  C     . GLU A 1 6   ? -15.251 -1.693  7.846   1.00 99.09  ? 6   GLU A C     1 
ATOM   11   O  O     . GLU A 1 6   ? -14.639 -2.567  8.468   1.00 99.42  ? 6   GLU A O     1 
ATOM   12   C  CB    . GLU A 1 6   ? -16.374 -0.123  9.447   1.00 100.36 ? 6   GLU A CB    1 
ATOM   13   C  CG    . GLU A 1 6   ? -16.018 -0.760  10.804  1.00 103.28 ? 6   GLU A CG    1 
ATOM   14   C  CD    . GLU A 1 6   ? -17.212 -0.788  11.782  1.00 107.48 ? 6   GLU A CD    1 
ATOM   15   O  OE1   . GLU A 1 6   ? -18.351 -1.095  11.338  1.00 108.87 ? 6   GLU A OE1   1 
ATOM   16   O  OE2   . GLU A 1 6   ? -17.012 -0.506  12.995  1.00 108.92 ? 6   GLU A OE2   1 
ATOM   17   N  N     . GLU A 1 7   ? -15.922 -1.929  6.723   1.00 98.02  ? 7   GLU A N     1 
ATOM   18   C  CA    . GLU A 1 7   ? -15.881 -3.193  5.988   1.00 96.70  ? 7   GLU A CA    1 
ATOM   19   C  C     . GLU A 1 7   ? -14.465 -3.662  5.703   1.00 95.05  ? 7   GLU A C     1 
ATOM   20   O  O     . GLU A 1 7   ? -14.080 -4.806  5.985   1.00 94.80  ? 7   GLU A O     1 
ATOM   21   C  CB    . GLU A 1 7   ? -16.502 -2.949  4.628   1.00 97.24  ? 7   GLU A CB    1 
ATOM   22   C  CG    . GLU A 1 7   ? -17.970 -2.728  4.636   1.00 100.21 ? 7   GLU A CG    1 
ATOM   23   C  CD    . GLU A 1 7   ? -18.637 -3.637  3.625   1.00 104.48 ? 7   GLU A CD    1 
ATOM   24   O  OE1   . GLU A 1 7   ? -17.941 -4.107  2.685   1.00 105.15 ? 7   GLU A OE1   1 
ATOM   25   O  OE2   . GLU A 1 7   ? -19.850 -3.902  3.780   1.00 106.75 ? 7   GLU A OE2   1 
ATOM   26   N  N     . TRP A 1 8   ? -13.726 -2.739  5.094   1.00 92.77  ? 8   TRP A N     1 
ATOM   27   C  CA    . TRP A 1 8   ? -12.387 -2.941  4.588   1.00 90.54  ? 8   TRP A CA    1 
ATOM   28   C  C     . TRP A 1 8   ? -11.366 -2.956  5.727   1.00 89.11  ? 8   TRP A C     1 
ATOM   29   O  O     . TRP A 1 8   ? -10.354 -3.657  5.641   1.00 89.19  ? 8   TRP A O     1 
ATOM   30   C  CB    . TRP A 1 8   ? -12.112 -1.846  3.545   1.00 90.44  ? 8   TRP A CB    1 
ATOM   31   C  CG    . TRP A 1 8   ? -10.679 -1.400  3.320   1.00 89.30  ? 8   TRP A CG    1 
ATOM   32   C  CD1   . TRP A 1 8   ? -9.847  -1.796  2.303   1.00 88.42  ? 8   TRP A CD1   1 
ATOM   33   C  CD2   . TRP A 1 8   ? -9.943  -0.413  4.077   1.00 88.27  ? 8   TRP A CD2   1 
ATOM   34   N  NE1   . TRP A 1 8   ? -8.638  -1.139  2.393   1.00 87.64  ? 8   TRP A NE1   1 
ATOM   35   C  CE2   . TRP A 1 8   ? -8.667  -0.286  3.471   1.00 88.08  ? 8   TRP A CE2   1 
ATOM   36   C  CE3   . TRP A 1 8   ? -10.232 0.366   5.210   1.00 86.63  ? 8   TRP A CE3   1 
ATOM   37   C  CZ2   . TRP A 1 8   ? -7.675  0.587   3.971   1.00 86.34  ? 8   TRP A CZ2   1 
ATOM   38   C  CZ3   . TRP A 1 8   ? -9.246  1.227   5.698   1.00 85.00  ? 8   TRP A CZ3   1 
ATOM   39   C  CH2   . TRP A 1 8   ? -7.987  1.326   5.080   1.00 85.10  ? 8   TRP A CH2   1 
ATOM   40   N  N     . PHE A 1 9   ? -11.636 -2.198  6.792   1.00 86.59  ? 9   PHE A N     1 
ATOM   41   C  CA    . PHE A 1 9   ? -10.817 -2.268  7.991   1.00 84.31  ? 9   PHE A CA    1 
ATOM   42   C  C     . PHE A 1 9   ? -10.771 -3.698  8.502   1.00 81.97  ? 9   PHE A C     1 
ATOM   43   O  O     . PHE A 1 9   ? -9.739  -4.165  8.993   1.00 81.49  ? 9   PHE A O     1 
ATOM   44   C  CB    . PHE A 1 9   ? -11.373 -1.358  9.077   1.00 84.75  ? 9   PHE A CB    1 
ATOM   45   C  CG    . PHE A 1 9   ? -10.796 0.029   9.060   1.00 87.39  ? 9   PHE A CG    1 
ATOM   46   C  CD1   . PHE A 1 9   ? -9.678  0.348   9.844   1.00 89.33  ? 9   PHE A CD1   1 
ATOM   47   C  CD2   . PHE A 1 9   ? -11.378 1.035   8.277   1.00 89.99  ? 9   PHE A CD2   1 
ATOM   48   C  CE1   . PHE A 1 9   ? -9.135  1.655   9.847   1.00 90.53  ? 9   PHE A CE1   1 
ATOM   49   C  CE2   . PHE A 1 9   ? -10.852 2.358   8.266   1.00 91.23  ? 9   PHE A CE2   1 
ATOM   50   C  CZ    . PHE A 1 9   ? -9.722  2.663   9.049   1.00 91.23  ? 9   PHE A CZ    1 
ATOM   51   N  N     . ALA A 1 10  ? -11.895 -4.387  8.361   1.00 79.17  ? 10  ALA A N     1 
ATOM   52   C  CA    . ALA A 1 10  ? -12.043 -5.735  8.871   1.00 76.82  ? 10  ALA A CA    1 
ATOM   53   C  C     . ALA A 1 10  ? -11.402 -6.748  7.943   1.00 75.22  ? 10  ALA A C     1 
ATOM   54   O  O     . ALA A 1 10  ? -10.888 -7.762  8.392   1.00 74.58  ? 10  ALA A O     1 
ATOM   55   C  CB    . ALA A 1 10  ? -13.478 -6.045  9.056   1.00 76.76  ? 10  ALA A CB    1 
ATOM   56   N  N     . ALA A 1 11  ? -11.455 -6.462  6.648   1.00 73.60  ? 11  ALA A N     1 
ATOM   57   C  CA    . ALA A 1 11  ? -10.713 -7.211  5.631   1.00 72.21  ? 11  ALA A CA    1 
ATOM   58   C  C     . ALA A 1 11  ? -9.179  -7.096  5.791   1.00 71.17  ? 11  ALA A C     1 
ATOM   59   O  O     . ALA A 1 11  ? -8.440  -8.038  5.463   1.00 70.88  ? 11  ALA A O     1 
ATOM   60   C  CB    . ALA A 1 11  ? -11.136 -6.746  4.226   1.00 72.33  ? 11  ALA A CB    1 
ATOM   61   N  N     . ARG A 1 12  ? -8.728  -5.939  6.286   1.00 69.37  ? 12  ARG A N     1 
ATOM   62   C  CA    . ARG A 1 12  ? -7.321  -5.645  6.567   1.00 67.81  ? 12  ARG A CA    1 
ATOM   63   C  C     . ARG A 1 12  ? -6.760  -6.162  7.865   1.00 66.55  ? 12  ARG A C     1 
ATOM   64   O  O     . ARG A 1 12  ? -5.541  -6.272  8.023   1.00 66.81  ? 12  ARG A O     1 
ATOM   65   C  CB    . ARG A 1 12  ? -7.128  -4.161  6.604   1.00 67.64  ? 12  ARG A CB    1 
ATOM   66   C  CG    . ARG A 1 12  ? -6.756  -3.682  5.287   1.00 69.01  ? 12  ARG A CG    1 
ATOM   67   C  CD    . ARG A 1 12  ? -6.909  -2.231  5.259   1.00 72.34  ? 12  ARG A CD    1 
ATOM   68   N  NE    . ARG A 1 12  ? -5.765  -1.536  5.843   1.00 74.45  ? 12  ARG A NE    1 
ATOM   69   C  CZ    . ARG A 1 12  ? -4.650  -1.239  5.178   1.00 74.12  ? 12  ARG A CZ    1 
ATOM   70   N  NH1   . ARG A 1 12  ? -4.502  -1.615  3.905   1.00 74.03  ? 12  ARG A NH1   1 
ATOM   71   N  NH2   . ARG A 1 12  ? -3.677  -0.577  5.789   1.00 71.44  ? 12  ARG A NH2   1 
ATOM   72   N  N     . LEU A 1 13  ? -7.637  -6.435  8.813   1.00 64.83  ? 13  LEU A N     1 
ATOM   73   C  CA    . LEU A 1 13  ? -7.189  -6.863  10.115  1.00 63.63  ? 13  LEU A CA    1 
ATOM   74   C  C     . LEU A 1 13  ? -6.113  -7.955  10.028  1.00 62.24  ? 13  LEU A C     1 
ATOM   75   O  O     . LEU A 1 13  ? -6.358  -9.055  9.565   1.00 62.37  ? 13  LEU A O     1 
ATOM   76   C  CB    . LEU A 1 13  ? -8.367  -7.312  11.000  1.00 63.27  ? 13  LEU A CB    1 
ATOM   77   C  CG    . LEU A 1 13  ? -7.896  -7.246  12.460  1.00 64.90  ? 13  LEU A CG    1 
ATOM   78   C  CD1   . LEU A 1 13  ? -7.710  -5.786  12.859  1.00 64.26  ? 13  LEU A CD1   1 
ATOM   79   C  CD2   . LEU A 1 13  ? -8.757  -8.024  13.488  1.00 64.89  ? 13  LEU A CD2   1 
ATOM   80   N  N     . GLY A 1 14  ? -4.902  -7.634  10.447  1.00 60.94  ? 14  GLY A N     1 
ATOM   81   C  CA    . GLY A 1 14  ? -3.911  -8.676  10.652  1.00 59.01  ? 14  GLY A CA    1 
ATOM   82   C  C     . GLY A 1 14  ? -3.174  -9.128  9.417   1.00 58.05  ? 14  GLY A C     1 
ATOM   83   O  O     . GLY A 1 14  ? -2.330  -9.985  9.543   1.00 57.65  ? 14  GLY A O     1 
ATOM   84   N  N     . LYS A 1 15  ? -3.482  -8.579  8.232   1.00 57.31  ? 15  LYS A N     1 
ATOM   85   C  CA    . LYS A 1 15  ? -2.769  -8.966  6.993   1.00 56.45  ? 15  LYS A CA    1 
ATOM   86   C  C     . LYS A 1 15  ? -1.654  -8.001  6.696   1.00 55.84  ? 15  LYS A C     1 
ATOM   87   O  O     . LYS A 1 15  ? -1.773  -6.824  7.003   1.00 55.58  ? 15  LYS A O     1 
ATOM   88   C  CB    . LYS A 1 15  ? -3.697  -8.998  5.766   1.00 56.60  ? 15  LYS A CB    1 
ATOM   89   C  CG    . LYS A 1 15  ? -5.052  -9.598  6.019   1.00 56.24  ? 15  LYS A CG    1 
ATOM   90   C  CD    . LYS A 1 15  ? -5.839  -9.863  4.748   1.00 57.15  ? 15  LYS A CD    1 
ATOM   91   C  CE    . LYS A 1 15  ? -7.128  -10.606 5.114   1.00 58.71  ? 15  LYS A CE    1 
ATOM   92   N  NZ    . LYS A 1 15  ? -7.986  -10.906 3.943   1.00 61.53  ? 15  LYS A NZ    1 
ATOM   93   N  N     . VAL A 1 16  ? -0.568  -8.499  6.105   1.00 55.29  ? 16  VAL A N     1 
ATOM   94   C  CA    . VAL A 1 16  ? 0.428   -7.620  5.474   1.00 54.81  ? 16  VAL A CA    1 
ATOM   95   C  C     . VAL A 1 16  ? -0.243  -6.963  4.258   1.00 54.82  ? 16  VAL A C     1 
ATOM   96   O  O     . VAL A 1 16  ? -1.018  -7.625  3.554   1.00 55.50  ? 16  VAL A O     1 
ATOM   97   C  CB    . VAL A 1 16  ? 1.657   -8.399  4.969   1.00 54.29  ? 16  VAL A CB    1 
ATOM   98   C  CG1   . VAL A 1 16  ? 2.641   -7.468  4.225   1.00 54.10  ? 16  VAL A CG1   1 
ATOM   99   C  CG2   . VAL A 1 16  ? 2.350   -9.087  6.094   1.00 54.86  ? 16  VAL A CG2   1 
ATOM   100  N  N     . THR A 1 17  ? 0.031   -5.686  3.999   1.00 54.09  ? 17  THR A N     1 
ATOM   101  C  CA    . THR A 1 17  ? -0.614  -5.029  2.880   1.00 53.45  ? 17  THR A CA    1 
ATOM   102  C  C     . THR A 1 17  ? 0.395   -4.185  2.109   1.00 54.19  ? 17  THR A C     1 
ATOM   103  O  O     . THR A 1 17  ? 1.403   -3.730  2.663   1.00 53.87  ? 17  THR A O     1 
ATOM   104  C  CB    . THR A 1 17  ? -1.819  -4.188  3.330   1.00 53.39  ? 17  THR A CB    1 
ATOM   105  O  OG1   . THR A 1 17  ? -1.343  -3.076  4.091   1.00 52.21  ? 17  THR A OG1   1 
ATOM   106  C  CG2   . THR A 1 17  ? -2.813  -5.009  4.195   1.00 51.80  ? 17  THR A CG2   1 
ATOM   107  N  N     . ALA A 1 18  ? 0.095   -3.981  0.824   1.00 54.64  ? 18  ALA A N     1 
ATOM   108  C  CA    . ALA A 1 18  ? 0.971   -3.310  -0.140  1.00 55.28  ? 18  ALA A CA    1 
ATOM   109  C  C     . ALA A 1 18  ? 1.757   -2.138  0.420   1.00 55.93  ? 18  ALA A C     1 
ATOM   110  O  O     . ALA A 1 18  ? 2.949   -2.009  0.142   1.00 56.96  ? 18  ALA A O     1 
ATOM   111  C  CB    . ALA A 1 18  ? 0.176   -2.866  -1.389  1.00 54.74  ? 18  ALA A CB    1 
ATOM   112  N  N     . SER A 1 19  ? 1.103   -1.273  1.185   1.00 55.94  ? 19  SER A N     1 
ATOM   113  C  CA    . SER A 1 19  ? 1.769   -0.038  1.622   1.00 56.23  ? 19  SER A CA    1 
ATOM   114  C  C     . SER A 1 19  ? 2.725   -0.236  2.804   1.00 55.98  ? 19  SER A C     1 
ATOM   115  O  O     . SER A 1 19  ? 3.430   0.682   3.181   1.00 56.07  ? 19  SER A O     1 
ATOM   116  C  CB    . SER A 1 19  ? 0.751   1.030   1.972   1.00 56.27  ? 19  SER A CB    1 
ATOM   117  O  OG    . SER A 1 19  ? -0.093  0.544   2.990   1.00 56.83  ? 19  SER A OG    1 
ATOM   118  N  N     . ARG A 1 20  ? 2.764   -1.436  3.365   1.00 55.34  ? 20  ARG A N     1 
ATOM   119  C  CA    . ARG A 1 20  ? 3.611   -1.705  4.499   1.00 54.74  ? 20  ARG A CA    1 
ATOM   120  C  C     . ARG A 1 20  ? 4.713   -2.648  4.081   1.00 55.48  ? 20  ARG A C     1 
ATOM   121  O  O     . ARG A 1 20  ? 5.521   -3.091  4.909   1.00 56.07  ? 20  ARG A O     1 
ATOM   122  C  CB    . ARG A 1 20  ? 2.777   -2.325  5.608   1.00 54.45  ? 20  ARG A CB    1 
ATOM   123  C  CG    . ARG A 1 20  ? 1.632   -1.434  6.089   1.00 52.69  ? 20  ARG A CG    1 
ATOM   124  C  CD    . ARG A 1 20  ? 2.140   -0.030  6.560   1.00 51.34  ? 20  ARG A CD    1 
ATOM   125  N  NE    . ARG A 1 20  ? 3.186   -0.051  7.602   1.00 49.88  ? 20  ARG A NE    1 
ATOM   126  C  CZ    . ARG A 1 20  ? 2.962   -0.211  8.911   1.00 49.05  ? 20  ARG A CZ    1 
ATOM   127  N  NH1   . ARG A 1 20  ? 1.736   -0.395  9.359   1.00 46.77  ? 20  ARG A NH1   1 
ATOM   128  N  NH2   . ARG A 1 20  ? 3.969   -0.220  9.775   1.00 48.05  ? 20  ARG A NH2   1 
ATOM   129  N  N     . VAL A 1 21  ? 4.761   -2.939  2.782   1.00 55.33  ? 21  VAL A N     1 
ATOM   130  C  CA    . VAL A 1 21  ? 5.741   -3.870  2.264   1.00 54.86  ? 21  VAL A CA    1 
ATOM   131  C  C     . VAL A 1 21  ? 7.165   -3.375  2.426   1.00 54.94  ? 21  VAL A C     1 
ATOM   132  O  O     . VAL A 1 21  ? 8.070   -4.168  2.655   1.00 55.95  ? 21  VAL A O     1 
ATOM   133  C  CB    . VAL A 1 21  ? 5.398   -4.336  0.835   1.00 55.22  ? 21  VAL A CB    1 
ATOM   134  C  CG1   . VAL A 1 21  ? 6.622   -4.849  0.107   1.00 53.88  ? 21  VAL A CG1   1 
ATOM   135  C  CG2   . VAL A 1 21  ? 4.275   -5.438  0.887   1.00 54.32  ? 21  VAL A CG2   1 
ATOM   136  N  N     . ALA A 1 22  ? 7.386   -2.081  2.338   1.00 54.93  ? 22  ALA A N     1 
ATOM   137  C  CA    . ALA A 1 22  ? 8.738   -1.596  2.533   1.00 55.79  ? 22  ALA A CA    1 
ATOM   138  C  C     . ALA A 1 22  ? 9.215   -1.893  3.958   1.00 56.92  ? 22  ALA A C     1 
ATOM   139  O  O     . ALA A 1 22  ? 10.337  -2.358  4.132   1.00 57.99  ? 22  ALA A O     1 
ATOM   140  C  CB    . ALA A 1 22  ? 8.850   -0.143  2.194   1.00 55.24  ? 22  ALA A CB    1 
ATOM   141  N  N     . ASP A 1 23  ? 8.356   -1.686  4.959   1.00 57.87  ? 23  ASP A N     1 
ATOM   142  C  CA    . ASP A 1 23  ? 8.642   -2.109  6.341   1.00 58.96  ? 23  ASP A CA    1 
ATOM   143  C  C     . ASP A 1 23  ? 8.970   -3.569  6.500   1.00 60.11  ? 23  ASP A C     1 
ATOM   144  O  O     . ASP A 1 23  ? 9.863   -3.910  7.261   1.00 60.67  ? 23  ASP A O     1 
ATOM   145  C  CB    . ASP A 1 23  ? 7.461   -1.834  7.252   1.00 58.45  ? 23  ASP A CB    1 
ATOM   146  C  CG    . ASP A 1 23  ? 7.190   -0.397  7.380   1.00 58.88  ? 23  ASP A CG    1 
ATOM   147  O  OD1   . ASP A 1 23  ? 8.171   0.374   7.308   1.00 58.11  ? 23  ASP A OD1   1 
ATOM   148  O  OD2   . ASP A 1 23  ? 6.005   -0.037  7.550   1.00 60.35  ? 23  ASP A OD2   1 
ATOM   149  N  N     . VAL A 1 24  ? 8.232   -4.442  5.827   1.00 61.69  ? 24  VAL A N     1 
ATOM   150  C  CA    . VAL A 1 24  ? 8.517   -5.858  5.937   1.00 63.50  ? 24  VAL A CA    1 
ATOM   151  C  C     . VAL A 1 24  ? 9.923   -6.070  5.448   1.00 65.69  ? 24  VAL A C     1 
ATOM   152  O  O     . VAL A 1 24  ? 10.693  -6.757  6.085   1.00 66.66  ? 24  VAL A O     1 
ATOM   153  C  CB    . VAL A 1 24  ? 7.542   -6.709  5.142   1.00 63.07  ? 24  VAL A CB    1 
ATOM   154  C  CG1   . VAL A 1 24  ? 8.115   -8.077  4.911   1.00 62.39  ? 24  VAL A CG1   1 
ATOM   155  C  CG2   . VAL A 1 24  ? 6.231   -6.798  5.882   1.00 61.92  ? 24  VAL A CG2   1 
ATOM   156  N  N     . MET A 1 25  ? 10.272  -5.403  4.354   1.00 68.23  ? 25  MET A N     1 
ATOM   157  C  CA    . MET A 1 25  ? 11.498  -5.697  3.617   1.00 70.39  ? 25  MET A CA    1 
ATOM   158  C  C     . MET A 1 25  ? 12.684  -4.903  4.079   1.00 72.60  ? 25  MET A C     1 
ATOM   159  O  O     . MET A 1 25  ? 13.804  -5.233  3.734   1.00 72.38  ? 25  MET A O     1 
ATOM   160  C  CB    . MET A 1 25  ? 11.276  -5.470  2.125   1.00 69.98  ? 25  MET A CB    1 
ATOM   161  C  CG    . MET A 1 25  ? 10.330  -6.492  1.528   1.00 68.70  ? 25  MET A CG    1 
ATOM   162  S  SD    . MET A 1 25  ? 10.243  -6.294  -0.235  1.00 68.55  ? 25  MET A SD    1 
ATOM   163  C  CE    . MET A 1 25  ? 11.772  -7.065  -0.802  1.00 64.81  ? 25  MET A CE    1 
ATOM   164  N  N     . THR A 1 26  ? 12.434  -3.855  4.856   1.00 75.91  ? 26  THR A N     1 
ATOM   165  C  CA    . THR A 1 26  ? 13.491  -2.927  5.305   1.00 78.93  ? 26  THR A CA    1 
ATOM   166  C  C     . THR A 1 26  ? 14.763  -3.605  5.897   1.00 80.53  ? 26  THR A C     1 
ATOM   167  O  O     . THR A 1 26  ? 14.668  -4.578  6.680   1.00 80.25  ? 26  THR A O     1 
ATOM   168  C  CB    . THR A 1 26  ? 12.933  -1.837  6.283   1.00 79.05  ? 26  THR A CB    1 
ATOM   169  O  OG1   . THR A 1 26  ? 13.970  -0.882  6.543   1.00 80.56  ? 26  THR A OG1   1 
ATOM   170  C  CG2   . THR A 1 26  ? 12.438  -2.456  7.624   1.00 78.60  ? 26  THR A CG2   1 
ATOM   171  N  N     . LYS A 1 27  ? 15.933  -3.083  5.493   1.00 82.44  ? 27  LYS A N     1 
ATOM   172  C  CA    . LYS A 1 27  ? 17.262  -3.574  5.937   1.00 84.08  ? 27  LYS A CA    1 
ATOM   173  C  C     . LYS A 1 27  ? 17.584  -3.177  7.402   1.00 85.05  ? 27  LYS A C     1 
ATOM   174  O  O     . LYS A 1 27  ? 18.358  -3.848  8.122   1.00 86.37  ? 27  LYS A O     1 
ATOM   175  C  CB    . LYS A 1 27  ? 18.361  -3.053  4.985   1.00 84.51  ? 27  LYS A CB    1 
ATOM   176  C  CG    . LYS A 1 27  ? 18.595  -1.516  5.008   1.00 85.39  ? 27  LYS A CG    1 
ATOM   177  C  CD    . LYS A 1 27  ? 17.417  -0.754  4.384   1.00 87.04  ? 27  LYS A CD    1 
ATOM   178  C  CE    . LYS A 1 27  ? 17.330  0.651   4.935   1.00 87.61  ? 27  LYS A CE    1 
ATOM   179  N  NZ    . LYS A 1 27  ? 18.494  1.438   4.438   1.00 89.19  ? 27  LYS A NZ    1 
ATOM   180  N  N     . ALA A 1 33  ? 15.677  -4.002  10.035  1.00 75.81  ? 33  ALA A N     1 
ATOM   181  C  CA    . ALA A 1 33  ? 15.378  -2.815  10.840  1.00 76.12  ? 33  ALA A CA    1 
ATOM   182  C  C     . ALA A 1 33  ? 14.213  -2.932  11.868  1.00 75.91  ? 33  ALA A C     1 
ATOM   183  O  O     . ALA A 1 33  ? 13.482  -3.948  11.941  1.00 75.88  ? 33  ALA A O     1 
ATOM   184  C  CB    . ALA A 1 33  ? 15.219  -1.548  9.932   1.00 76.26  ? 33  ALA A CB    1 
ATOM   185  N  N     . ALA A 1 34  ? 14.087  -1.875  12.683  1.00 75.30  ? 34  ALA A N     1 
ATOM   186  C  CA    . ALA A 1 34  ? 13.036  -1.759  13.700  1.00 74.52  ? 34  ALA A CA    1 
ATOM   187  C  C     . ALA A 1 34  ? 11.650  -1.705  13.056  1.00 74.04  ? 34  ALA A C     1 
ATOM   188  O  O     . ALA A 1 34  ? 10.722  -2.327  13.575  1.00 74.75  ? 34  ALA A O     1 
ATOM   189  C  CB    . ALA A 1 34  ? 13.267  -0.529  14.627  1.00 74.01  ? 34  ALA A CB    1 
ATOM   190  N  N     . SER A 1 35  ? 11.502  -0.995  11.929  1.00 72.45  ? 35  SER A N     1 
ATOM   191  C  CA    . SER A 1 35  ? 10.177  -0.836  11.329  1.00 71.03  ? 35  SER A CA    1 
ATOM   192  C  C     . SER A 1 35  ? 9.568   -2.181  10.905  1.00 69.99  ? 35  SER A C     1 
ATOM   193  O  O     . SER A 1 35  ? 8.346   -2.309  10.902  1.00 70.34  ? 35  SER A O     1 
ATOM   194  C  CB    . SER A 1 35  ? 10.156  0.202   10.203  1.00 70.80  ? 35  SER A CB    1 
ATOM   195  O  OG    . SER A 1 35  ? 10.825  -0.285  9.073   1.00 70.98  ? 35  SER A OG    1 
ATOM   196  N  N     . ARG A 1 36  ? 10.410  -3.177  10.609  1.00 68.23  ? 36  ARG A N     1 
ATOM   197  C  CA    . ARG A 1 36  ? 9.952   -4.561  10.410  1.00 66.40  ? 36  ARG A CA    1 
ATOM   198  C  C     . ARG A 1 36  ? 9.319   -5.206  11.646  1.00 66.08  ? 36  ARG A C     1 
ATOM   199  O  O     . ARG A 1 36  ? 8.202   -5.720  11.578  1.00 66.25  ? 36  ARG A O     1 
ATOM   200  C  CB    . ARG A 1 36  ? 11.082  -5.448  9.875   1.00 65.80  ? 36  ARG A CB    1 
ATOM   201  C  CG    . ARG A 1 36  ? 10.622  -6.832  9.453   1.00 63.32  ? 36  ARG A CG    1 
ATOM   202  C  CD    . ARG A 1 36  ? 11.795  -7.655  8.988   1.00 60.86  ? 36  ARG A CD    1 
ATOM   203  N  NE    . ARG A 1 36  ? 11.405  -8.867  8.265   1.00 60.14  ? 36  ARG A NE    1 
ATOM   204  C  CZ    . ARG A 1 36  ? 11.198  -10.070 8.824   1.00 60.07  ? 36  ARG A CZ    1 
ATOM   205  N  NH1   . ARG A 1 36  ? 10.838  -11.114 8.081   1.00 58.61  ? 36  ARG A NH1   1 
ATOM   206  N  NH2   . ARG A 1 36  ? 11.313  -10.241 10.136  1.00 60.37  ? 36  ARG A NH2   1 
ATOM   207  N  N     . GLN A 1 37  ? 10.020  -5.193  12.775  1.00 65.70  ? 37  GLN A N     1 
ATOM   208  C  CA    . GLN A 1 37  ? 9.498   -5.858  13.986  1.00 65.47  ? 37  GLN A CA    1 
ATOM   209  C  C     . GLN A 1 37  ? 8.372   -5.060  14.586  1.00 64.79  ? 37  GLN A C     1 
ATOM   210  O  O     . GLN A 1 37  ? 7.483   -5.617  15.225  1.00 64.67  ? 37  GLN A O     1 
ATOM   211  C  CB    . GLN A 1 37  ? 10.596  -6.117  15.034  1.00 65.69  ? 37  GLN A CB    1 
ATOM   212  C  CG    . GLN A 1 37  ? 11.788  -6.925  14.500  1.00 69.28  ? 37  GLN A CG    1 
ATOM   213  C  CD    . GLN A 1 37  ? 11.371  -8.153  13.604  1.00 74.41  ? 37  GLN A CD    1 
ATOM   214  O  OE1   . GLN A 1 37  ? 10.587  -9.031  14.037  1.00 75.95  ? 37  GLN A OE1   1 
ATOM   215  N  NE2   . GLN A 1 37  ? 11.917  -8.213  12.364  1.00 73.58  ? 37  GLN A NE2   1 
ATOM   216  N  N     . ASN A 1 38  ? 8.420   -3.745  14.373  1.00 64.51  ? 38  ASN A N     1 
ATOM   217  C  CA    . ASN A 1 38  ? 7.355   -2.855  14.799  1.00 64.55  ? 38  ASN A CA    1 
ATOM   218  C  C     . ASN A 1 38  ? 6.103   -3.197  14.041  1.00 63.55  ? 38  ASN A C     1 
ATOM   219  O  O     . ASN A 1 38  ? 5.005   -3.176  14.594  1.00 64.11  ? 38  ASN A O     1 
ATOM   220  C  CB    . ASN A 1 38  ? 7.713   -1.386  14.545  1.00 65.20  ? 38  ASN A CB    1 
ATOM   221  C  CG    . ASN A 1 38  ? 8.776   -0.874  15.506  1.00 67.71  ? 38  ASN A CG    1 
ATOM   222  O  OD1   . ASN A 1 38  ? 8.655   -1.038  16.721  1.00 68.90  ? 38  ASN A OD1   1 
ATOM   223  N  ND2   . ASN A 1 38  ? 9.835   -0.266  14.964  1.00 69.57  ? 38  ASN A ND2   1 
ATOM   224  N  N     . TYR A 1 39  ? 6.268   -3.498  12.762  1.00 61.89  ? 39  TYR A N     1 
ATOM   225  C  CA    . TYR A 1 39  ? 5.134   -3.817  11.943  1.00 60.76  ? 39  TYR A CA    1 
ATOM   226  C  C     . TYR A 1 39  ? 4.628   -5.192  12.377  1.00 59.94  ? 39  TYR A C     1 
ATOM   227  O  O     . TYR A 1 39  ? 3.429   -5.393  12.618  1.00 59.46  ? 39  TYR A O     1 
ATOM   228  C  CB    . TYR A 1 39  ? 5.517   -3.764  10.461  1.00 60.39  ? 39  TYR A CB    1 
ATOM   229  C  CG    . TYR A 1 39  ? 4.365   -4.034  9.545   1.00 59.36  ? 39  TYR A CG    1 
ATOM   230  C  CD1   . TYR A 1 39  ? 3.114   -3.482  9.817   1.00 59.13  ? 39  TYR A CD1   1 
ATOM   231  C  CD2   . TYR A 1 39  ? 4.517   -4.826  8.390   1.00 58.96  ? 39  TYR A CD2   1 
ATOM   232  C  CE1   . TYR A 1 39  ? 2.025   -3.714  8.990   1.00 58.45  ? 39  TYR A CE1   1 
ATOM   233  C  CE2   . TYR A 1 39  ? 3.419   -5.071  7.547   1.00 59.64  ? 39  TYR A CE2   1 
ATOM   234  C  CZ    . TYR A 1 39  ? 2.175   -4.504  7.871   1.00 58.95  ? 39  TYR A CZ    1 
ATOM   235  O  OH    . TYR A 1 39  ? 1.068   -4.681  7.091   1.00 59.86  ? 39  TYR A OH    1 
ATOM   236  N  N     . MET A 1 40  ? 5.555   -6.118  12.546  1.00 59.07  ? 40  MET A N     1 
ATOM   237  C  CA    . MET A 1 40  ? 5.177   -7.428  13.012  1.00 59.42  ? 40  MET A CA    1 
ATOM   238  C  C     . MET A 1 40  ? 4.331   -7.378  14.306  1.00 59.55  ? 40  MET A C     1 
ATOM   239  O  O     . MET A 1 40  ? 3.202   -7.906  14.349  1.00 60.05  ? 40  MET A O     1 
ATOM   240  C  CB    . MET A 1 40  ? 6.420   -8.278  13.149  1.00 59.12  ? 40  MET A CB    1 
ATOM   241  C  CG    . MET A 1 40  ? 6.233   -9.486  13.980  1.00 59.49  ? 40  MET A CG    1 
ATOM   242  S  SD    . MET A 1 40  ? 6.642   -10.988 13.122  1.00 60.52  ? 40  MET A SD    1 
ATOM   243  C  CE    . MET A 1 40  ? 7.956   -10.546 11.998  1.00 61.75  ? 40  MET A CE    1 
ATOM   244  N  N     . ALA A 1 41  ? 4.860   -6.717  15.336  1.00 59.59  ? 41  ALA A N     1 
ATOM   245  C  CA    . ALA A 1 41  ? 4.127   -6.495  16.596  1.00 59.50  ? 41  ALA A CA    1 
ATOM   246  C  C     . ALA A 1 41  ? 2.709   -5.999  16.315  1.00 59.55  ? 41  ALA A C     1 
ATOM   247  O  O     . ALA A 1 41  ? 1.753   -6.517  16.891  1.00 59.89  ? 41  ALA A O     1 
ATOM   248  C  CB    . ALA A 1 41  ? 4.886   -5.515  17.513  1.00 58.82  ? 41  ALA A CB    1 
ATOM   249  N  N     . GLU A 1 42  ? 2.553   -5.038  15.404  1.00 59.48  ? 42  GLU A N     1 
ATOM   250  C  CA    . GLU A 1 42  ? 1.228   -4.485  15.151  1.00 60.26  ? 42  GLU A CA    1 
ATOM   251  C  C     . GLU A 1 42  ? 0.311   -5.590  14.706  1.00 60.93  ? 42  GLU A C     1 
ATOM   252  O  O     . GLU A 1 42  ? -0.815  -5.726  15.225  1.00 61.71  ? 42  GLU A O     1 
ATOM   253  C  CB    . GLU A 1 42  ? 1.229   -3.423  14.066  1.00 60.28  ? 42  GLU A CB    1 
ATOM   254  C  CG    . GLU A 1 42  ? 1.869   -2.083  14.407  1.00 61.33  ? 42  GLU A CG    1 
ATOM   255  C  CD    . GLU A 1 42  ? 1.817   -1.157  13.201  1.00 62.73  ? 42  GLU A CD    1 
ATOM   256  O  OE1   . GLU A 1 42  ? 2.865   -0.546  12.861  1.00 62.72  ? 42  GLU A OE1   1 
ATOM   257  O  OE2   . GLU A 1 42  ? 0.721   -1.078  12.585  1.00 59.98  ? 42  GLU A OE2   1 
ATOM   258  N  N     . LEU A 1 43  ? 0.794   -6.382  13.749  1.00 60.66  ? 43  LEU A N     1 
ATOM   259  C  CA    . LEU A 1 43  ? -0.038  -7.390  13.136  1.00 60.71  ? 43  LEU A CA    1 
ATOM   260  C  C     . LEU A 1 43  ? -0.332  -8.509  14.124  1.00 61.11  ? 43  LEU A C     1 
ATOM   261  O  O     . LEU A 1 43  ? -1.456  -9.022  14.162  1.00 61.08  ? 43  LEU A O     1 
ATOM   262  C  CB    . LEU A 1 43  ? 0.609   -7.927  11.868  1.00 60.42  ? 43  LEU A CB    1 
ATOM   263  C  CG    . LEU A 1 43  ? 0.723   -6.910  10.738  1.00 60.37  ? 43  LEU A CG    1 
ATOM   264  C  CD1   . LEU A 1 43  ? 1.210   -7.608  9.484   1.00 59.36  ? 43  LEU A CD1   1 
ATOM   265  C  CD2   . LEU A 1 43  ? -0.613  -6.165  10.484  1.00 61.20  ? 43  LEU A CD2   1 
ATOM   266  N  N     . ILE A 1 44  ? 0.658   -8.874  14.936  1.00 60.93  ? 44  ILE A N     1 
ATOM   267  C  CA    . ILE A 1 44  ? 0.412   -9.842  15.993  1.00 61.01  ? 44  ILE A CA    1 
ATOM   268  C  C     . ILE A 1 44  ? -0.734  -9.371  16.905  1.00 61.90  ? 44  ILE A C     1 
ATOM   269  O  O     . ILE A 1 44  ? -1.735  -10.085 17.061  1.00 62.63  ? 44  ILE A O     1 
ATOM   270  C  CB    . ILE A 1 44  ? 1.665   -10.100 16.796  1.00 60.97  ? 44  ILE A CB    1 
ATOM   271  C  CG1   . ILE A 1 44  ? 2.804   -10.452 15.826  1.00 58.81  ? 44  ILE A CG1   1 
ATOM   272  C  CG2   . ILE A 1 44  ? 1.378   -11.159 17.881  1.00 60.68  ? 44  ILE A CG2   1 
ATOM   273  C  CD1   . ILE A 1 44  ? 3.984   -11.085 16.435  1.00 53.68  ? 44  ILE A CD1   1 
ATOM   274  N  N     . CYS A 1 45  ? -0.612  -8.162  17.456  1.00 61.49  ? 45  CYS A N     1 
ATOM   275  C  CA    . CYS A 1 45  ? -1.681  -7.535  18.222  1.00 61.65  ? 45  CYS A CA    1 
ATOM   276  C  C     . CYS A 1 45  ? -3.025  -7.470  17.539  1.00 61.56  ? 45  CYS A C     1 
ATOM   277  O  O     . CYS A 1 45  ? -4.062  -7.677  18.172  1.00 61.98  ? 45  CYS A O     1 
ATOM   278  C  CB    . CYS A 1 45  ? -1.291  -6.121  18.581  1.00 61.72  ? 45  CYS A CB    1 
ATOM   279  S  SG    . CYS A 1 45  ? 0.069   -6.140  19.686  1.00 64.72  ? 45  CYS A SG    1 
ATOM   280  N  N     . GLN A 1 46  ? -3.035  -7.156  16.256  1.00 61.23  ? 46  GLN A N     1 
ATOM   281  C  CA    . GLN A 1 46  ? -4.309  -7.075  15.565  1.00 61.24  ? 46  GLN A CA    1 
ATOM   282  C  C     . GLN A 1 46  ? -4.999  -8.425  15.558  1.00 61.68  ? 46  GLN A C     1 
ATOM   283  O  O     . GLN A 1 46  ? -6.207  -8.496  15.803  1.00 61.56  ? 46  GLN A O     1 
ATOM   284  C  CB    . GLN A 1 46  ? -4.130  -6.608  14.141  1.00 61.16  ? 46  GLN A CB    1 
ATOM   285  C  CG    . GLN A 1 46  ? -3.958  -5.144  14.019  1.00 59.92  ? 46  GLN A CG    1 
ATOM   286  C  CD    . GLN A 1 46  ? -3.745  -4.714  12.590  1.00 59.48  ? 46  GLN A CD    1 
ATOM   287  O  OE1   . GLN A 1 46  ? -3.897  -5.493  11.631  1.00 58.27  ? 46  GLN A OE1   1 
ATOM   288  N  NE2   . GLN A 1 46  ? -3.393  -3.460  12.432  1.00 58.16  ? 46  GLN A NE2   1 
ATOM   289  N  N     . ARG A 1 47  ? -4.222  -9.478  15.279  1.00 61.74  ? 47  ARG A N     1 
ATOM   290  C  CA    . ARG A 1 47  ? -4.732  -10.841 15.249  1.00 62.06  ? 47  ARG A CA    1 
ATOM   291  C  C     . ARG A 1 47  ? -5.143  -11.287 16.631  1.00 63.27  ? 47  ARG A C     1 
ATOM   292  O  O     . ARG A 1 47  ? -6.230  -11.827 16.796  1.00 63.92  ? 47  ARG A O     1 
ATOM   293  C  CB    . ARG A 1 47  ? -3.726  -11.829 14.665  1.00 61.29  ? 47  ARG A CB    1 
ATOM   294  C  CG    . ARG A 1 47  ? -3.658  -11.793 13.166  1.00 61.13  ? 47  ARG A CG    1 
ATOM   295  C  CD    . ARG A 1 47  ? -2.662  -12.764 12.638  1.00 60.12  ? 47  ARG A CD    1 
ATOM   296  N  NE    . ARG A 1 47  ? -2.281  -12.470 11.254  1.00 59.79  ? 47  ARG A NE    1 
ATOM   297  C  CZ    . ARG A 1 47  ? -1.921  -13.390 10.348  1.00 57.32  ? 47  ARG A CZ    1 
ATOM   298  N  NH1   . ARG A 1 47  ? -1.910  -14.688 10.654  1.00 56.63  ? 47  ARG A NH1   1 
ATOM   299  N  NH2   . ARG A 1 47  ? -1.585  -13.011 9.120   1.00 54.32  ? 47  ARG A NH2   1 
ATOM   300  N  N     . LEU A 1 48  ? -4.304  -11.058 17.634  1.00 64.31  ? 48  LEU A N     1 
ATOM   301  C  CA    . LEU A 1 48  ? -4.615  -11.571 18.956  1.00 65.44  ? 48  LEU A CA    1 
ATOM   302  C  C     . LEU A 1 48  ? -5.733  -10.811 19.638  1.00 66.61  ? 48  LEU A C     1 
ATOM   303  O  O     . LEU A 1 48  ? -6.535  -11.411 20.333  1.00 66.78  ? 48  LEU A O     1 
ATOM   304  C  CB    . LEU A 1 48  ? -3.387  -11.578 19.851  1.00 65.69  ? 48  LEU A CB    1 
ATOM   305  C  CG    . LEU A 1 48  ? -2.349  -12.660 19.592  1.00 64.51  ? 48  LEU A CG    1 
ATOM   306  C  CD1   . LEU A 1 48  ? -1.095  -12.276 20.323  1.00 62.56  ? 48  LEU A CD1   1 
ATOM   307  C  CD2   . LEU A 1 48  ? -2.861  -14.028 20.044  1.00 62.85  ? 48  LEU A CD2   1 
ATOM   308  N  N     . THR A 1 49  ? -5.788  -9.498  19.458  1.00 67.90  ? 49  THR A N     1 
ATOM   309  C  CA    . THR A 1 49  ? -6.808  -8.711  20.152  1.00 68.87  ? 49  THR A CA    1 
ATOM   310  C  C     . THR A 1 49  ? -8.098  -8.655  19.347  1.00 70.57  ? 49  THR A C     1 
ATOM   311  O  O     . THR A 1 49  ? -9.160  -8.366  19.898  1.00 70.99  ? 49  THR A O     1 
ATOM   312  C  CB    . THR A 1 49  ? -6.369  -7.273  20.381  1.00 68.49  ? 49  THR A CB    1 
ATOM   313  O  OG1   . THR A 1 49  ? -6.282  -6.619  19.105  1.00 67.93  ? 49  THR A OG1   1 
ATOM   314  C  CG2   . THR A 1 49  ? -5.028  -7.214  21.139  1.00 66.66  ? 49  THR A CG2   1 
ATOM   315  N  N     . GLY A 1 50  ? -8.007  -8.906  18.047  1.00 71.93  ? 50  GLY A N     1 
ATOM   316  C  CA    . GLY A 1 50  ? -9.148  -8.790  17.194  1.00 73.60  ? 50  GLY A CA    1 
ATOM   317  C  C     . GLY A 1 50  ? -9.482  -7.362  16.803  1.00 75.72  ? 50  GLY A C     1 
ATOM   318  O  O     . GLY A 1 50  ? -10.566 -7.139  16.286  1.00 76.14  ? 50  GLY A O     1 
ATOM   319  N  N     . THR A 1 51  ? -8.601  -6.382  17.055  1.00 77.67  ? 51  THR A N     1 
ATOM   320  C  CA    . THR A 1 51  ? -8.674  -5.070  16.328  1.00 79.66  ? 51  THR A CA    1 
ATOM   321  C  C     . THR A 1 51  ? -7.412  -4.232  16.233  1.00 81.29  ? 51  THR A C     1 
ATOM   322  O  O     . THR A 1 51  ? -6.401  -4.480  16.910  1.00 81.25  ? 51  THR A O     1 
ATOM   323  C  CB    . THR A 1 51  ? -9.750  -4.068  16.827  1.00 79.72  ? 51  THR A CB    1 
ATOM   324  O  OG1   . THR A 1 51  ? -9.989  -4.272  18.223  1.00 78.91  ? 51  THR A OG1   1 
ATOM   325  C  CG2   . THR A 1 51  ? -11.055 -4.109  15.950  1.00 78.78  ? 51  THR A CG2   1 
ATOM   326  N  N     . GLN A 1 52  ? -7.529  -3.209  15.380  1.00 83.44  ? 52  GLN A N     1 
ATOM   327  C  CA    . GLN A 1 52  ? -6.457  -2.260  15.103  1.00 85.75  ? 52  GLN A CA    1 
ATOM   328  C  C     . GLN A 1 52  ? -6.491  -1.097  16.086  1.00 86.60  ? 52  GLN A C     1 
ATOM   329  O  O     . GLN A 1 52  ? -7.484  -0.900  16.776  1.00 86.84  ? 52  GLN A O     1 
ATOM   330  C  CB    . GLN A 1 52  ? -6.522  -1.735  13.652  1.00 85.92  ? 52  GLN A CB    1 
ATOM   331  C  CG    . GLN A 1 52  ? -7.925  -1.594  13.023  1.00 88.35  ? 52  GLN A CG    1 
ATOM   332  C  CD    . GLN A 1 52  ? -8.176  -2.580  11.846  1.00 92.12  ? 52  GLN A CD    1 
ATOM   333  O  OE1   . GLN A 1 52  ? -9.268  -3.147  11.727  1.00 93.48  ? 52  GLN A OE1   1 
ATOM   334  N  NE2   . GLN A 1 52  ? -7.163  -2.779  10.981  1.00 92.17  ? 52  GLN A NE2   1 
ATOM   335  N  N     . GLU A 1 53  ? -5.383  -0.356  16.145  1.00 87.81  ? 53  GLU A N     1 
ATOM   336  C  CA    . GLU A 1 53  ? -5.274  0.922   16.857  1.00 88.58  ? 53  GLU A CA    1 
ATOM   337  C  C     . GLU A 1 53  ? -5.622  2.079   15.929  1.00 89.30  ? 53  GLU A C     1 
ATOM   338  O  O     . GLU A 1 53  ? -5.806  1.871   14.723  1.00 89.63  ? 53  GLU A O     1 
ATOM   339  C  CB    . GLU A 1 53  ? -3.854  1.089   17.394  1.00 88.52  ? 53  GLU A CB    1 
ATOM   340  C  CG    . GLU A 1 53  ? -3.552  0.133   18.505  1.00 88.80  ? 53  GLU A CG    1 
ATOM   341  C  CD    . GLU A 1 53  ? -4.490  0.335   19.666  1.00 89.93  ? 53  GLU A CD    1 
ATOM   342  O  OE1   . GLU A 1 53  ? -4.040  0.914   20.668  1.00 90.19  ? 53  GLU A OE1   1 
ATOM   343  O  OE2   . GLU A 1 53  ? -5.680  -0.041  19.570  1.00 90.15  ? 53  GLU A OE2   1 
ATOM   344  N  N     . ILE A 1 54  ? -5.694  3.296   16.472  1.00 89.86  ? 54  ILE A N     1 
ATOM   345  C  CA    . ILE A 1 54  ? -6.153  4.435   15.677  1.00 89.95  ? 54  ILE A CA    1 
ATOM   346  C  C     . ILE A 1 54  ? -5.262  5.634   15.913  1.00 90.32  ? 54  ILE A C     1 
ATOM   347  O  O     . ILE A 1 54  ? -4.180  5.708   15.342  1.00 90.74  ? 54  ILE A O     1 
ATOM   348  C  CB    . ILE A 1 54  ? -7.622  4.796   15.992  1.00 90.05  ? 54  ILE A CB    1 
ATOM   349  C  CG1   . ILE A 1 54  ? -8.171  3.958   17.182  1.00 89.47  ? 54  ILE A CG1   1 
ATOM   350  C  CG2   . ILE A 1 54  ? -8.470  4.706   14.692  1.00 89.23  ? 54  ILE A CG2   1 
ATOM   351  C  CD1   . ILE A 1 54  ? -7.432  4.133   18.566  1.00 87.47  ? 54  ILE A CD1   1 
ATOM   352  N  N     . SER A 1 57  ? -3.326  10.257  13.192  1.00 90.48  ? 57  SER A N     1 
ATOM   353  C  CA    . SER A 1 57  ? -3.616  10.918  11.915  1.00 90.79  ? 57  SER A CA    1 
ATOM   354  C  C     . SER A 1 57  ? -3.660  12.456  11.966  1.00 91.18  ? 57  SER A C     1 
ATOM   355  O  O     . SER A 1 57  ? -4.708  13.051  12.248  1.00 91.21  ? 57  SER A O     1 
ATOM   356  C  CB    . SER A 1 57  ? -4.931  10.413  11.322  1.00 90.70  ? 57  SER A CB    1 
ATOM   357  O  OG    . SER A 1 57  ? -5.483  11.391  10.453  1.00 89.20  ? 57  SER A OG    1 
ATOM   358  N  N     . ASN A 1 58  ? -2.520  13.074  11.649  1.00 91.48  ? 58  ASN A N     1 
ATOM   359  C  CA    . ASN A 1 58  ? -2.346  14.542  11.488  1.00 91.51  ? 58  ASN A CA    1 
ATOM   360  C  C     . ASN A 1 58  ? -3.255  15.193  10.431  1.00 91.38  ? 58  ASN A C     1 
ATOM   361  O  O     . ASN A 1 58  ? -3.945  14.492  9.674   1.00 91.52  ? 58  ASN A O     1 
ATOM   362  C  CB    . ASN A 1 58  ? -0.882  14.826  11.123  1.00 91.50  ? 58  ASN A CB    1 
ATOM   363  C  CG    . ASN A 1 58  ? -0.323  13.798  10.128  1.00 92.09  ? 58  ASN A CG    1 
ATOM   364  O  OD1   . ASN A 1 58  ? -1.076  13.105  9.453   1.00 92.72  ? 58  ASN A OD1   1 
ATOM   365  N  ND2   . ASN A 1 58  ? 0.993   13.692  10.053  1.00 92.56  ? 58  ASN A ND2   1 
ATOM   366  N  N     . ALA A 1 59  ? -3.234  16.530  10.373  1.00 91.19  ? 59  ALA A N     1 
ATOM   367  C  CA    . ALA A 1 59  ? -4.048  17.306  9.414   1.00 90.85  ? 59  ALA A CA    1 
ATOM   368  C  C     . ALA A 1 59  ? -3.449  17.323  8.003   1.00 90.56  ? 59  ALA A C     1 
ATOM   369  O  O     . ALA A 1 59  ? -4.105  17.763  7.049   1.00 90.56  ? 59  ALA A O     1 
ATOM   370  C  CB    . ALA A 1 59  ? -4.309  18.742  9.927   1.00 90.78  ? 59  ALA A CB    1 
ATOM   371  N  N     . ALA A 1 60  ? -2.202  16.856  7.885   1.00 90.08  ? 60  ALA A N     1 
ATOM   372  C  CA    . ALA A 1 60  ? -1.593  16.580  6.584   1.00 89.78  ? 60  ALA A CA    1 
ATOM   373  C  C     . ALA A 1 60  ? -2.272  15.361  5.944   1.00 89.55  ? 60  ALA A C     1 
ATOM   374  O  O     . ALA A 1 60  ? -2.683  15.433  4.781   1.00 89.99  ? 60  ALA A O     1 
ATOM   375  C  CB    . ALA A 1 60  ? -0.073  16.375  6.698   1.00 89.52  ? 60  ALA A CB    1 
ATOM   376  N  N     . MET A 1 61  ? -2.402  14.262  6.700   1.00 88.91  ? 61  MET A N     1 
ATOM   377  C  CA    . MET A 1 61  ? -3.108  13.072  6.237   1.00 88.21  ? 61  MET A CA    1 
ATOM   378  C  C     . MET A 1 61  ? -4.556  13.378  5.987   1.00 87.42  ? 61  MET A C     1 
ATOM   379  O  O     . MET A 1 61  ? -5.097  13.041  4.940   1.00 87.35  ? 61  MET A O     1 
ATOM   380  C  CB    . MET A 1 61  ? -3.013  11.943  7.242   1.00 88.61  ? 61  MET A CB    1 
ATOM   381  C  CG    . MET A 1 61  ? -1.752  11.165  7.104   1.00 90.29  ? 61  MET A CG    1 
ATOM   382  S  SD    . MET A 1 61  ? -1.351  10.415  8.685   1.00 96.63  ? 61  MET A SD    1 
ATOM   383  C  CE    . MET A 1 61  ? 0.453   10.286  8.542   1.00 93.33  ? 61  MET A CE    1 
ATOM   384  N  N     . GLN A 1 62  ? -5.199  14.025  6.940   1.00 86.36  ? 62  GLN A N     1 
ATOM   385  C  CA    . GLN A 1 62  ? -6.603  14.306  6.756   1.00 85.95  ? 62  GLN A CA    1 
ATOM   386  C  C     . GLN A 1 62  ? -6.825  15.132  5.498   1.00 84.90  ? 62  GLN A C     1 
ATOM   387  O  O     . GLN A 1 62  ? -7.746  14.860  4.726   1.00 84.79  ? 62  GLN A O     1 
ATOM   388  C  CB    . GLN A 1 62  ? -7.165  15.036  7.956   1.00 86.36  ? 62  GLN A CB    1 
ATOM   389  C  CG    . GLN A 1 62  ? -7.112  14.247  9.250   1.00 88.37  ? 62  GLN A CG    1 
ATOM   390  C  CD    . GLN A 1 62  ? -7.300  15.159  10.438  1.00 89.87  ? 62  GLN A CD    1 
ATOM   391  O  OE1   . GLN A 1 62  ? -6.383  15.886  10.840  1.00 90.82  ? 62  GLN A OE1   1 
ATOM   392  N  NE2   . GLN A 1 62  ? -8.504  15.154  10.989  1.00 90.12  ? 62  GLN A NE2   1 
ATOM   393  N  N     . ARG A 1 63  ? -5.976  16.133  5.292   1.00 83.56  ? 63  ARG A N     1 
ATOM   394  C  CA    . ARG A 1 63  ? -6.137  17.040  4.166   1.00 82.23  ? 63  ARG A CA    1 
ATOM   395  C  C     . ARG A 1 63  ? -5.870  16.302  2.865   1.00 81.32  ? 63  ARG A C     1 
ATOM   396  O  O     . ARG A 1 63  ? -6.585  16.517  1.879   1.00 81.66  ? 63  ARG A O     1 
ATOM   397  C  CB    . ARG A 1 63  ? -5.205  18.242  4.299   1.00 82.54  ? 63  ARG A CB    1 
ATOM   398  C  CG    . ARG A 1 63  ? -5.364  19.284  3.205   1.00 82.47  ? 63  ARG A CG    1 
ATOM   399  C  CD    . ARG A 1 63  ? -4.017  19.883  2.851   1.00 83.47  ? 63  ARG A CD    1 
ATOM   400  N  NE    . ARG A 1 63  ? -3.919  20.171  1.417   1.00 84.96  ? 63  ARG A NE    1 
ATOM   401  C  CZ    . ARG A 1 63  ? -3.469  19.317  0.490   1.00 84.61  ? 63  ARG A CZ    1 
ATOM   402  N  NH1   . ARG A 1 63  ? -3.434  19.711  -0.771  1.00 84.65  ? 63  ARG A NH1   1 
ATOM   403  N  NH2   . ARG A 1 63  ? -3.052  18.086  0.805   1.00 82.20  ? 63  ARG A NH2   1 
ATOM   404  N  N     . GLY A 1 64  ? -4.857  15.431  2.873   1.00 79.60  ? 64  GLY A N     1 
ATOM   405  C  CA    . GLY A 1 64  ? -4.469  14.655  1.703   1.00 77.89  ? 64  GLY A CA    1 
ATOM   406  C  C     . GLY A 1 64  ? -5.524  13.658  1.265   1.00 77.05  ? 64  GLY A C     1 
ATOM   407  O  O     . GLY A 1 64  ? -5.656  13.355  0.078   1.00 77.04  ? 64  GLY A O     1 
ATOM   408  N  N     . THR A 1 65  ? -6.273  13.142  2.237   1.00 76.30  ? 65  THR A N     1 
ATOM   409  C  CA    . THR A 1 65  ? -7.438  12.285  1.982   1.00 75.27  ? 65  THR A CA    1 
ATOM   410  C  C     . THR A 1 65  ? -8.552  13.029  1.247   1.00 74.34  ? 65  THR A C     1 
ATOM   411  O  O     . THR A 1 65  ? -9.098  12.491  0.293   1.00 74.35  ? 65  THR A O     1 
ATOM   412  C  CB    . THR A 1 65  ? -7.988  11.670  3.287   1.00 75.29  ? 65  THR A CB    1 
ATOM   413  O  OG1   . THR A 1 65  ? -6.939  10.966  3.950   1.00 75.68  ? 65  THR A OG1   1 
ATOM   414  C  CG2   . THR A 1 65  ? -9.097  10.689  3.000   1.00 75.08  ? 65  THR A CG2   1 
ATOM   415  N  N     . GLU A 1 66  ? -8.863  14.256  1.678   1.00 73.36  ? 66  GLU A N     1 
ATOM   416  C  CA    . GLU A 1 66  ? -9.882  15.100  1.017   1.00 72.72  ? 66  GLU A CA    1 
ATOM   417  C  C     . GLU A 1 66  ? -9.530  15.351  -0.436  1.00 71.20  ? 66  GLU A C     1 
ATOM   418  O  O     . GLU A 1 66  ? -10.409 15.415  -1.297  1.00 71.12  ? 66  GLU A O     1 
ATOM   419  C  CB    . GLU A 1 66  ? -10.033 16.485  1.671   1.00 73.24  ? 66  GLU A CB    1 
ATOM   420  C  CG    . GLU A 1 66  ? -9.671  16.612  3.154   1.00 77.63  ? 66  GLU A CG    1 
ATOM   421  C  CD    . GLU A 1 66  ? -10.814 16.237  4.107   1.00 82.44  ? 66  GLU A CD    1 
ATOM   422  O  OE1   . GLU A 1 66  ? -11.141 17.049  5.015   1.00 82.92  ? 66  GLU A OE1   1 
ATOM   423  O  OE2   . GLU A 1 66  ? -11.381 15.127  3.951   1.00 84.53  ? 66  GLU A OE2   1 
ATOM   424  N  N     . LEU A 1 67  ? -8.233  15.524  -0.689  1.00 69.42  ? 67  LEU A N     1 
ATOM   425  C  CA    . LEU A 1 67  ? -7.763  15.955  -1.988  1.00 67.32  ? 67  LEU A CA    1 
ATOM   426  C  C     . LEU A 1 67  ? -7.693  14.780  -2.944  1.00 66.43  ? 67  LEU A C     1 
ATOM   427  O  O     . LEU A 1 67  ? -7.689  14.971  -4.144  1.00 66.06  ? 67  LEU A O     1 
ATOM   428  C  CB    . LEU A 1 67  ? -6.412  16.668  -1.862  1.00 67.06  ? 67  LEU A CB    1 
ATOM   429  C  CG    . LEU A 1 67  ? -5.902  17.453  -3.074  1.00 66.42  ? 67  LEU A CG    1 
ATOM   430  C  CD1   . LEU A 1 67  ? -6.735  18.667  -3.357  1.00 64.48  ? 67  LEU A CD1   1 
ATOM   431  C  CD2   . LEU A 1 67  ? -4.479  17.874  -2.869  1.00 66.41  ? 67  LEU A CD2   1 
ATOM   432  N  N     . GLU A 1 68  ? -7.662  13.566  -2.415  1.00 65.34  ? 68  GLU A N     1 
ATOM   433  C  CA    . GLU A 1 68  ? -7.590  12.393  -3.266  1.00 65.10  ? 68  GLU A CA    1 
ATOM   434  C  C     . GLU A 1 68  ? -8.603  12.379  -4.432  1.00 64.11  ? 68  GLU A C     1 
ATOM   435  O  O     . GLU A 1 68  ? -8.210  12.163  -5.574  1.00 64.05  ? 68  GLU A O     1 
ATOM   436  C  CB    . GLU A 1 68  ? -7.679  11.115  -2.444  1.00 65.33  ? 68  GLU A CB    1 
ATOM   437  C  CG    . GLU A 1 68  ? -7.217  9.903   -3.206  1.00 67.58  ? 68  GLU A CG    1 
ATOM   438  C  CD    . GLU A 1 68  ? -7.750  8.585   -2.617  1.00 72.68  ? 68  GLU A CD    1 
ATOM   439  O  OE1   . GLU A 1 68  ? -7.211  8.141   -1.563  1.00 75.85  ? 68  GLU A OE1   1 
ATOM   440  O  OE2   . GLU A 1 68  ? -8.693  7.985   -3.215  1.00 71.75  ? 68  GLU A OE2   1 
ATOM   441  N  N     . PRO A 1 69  ? -9.907  12.601  -4.161  1.00 63.64  ? 69  PRO A N     1 
ATOM   442  C  CA    . PRO A 1 69  ? -10.810 12.667  -5.326  1.00 62.67  ? 69  PRO A CA    1 
ATOM   443  C  C     . PRO A 1 69  ? -10.457 13.762  -6.341  1.00 62.38  ? 69  PRO A C     1 
ATOM   444  O  O     . PRO A 1 69  ? -10.674 13.554  -7.537  1.00 62.79  ? 69  PRO A O     1 
ATOM   445  C  CB    . PRO A 1 69  ? -12.194 12.911  -4.715  1.00 62.04  ? 69  PRO A CB    1 
ATOM   446  C  CG    . PRO A 1 69  ? -11.988 13.091  -3.277  1.00 62.62  ? 69  PRO A CG    1 
ATOM   447  C  CD    . PRO A 1 69  ? -10.665 12.499  -2.902  1.00 63.29  ? 69  PRO A CD    1 
ATOM   448  N  N     . HIS A 1 70  ? -9.904  14.899  -5.904  1.00 61.94  ? 70  HIS A N     1 
ATOM   449  C  CA    . HIS A 1 70  ? -9.473  15.929  -6.873  1.00 61.30  ? 70  HIS A CA    1 
ATOM   450  C  C     . HIS A 1 70  ? -8.412  15.330  -7.776  1.00 60.42  ? 70  HIS A C     1 
ATOM   451  O  O     . HIS A 1 70  ? -8.450  15.540  -8.985  1.00 60.81  ? 70  HIS A O     1 
ATOM   452  C  CB    . HIS A 1 70  ? -8.917  17.220  -6.248  1.00 61.44  ? 70  HIS A CB    1 
ATOM   453  C  CG    . HIS A 1 70  ? -9.817  17.890  -5.248  1.00 63.87  ? 70  HIS A CG    1 
ATOM   454  N  ND1   . HIS A 1 70  ? -10.426 17.214  -4.197  1.00 64.89  ? 70  HIS A ND1   1 
ATOM   455  C  CD2   . HIS A 1 70  ? -10.147 19.201  -5.095  1.00 64.84  ? 70  HIS A CD2   1 
ATOM   456  C  CE1   . HIS A 1 70  ? -11.121 18.071  -3.467  1.00 66.50  ? 70  HIS A CE1   1 
ATOM   457  N  NE2   . HIS A 1 70  ? -10.965 19.284  -3.986  1.00 68.04  ? 70  HIS A NE2   1 
ATOM   458  N  N     . ALA A 1 71  ? -7.484  14.568  -7.199  1.00 59.17  ? 71  ALA A N     1 
ATOM   459  C  CA    . ALA A 1 71  ? -6.416  13.917  -7.964  1.00 58.57  ? 71  ALA A CA    1 
ATOM   460  C  C     . ALA A 1 71  ? -6.972  12.891  -8.960  1.00 58.18  ? 71  ALA A C     1 
ATOM   461  O  O     . ALA A 1 71  ? -6.619  12.904  -10.155 1.00 56.95  ? 71  ALA A O     1 
ATOM   462  C  CB    . ALA A 1 71  ? -5.440  13.240  -7.018  1.00 58.67  ? 71  ALA A CB    1 
ATOM   463  N  N     . ARG A 1 72  ? -7.839  12.013  -8.442  1.00 57.84  ? 72  ARG A N     1 
ATOM   464  C  CA    . ARG A 1 72  ? -8.526  10.998  -9.242  1.00 58.15  ? 72  ARG A CA    1 
ATOM   465  C  C     . ARG A 1 72  ? -9.162  11.622  -10.481 1.00 57.91  ? 72  ARG A C     1 
ATOM   466  O  O     . ARG A 1 72  ? -8.938  11.153  -11.602 1.00 57.92  ? 72  ARG A O     1 
ATOM   467  C  CB    . ARG A 1 72  ? -9.579  10.244  -8.414  1.00 57.99  ? 72  ARG A CB    1 
ATOM   468  C  CG    . ARG A 1 72  ? -10.129 8.992   -9.114  1.00 59.05  ? 72  ARG A CG    1 
ATOM   469  C  CD    . ARG A 1 72  ? -11.100 8.165   -8.232  1.00 62.12  ? 72  ARG A CD    1 
ATOM   470  N  NE    . ARG A 1 72  ? -10.374 7.167   -7.451  1.00 63.44  ? 72  ARG A NE    1 
ATOM   471  C  CZ    . ARG A 1 72  ? -9.951  7.373   -6.205  1.00 66.44  ? 72  ARG A CZ    1 
ATOM   472  N  NH1   . ARG A 1 72  ? -10.218 8.525   -5.579  1.00 68.75  ? 72  ARG A NH1   1 
ATOM   473  N  NH2   . ARG A 1 72  ? -9.272  6.434   -5.562  1.00 64.69  ? 72  ARG A NH2   1 
ATOM   474  N  N     . ALA A 1 73  ? -9.932  12.688  -10.279 1.00 57.40  ? 73  ALA A N     1 
ATOM   475  C  CA    . ALA A 1 73  ? -10.582 13.350  -11.396 1.00 57.26  ? 73  ALA A CA    1 
ATOM   476  C  C     . ALA A 1 73  ? -9.540  13.934  -12.369 1.00 57.62  ? 73  ALA A C     1 
ATOM   477  O  O     . ALA A 1 73  ? -9.639  13.745  -13.587 1.00 58.62  ? 73  ALA A O     1 
ATOM   478  C  CB    . ALA A 1 73  ? -11.575 14.404  -10.918 1.00 56.30  ? 73  ALA A CB    1 
ATOM   479  N  N     . ARG A 1 74  ? -8.522  14.607  -11.843 1.00 57.88  ? 74  ARG A N     1 
ATOM   480  C  CA    . ARG A 1 74  ? -7.503  15.233  -12.696 1.00 57.60  ? 74  ARG A CA    1 
ATOM   481  C  C     . ARG A 1 74  ? -6.886  14.165  -13.577 1.00 57.48  ? 74  ARG A C     1 
ATOM   482  O  O     . ARG A 1 74  ? -6.639  14.392  -14.758 1.00 58.12  ? 74  ARG A O     1 
ATOM   483  C  CB    . ARG A 1 74  ? -6.447  15.934  -11.849 1.00 57.21  ? 74  ARG A CB    1 
ATOM   484  C  CG    . ARG A 1 74  ? -5.356  16.588  -12.611 1.00 57.99  ? 74  ARG A CG    1 
ATOM   485  C  CD    . ARG A 1 74  ? -5.785  17.846  -13.316 1.00 60.45  ? 74  ARG A CD    1 
ATOM   486  N  NE    . ARG A 1 74  ? -4.627  18.641  -13.763 1.00 62.55  ? 74  ARG A NE    1 
ATOM   487  C  CZ    . ARG A 1 74  ? -4.076  19.643  -13.058 1.00 65.20  ? 74  ARG A CZ    1 
ATOM   488  N  NH1   . ARG A 1 74  ? -4.574  19.983  -11.869 1.00 65.52  ? 74  ARG A NH1   1 
ATOM   489  N  NH2   . ARG A 1 74  ? -3.020  20.318  -13.527 1.00 64.20  ? 74  ARG A NH2   1 
ATOM   490  N  N     . TYR A 1 75  ? -6.705  12.978  -13.023 1.00 57.22  ? 75  TYR A N     1 
ATOM   491  C  CA    . TYR A 1 75  ? -6.100  11.915  -13.777 1.00 57.30  ? 75  TYR A CA    1 
ATOM   492  C  C     . TYR A 1 75  ? -6.998  11.467  -14.923 1.00 58.20  ? 75  TYR A C     1 
ATOM   493  O  O     . TYR A 1 75  ? -6.521  11.330  -16.070 1.00 58.43  ? 75  TYR A O     1 
ATOM   494  C  CB    . TYR A 1 75  ? -5.794  10.751  -12.873 1.00 56.85  ? 75  TYR A CB    1 
ATOM   495  C  CG    . TYR A 1 75  ? -5.359  9.500   -13.603 1.00 55.45  ? 75  TYR A CG    1 
ATOM   496  C  CD1   . TYR A 1 75  ? -4.026  9.319   -14.023 1.00 53.77  ? 75  TYR A CD1   1 
ATOM   497  C  CD2   . TYR A 1 75  ? -6.272  8.474   -13.855 1.00 54.35  ? 75  TYR A CD2   1 
ATOM   498  C  CE1   . TYR A 1 75  ? -3.622  8.121   -14.667 1.00 52.53  ? 75  TYR A CE1   1 
ATOM   499  C  CE2   . TYR A 1 75  ? -5.875  7.273   -14.499 1.00 52.10  ? 75  TYR A CE2   1 
ATOM   500  C  CZ    . TYR A 1 75  ? -4.565  7.116   -14.896 1.00 51.37  ? 75  TYR A CZ    1 
ATOM   501  O  OH    . TYR A 1 75  ? -4.217  5.944   -15.504 1.00 51.47  ? 75  TYR A OH    1 
ATOM   502  N  N     . ILE A 1 76  ? -8.283  11.233  -14.619 1.00 58.41  ? 76  ILE A N     1 
ATOM   503  C  CA    . ILE A 1 76  ? -9.247  10.907  -15.651 1.00 58.24  ? 76  ILE A CA    1 
ATOM   504  C  C     . ILE A 1 76  ? -9.364  12.054  -16.650 1.00 58.93  ? 76  ILE A C     1 
ATOM   505  O  O     . ILE A 1 76  ? -9.438  11.793  -17.844 1.00 59.32  ? 76  ILE A O     1 
ATOM   506  C  CB    . ILE A 1 76  ? -10.619 10.566  -15.110 1.00 58.30  ? 76  ILE A CB    1 
ATOM   507  C  CG1   . ILE A 1 76  ? -10.541 9.414   -14.119 1.00 58.03  ? 76  ILE A CG1   1 
ATOM   508  C  CG2   . ILE A 1 76  ? -11.557 10.164  -16.243 1.00 57.76  ? 76  ILE A CG2   1 
ATOM   509  C  CD1   . ILE A 1 76  ? -11.747 9.342   -13.191 1.00 55.42  ? 76  ILE A CD1   1 
ATOM   510  N  N     . ILE A 1 77  ? -9.363  13.313  -16.203 1.00 59.26  ? 77  ILE A N     1 
ATOM   511  C  CA    . ILE A 1 77  ? -9.320  14.410  -17.174 1.00 59.33  ? 77  ILE A CA    1 
ATOM   512  C  C     . ILE A 1 77  ? -8.127  14.191  -18.078 1.00 60.69  ? 77  ILE A C     1 
ATOM   513  O  O     . ILE A 1 77  ? -8.281  14.168  -19.286 1.00 61.05  ? 77  ILE A O     1 
ATOM   514  C  CB    . ILE A 1 77  ? -9.217  15.801  -16.557 1.00 58.71  ? 77  ILE A CB    1 
ATOM   515  C  CG1   . ILE A 1 77  ? -10.531 16.209  -15.936 1.00 57.54  ? 77  ILE A CG1   1 
ATOM   516  C  CG2   . ILE A 1 77  ? -8.904  16.817  -17.616 1.00 57.24  ? 77  ILE A CG2   1 
ATOM   517  C  CD1   . ILE A 1 77  ? -10.348 17.054  -14.746 1.00 56.02  ? 77  ILE A CD1   1 
ATOM   518  N  N     . GLU A 1 78  ? -6.947  13.994  -17.496 1.00 62.33  ? 78  GLU A N     1 
ATOM   519  C  CA    . GLU A 1 78  ? -5.702  13.898  -18.275 1.00 63.64  ? 78  GLU A CA    1 
ATOM   520  C  C     . GLU A 1 78  ? -5.639  12.765  -19.292 1.00 64.35  ? 78  GLU A C     1 
ATOM   521  O  O     . GLU A 1 78  ? -5.018  12.910  -20.345 1.00 64.86  ? 78  GLU A O     1 
ATOM   522  C  CB    . GLU A 1 78  ? -4.497  13.788  -17.347 1.00 63.71  ? 78  GLU A CB    1 
ATOM   523  C  CG    . GLU A 1 78  ? -4.290  15.006  -16.483 1.00 65.92  ? 78  GLU A CG    1 
ATOM   524  C  CD    . GLU A 1 78  ? -4.111  16.263  -17.291 1.00 69.17  ? 78  GLU A CD    1 
ATOM   525  O  OE1   . GLU A 1 78  ? -3.989  17.358  -16.680 1.00 69.58  ? 78  GLU A OE1   1 
ATOM   526  O  OE2   . GLU A 1 78  ? -4.081  16.147  -18.541 1.00 70.11  ? 78  GLU A OE2   1 
ATOM   527  N  N     . THR A 1 79  ? -6.263  11.638  -18.981 1.00 64.91  ? 79  THR A N     1 
ATOM   528  C  CA    . THR A 1 79  ? -6.004  10.436  -19.735 1.00 65.82  ? 79  THR A CA    1 
ATOM   529  C  C     . THR A 1 79  ? -7.256  9.919   -20.415 1.00 66.75  ? 79  THR A C     1 
ATOM   530  O  O     . THR A 1 79  ? -7.184  9.429   -21.523 1.00 67.67  ? 79  THR A O     1 
ATOM   531  C  CB    . THR A 1 79  ? -5.432  9.311   -18.836 1.00 66.04  ? 79  THR A CB    1 
ATOM   532  O  OG1   . THR A 1 79  ? -6.458  8.839   -17.951 1.00 66.00  ? 79  THR A OG1   1 
ATOM   533  C  CG2   . THR A 1 79  ? -4.219  9.804   -18.029 1.00 65.03  ? 79  THR A CG2   1 
ATOM   534  N  N     . GLY A 1 80  ? -8.400  9.997   -19.741 1.00 67.28  ? 80  GLY A N     1 
ATOM   535  C  CA    . GLY A 1 80  ? -9.655  9.543   -20.324 1.00 67.48  ? 80  GLY A CA    1 
ATOM   536  C  C     . GLY A 1 80  ? -9.943  8.100   -19.977 1.00 68.00  ? 80  GLY A C     1 
ATOM   537  O  O     . GLY A 1 80  ? -10.846 7.483   -20.542 1.00 68.35  ? 80  GLY A O     1 
ATOM   538  N  N     . GLU A 1 81  ? -9.194  7.575   -19.015 1.00 67.96  ? 81  GLU A N     1 
ATOM   539  C  CA    . GLU A 1 81  ? -9.301  6.184   -18.596 1.00 67.89  ? 81  GLU A CA    1 
ATOM   540  C  C     . GLU A 1 81  ? -10.584 5.864   -17.850 1.00 67.26  ? 81  GLU A C     1 
ATOM   541  O  O     . GLU A 1 81  ? -11.218 6.747   -17.275 1.00 67.54  ? 81  GLU A O     1 
ATOM   542  C  CB    . GLU A 1 81  ? -8.115  5.849   -17.701 1.00 68.09  ? 81  GLU A CB    1 
ATOM   543  C  CG    . GLU A 1 81  ? -6.807  5.810   -18.442 1.00 69.98  ? 81  GLU A CG    1 
ATOM   544  C  CD    . GLU A 1 81  ? -6.696  4.635   -19.417 1.00 72.80  ? 81  GLU A CD    1 
ATOM   545  O  OE1   . GLU A 1 81  ? -7.530  3.676   -19.393 1.00 72.22  ? 81  GLU A OE1   1 
ATOM   546  O  OE2   . GLU A 1 81  ? -5.743  4.697   -20.221 1.00 74.45  ? 81  GLU A OE2   1 
ATOM   547  N  N     . ILE A 1 82  ? -10.964 4.596   -17.854 1.00 66.53  ? 82  ILE A N     1 
ATOM   548  C  CA    . ILE A 1 82  ? -12.041 4.170   -16.993 1.00 66.14  ? 82  ILE A CA    1 
ATOM   549  C  C     . ILE A 1 82  ? -11.432 3.484   -15.772 1.00 65.55  ? 82  ILE A C     1 
ATOM   550  O  O     . ILE A 1 82  ? -10.729 2.468   -15.850 1.00 65.05  ? 82  ILE A O     1 
ATOM   551  C  CB    . ILE A 1 82  ? -13.150 3.366   -17.757 1.00 66.43  ? 82  ILE A CB    1 
ATOM   552  C  CG1   . ILE A 1 82  ? -14.540 3.766   -17.243 1.00 67.58  ? 82  ILE A CG1   1 
ATOM   553  C  CG2   . ILE A 1 82  ? -12.917 1.848   -17.712 1.00 66.37  ? 82  ILE A CG2   1 
ATOM   554  C  CD1   . ILE A 1 82  ? -14.906 5.312   -17.416 1.00 69.61  ? 82  ILE A CD1   1 
ATOM   555  N  N     . VAL A 1 83  ? -11.687 4.102   -14.636 1.00 65.03  ? 83  VAL A N     1 
ATOM   556  C  CA    . VAL A 1 83  ? -11.030 3.775   -13.398 1.00 64.52  ? 83  VAL A CA    1 
ATOM   557  C  C     . VAL A 1 83  ? -12.082 3.242   -12.444 1.00 65.29  ? 83  VAL A C     1 
ATOM   558  O  O     . VAL A 1 83  ? -13.061 3.920   -12.212 1.00 64.95  ? 83  VAL A O     1 
ATOM   559  C  CB    . VAL A 1 83  ? -10.423 5.068   -12.834 1.00 64.32  ? 83  VAL A CB    1 
ATOM   560  C  CG1   . VAL A 1 83  ? -9.726  4.824   -11.503 1.00 62.32  ? 83  VAL A CG1   1 
ATOM   561  C  CG2   . VAL A 1 83  ? -9.491  5.714   -13.884 1.00 62.46  ? 83  VAL A CG2   1 
ATOM   562  N  N     . THR A 1 84  ? -11.917 2.026   -11.923 1.00 66.61  ? 84  THR A N     1 
ATOM   563  C  CA    . THR A 1 84  ? -12.888 1.469   -10.972 1.00 68.12  ? 84  THR A CA    1 
ATOM   564  C  C     . THR A 1 84  ? -12.285 1.426   -9.590  1.00 69.63  ? 84  THR A C     1 
ATOM   565  O  O     . THR A 1 84  ? -11.226 0.798   -9.375  1.00 70.44  ? 84  THR A O     1 
ATOM   566  C  CB    . THR A 1 84  ? -13.319 0.022   -11.291 1.00 68.29  ? 84  THR A CB    1 
ATOM   567  O  OG1   . THR A 1 84  ? -13.718 -0.077  -12.656 1.00 69.18  ? 84  THR A OG1   1 
ATOM   568  C  CG2   . THR A 1 84  ? -14.485 -0.424  -10.379 1.00 66.93  ? 84  THR A CG2   1 
ATOM   569  N  N     . GLU A 1 85  ? -12.966 2.073   -8.652  1.00 70.56  ? 85  GLU A N     1 
ATOM   570  C  CA    . GLU A 1 85  ? -12.563 2.007   -7.272  1.00 71.94  ? 85  GLU A CA    1 
ATOM   571  C  C     . GLU A 1 85  ? -12.815 0.608   -6.753  1.00 71.78  ? 85  GLU A C     1 
ATOM   572  O  O     . GLU A 1 85  ? -13.775 -0.045  -7.156  1.00 72.41  ? 85  GLU A O     1 
ATOM   573  C  CB    . GLU A 1 85  ? -13.296 3.046   -6.457  1.00 72.40  ? 85  GLU A CB    1 
ATOM   574  C  CG    . GLU A 1 85  ? -12.643 4.410   -6.567  1.00 75.66  ? 85  GLU A CG    1 
ATOM   575  C  CD    . GLU A 1 85  ? -12.924 5.221   -5.333  1.00 80.54  ? 85  GLU A CD    1 
ATOM   576  O  OE1   . GLU A 1 85  ? -13.777 6.136   -5.415  1.00 84.06  ? 85  GLU A OE1   1 
ATOM   577  O  OE2   . GLU A 1 85  ? -12.334 4.914   -4.269  1.00 81.39  ? 85  GLU A OE2   1 
ATOM   578  N  N     . VAL A 1 86  ? -11.925 0.130   -5.898  1.00 71.53  ? 86  VAL A N     1 
ATOM   579  C  CA    . VAL A 1 86  ? -11.988 -1.259  -5.470  1.00 71.03  ? 86  VAL A CA    1 
ATOM   580  C  C     . VAL A 1 86  ? -11.731 -1.379  -3.955  1.00 70.86  ? 86  VAL A C     1 
ATOM   581  O  O     . VAL A 1 86  ? -11.365 -0.395  -3.307  1.00 70.45  ? 86  VAL A O     1 
ATOM   582  C  CB    . VAL A 1 86  ? -11.055 -2.135  -6.356  1.00 70.74  ? 86  VAL A CB    1 
ATOM   583  C  CG1   . VAL A 1 86  ? -9.604  -1.732  -6.201  1.00 70.62  ? 86  VAL A CG1   1 
ATOM   584  C  CG2   . VAL A 1 86  ? -11.262 -3.602  -6.083  1.00 71.32  ? 86  VAL A CG2   1 
ATOM   585  N  N     . GLY A 1 87  ? -11.966 -2.556  -3.383  1.00 70.74  ? 87  GLY A N     1 
ATOM   586  C  CA    . GLY A 1 87  ? -11.644 -2.771  -1.977  1.00 70.77  ? 87  GLY A CA    1 
ATOM   587  C  C     . GLY A 1 87  ? -10.200 -3.241  -1.761  1.00 70.81  ? 87  GLY A C     1 
ATOM   588  O  O     . GLY A 1 87  ? -9.262  -2.811  -2.464  1.00 70.38  ? 87  GLY A O     1 
ATOM   589  N  N     . LEU A 1 88  ? -10.035 -4.118  -0.761  1.00 70.52  ? 88  LEU A N     1 
ATOM   590  C  CA    . LEU A 1 88  ? -8.787  -4.845  -0.514  1.00 69.65  ? 88  LEU A CA    1 
ATOM   591  C  C     . LEU A 1 88  ? -8.767  -6.081  -1.382  1.00 69.05  ? 88  LEU A C     1 
ATOM   592  O  O     . LEU A 1 88  ? -9.694  -6.880  -1.358  1.00 69.13  ? 88  LEU A O     1 
ATOM   593  C  CB    . LEU A 1 88  ? -8.687  -5.275  0.952   1.00 69.65  ? 88  LEU A CB    1 
ATOM   594  C  CG    . LEU A 1 88  ? -7.458  -6.115  1.316   1.00 69.06  ? 88  LEU A CG    1 
ATOM   595  C  CD1   . LEU A 1 88  ? -6.210  -5.248  1.661   1.00 66.75  ? 88  LEU A CD1   1 
ATOM   596  C  CD2   . LEU A 1 88  ? -7.825  -7.030  2.452   1.00 67.79  ? 88  LEU A CD2   1 
ATOM   597  N  N     . ILE A 1 89  ? -7.695  -6.230  -2.141  1.00 68.54  ? 89  ILE A N     1 
ATOM   598  C  CA    . ILE A 1 89  ? -7.534  -7.346  -3.052  1.00 67.77  ? 89  ILE A CA    1 
ATOM   599  C  C     . ILE A 1 89  ? -6.515  -8.301  -2.452  1.00 67.26  ? 89  ILE A C     1 
ATOM   600  O  O     . ILE A 1 89  ? -5.367  -7.945  -2.264  1.00 67.04  ? 89  ILE A O     1 
ATOM   601  C  CB    . ILE A 1 89  ? -7.109  -6.846  -4.448  1.00 67.62  ? 89  ILE A CB    1 
ATOM   602  C  CG1   . ILE A 1 89  ? -8.178  -5.907  -5.033  1.00 67.95  ? 89  ILE A CG1   1 
ATOM   603  C  CG2   . ILE A 1 89  ? -6.801  -8.011  -5.393  1.00 67.60  ? 89  ILE A CG2   1 
ATOM   604  C  CD1   . ILE A 1 89  ? -9.650  -6.394  -4.893  1.00 67.07  ? 89  ILE A CD1   1 
ATOM   605  N  N     . ASP A 1 90  ? -6.961  -9.504  -2.124  1.00 67.29  ? 90  ASP A N     1 
ATOM   606  C  CA    . ASP A 1 90  ? -6.095  -10.498 -1.496  1.00 67.53  ? 90  ASP A CA    1 
ATOM   607  C  C     . ASP A 1 90  ? -5.134  -11.082 -2.485  1.00 67.28  ? 90  ASP A C     1 
ATOM   608  O  O     . ASP A 1 90  ? -5.485  -11.254 -3.629  1.00 67.55  ? 90  ASP A O     1 
ATOM   609  C  CB    . ASP A 1 90  ? -6.926  -11.576 -0.838  1.00 67.20  ? 90  ASP A CB    1 
ATOM   610  C  CG    . ASP A 1 90  ? -7.495  -11.106 0.464   1.00 68.48  ? 90  ASP A CG    1 
ATOM   611  O  OD1   . ASP A 1 90  ? -6.723  -10.555 1.284   1.00 69.96  ? 90  ASP A OD1   1 
ATOM   612  O  OD2   . ASP A 1 90  ? -8.706  -11.258 0.678   1.00 70.38  ? 90  ASP A OD2   1 
ATOM   613  N  N     . HIS A 1 91  ? -3.900  -11.338 -2.070  1.00 67.22  ? 91  HIS A N     1 
ATOM   614  C  CA    . HIS A 1 91  ? -2.973  -11.969 -2.976  1.00 67.26  ? 91  HIS A CA    1 
ATOM   615  C  C     . HIS A 1 91  ? -3.682  -13.224 -3.531  1.00 67.72  ? 91  HIS A C     1 
ATOM   616  O  O     . HIS A 1 91  ? -4.446  -13.867 -2.813  1.00 67.95  ? 91  HIS A O     1 
ATOM   617  C  CB    . HIS A 1 91  ? -1.681  -12.337 -2.265  1.00 66.61  ? 91  HIS A CB    1 
ATOM   618  C  CG    . HIS A 1 91  ? -0.580  -12.738 -3.198  1.00 65.76  ? 91  HIS A CG    1 
ATOM   619  N  ND1   . HIS A 1 91  ? -0.501  -13.996 -3.760  1.00 64.57  ? 91  HIS A ND1   1 
ATOM   620  C  CD2   . HIS A 1 91  ? 0.482   -12.046 -3.675  1.00 63.56  ? 91  HIS A CD2   1 
ATOM   621  C  CE1   . HIS A 1 91  ? 0.564   -14.061 -4.537  1.00 64.67  ? 91  HIS A CE1   1 
ATOM   622  N  NE2   . HIS A 1 91  ? 1.182   -12.893 -4.498  1.00 63.42  ? 91  HIS A NE2   1 
ATOM   623  N  N     . PRO A 1 92  ? -3.487  -13.540 -4.821  1.00 68.11  ? 92  PRO A N     1 
ATOM   624  C  CA    . PRO A 1 92  ? -4.040  -14.802 -5.365  1.00 68.45  ? 92  PRO A CA    1 
ATOM   625  C  C     . PRO A 1 92  ? -3.615  -16.074 -4.579  1.00 68.55  ? 92  PRO A C     1 
ATOM   626  O  O     . PRO A 1 92  ? -4.496  -16.865 -4.217  1.00 69.15  ? 92  PRO A O     1 
ATOM   627  C  CB    . PRO A 1 92  ? -3.511  -14.842 -6.816  1.00 68.20  ? 92  PRO A CB    1 
ATOM   628  C  CG    . PRO A 1 92  ? -2.441  -13.762 -6.899  1.00 68.18  ? 92  PRO A CG    1 
ATOM   629  C  CD    . PRO A 1 92  ? -2.810  -12.737 -5.860  1.00 68.40  ? 92  PRO A CD    1 
ATOM   630  N  N     . THR A 1 93  ? -2.316  -16.254 -4.286  1.00 68.00  ? 93  THR A N     1 
ATOM   631  C  CA    . THR A 1 93  ? -1.828  -17.455 -3.550  1.00 67.34  ? 93  THR A CA    1 
ATOM   632  C  C     . THR A 1 93  ? -1.469  -17.262 -2.043  1.00 67.05  ? 93  THR A C     1 
ATOM   633  O  O     . THR A 1 93  ? -1.924  -18.022 -1.186  1.00 66.77  ? 93  THR A O     1 
ATOM   634  C  CB    . THR A 1 93  ? -0.641  -18.139 -4.289  1.00 67.25  ? 93  THR A CB    1 
ATOM   635  O  OG1   . THR A 1 93  ? 0.569   -17.420 -4.045  1.00 67.35  ? 93  THR A OG1   1 
ATOM   636  C  CG2   . THR A 1 93  ? -0.880  -18.180 -5.802  1.00 67.22  ? 93  THR A CG2   1 
ATOM   637  N  N     . ILE A 1 94  ? -0.642  -16.259 -1.732  1.00 66.51  ? 94  ILE A N     1 
ATOM   638  C  CA    . ILE A 1 94  ? -0.199  -16.000 -0.356  1.00 65.34  ? 94  ILE A CA    1 
ATOM   639  C  C     . ILE A 1 94  ? -1.348  -15.504 0.540   1.00 64.58  ? 94  ILE A C     1 
ATOM   640  O  O     . ILE A 1 94  ? -1.799  -14.366 0.418   1.00 65.27  ? 94  ILE A O     1 
ATOM   641  C  CB    . ILE A 1 94  ? 0.937   -14.968 -0.352  1.00 65.58  ? 94  ILE A CB    1 
ATOM   642  C  CG1   . ILE A 1 94  ? 2.017   -15.366 -1.364  1.00 64.53  ? 94  ILE A CG1   1 
ATOM   643  C  CG2   . ILE A 1 94  ? 1.484   -14.750 1.081   1.00 66.01  ? 94  ILE A CG2   1 
ATOM   644  C  CD1   . ILE A 1 94  ? 3.144   -14.390 -1.431  1.00 64.38  ? 94  ILE A CD1   1 
ATOM   645  N  N     . ALA A 1 95  ? -1.825  -16.359 1.428   1.00 63.02  ? 95  ALA A N     1 
ATOM   646  C  CA    . ALA A 1 95  ? -2.922  -16.002 2.326   1.00 61.85  ? 95  ALA A CA    1 
ATOM   647  C  C     . ALA A 1 95  ? -2.533  -14.944 3.383   1.00 61.19  ? 95  ALA A C     1 
ATOM   648  O  O     . ALA A 1 95  ? -1.383  -14.905 3.826   1.00 61.18  ? 95  ALA A O     1 
ATOM   649  C  CB    . ALA A 1 95  ? -3.450  -17.248 2.997   1.00 61.47  ? 95  ALA A CB    1 
ATOM   650  N  N     . GLY A 1 96  ? -3.499  -14.100 3.776   1.00 60.25  ? 96  GLY A N     1 
ATOM   651  C  CA    . GLY A 1 96  ? -3.298  -13.014 4.756   1.00 58.83  ? 96  GLY A CA    1 
ATOM   652  C  C     . GLY A 1 96  ? -2.320  -11.952 4.289   1.00 58.29  ? 96  GLY A C     1 
ATOM   653  O  O     . GLY A 1 96  ? -1.516  -11.473 5.075   1.00 58.20  ? 96  GLY A O     1 
ATOM   654  N  N     . PHE A 1 97  ? -2.421  -11.594 3.006   1.00 58.11  ? 97  PHE A N     1 
ATOM   655  C  CA    . PHE A 1 97  ? -1.562  -10.657 2.269   1.00 57.88  ? 97  PHE A CA    1 
ATOM   656  C  C     . PHE A 1 97  ? -2.480  -9.985  1.228   1.00 58.53  ? 97  PHE A C     1 
ATOM   657  O  O     . PHE A 1 97  ? -3.352  -10.636 0.632   1.00 58.66  ? 97  PHE A O     1 
ATOM   658  C  CB    . PHE A 1 97  ? -0.434  -11.441 1.584   1.00 57.56  ? 97  PHE A CB    1 
ATOM   659  C  CG    . PHE A 1 97  ? 0.558   -10.600 0.767   1.00 56.95  ? 97  PHE A CG    1 
ATOM   660  C  CD1   . PHE A 1 97  ? 1.258   -11.191 -0.306  1.00 56.22  ? 97  PHE A CD1   1 
ATOM   661  C  CD2   . PHE A 1 97  ? 0.848   -9.264  1.083   1.00 56.40  ? 97  PHE A CD2   1 
ATOM   662  C  CE1   . PHE A 1 97  ? 2.220   -10.466 -1.067  1.00 54.17  ? 97  PHE A CE1   1 
ATOM   663  C  CE2   . PHE A 1 97  ? 1.812   -8.527  0.329   1.00 55.15  ? 97  PHE A CE2   1 
ATOM   664  C  CZ    . PHE A 1 97  ? 2.498   -9.147  -0.751  1.00 54.15  ? 97  PHE A CZ    1 
ATOM   665  N  N     . GLY A 1 98  ? -2.331  -8.684  1.010   1.00 58.67  ? 98  GLY A N     1 
ATOM   666  C  CA    . GLY A 1 98  ? -3.273  -8.009  0.133   1.00 58.81  ? 98  GLY A CA    1 
ATOM   667  C  C     . GLY A 1 98  ? -2.915  -6.580  -0.184  1.00 59.00  ? 98  GLY A C     1 
ATOM   668  O  O     . GLY A 1 98  ? -1.898  -6.084  0.257   1.00 59.34  ? 98  GLY A O     1 
ATOM   669  N  N     . ALA A 1 99  ? -3.763  -5.922  -0.959  1.00 58.94  ? 99  ALA A N     1 
ATOM   670  C  CA    . ALA A 1 99  ? -3.441  -4.620  -1.493  1.00 59.57  ? 99  ALA A CA    1 
ATOM   671  C  C     . ALA A 1 99  ? -4.736  -3.806  -1.609  1.00 60.16  ? 99  ALA A C     1 
ATOM   672  O  O     . ALA A 1 99  ? -5.827  -4.379  -1.763  1.00 60.82  ? 99  ALA A O     1 
ATOM   673  C  CB    . ALA A 1 99  ? -2.724  -4.751  -2.840  1.00 58.80  ? 99  ALA A CB    1 
ATOM   674  N  N     . SER A 1 100 ? -4.633  -2.485  -1.456  1.00 59.96  ? 100 SER A N     1 
ATOM   675  C  CA    . SER A 1 100 ? -5.775  -1.598  -1.713  1.00 60.11  ? 100 SER A CA    1 
ATOM   676  C  C     . SER A 1 100 ? -5.352  -0.536  -2.715  1.00 59.95  ? 100 SER A C     1 
ATOM   677  O  O     . SER A 1 100 ? -4.978  0.572   -2.311  1.00 59.67  ? 100 SER A O     1 
ATOM   678  C  CB    . SER A 1 100 ? -6.296  -0.955  -0.424  1.00 60.03  ? 100 SER A CB    1 
ATOM   679  O  OG    . SER A 1 100 ? -6.647  -1.943  0.531   1.00 60.90  ? 100 SER A OG    1 
ATOM   680  N  N     . PRO A 1 101 ? -5.357  -0.882  -4.028  1.00 60.27  ? 101 PRO A N     1 
ATOM   681  C  CA    . PRO A 1 101 ? -5.036  0.160   -5.029  1.00 60.60  ? 101 PRO A CA    1 
ATOM   682  C  C     . PRO A 1 101 ? -6.111  1.269   -5.066  1.00 60.50  ? 101 PRO A C     1 
ATOM   683  O  O     . PRO A 1 101 ? -7.273  1.041   -4.689  1.00 59.83  ? 101 PRO A O     1 
ATOM   684  C  CB    . PRO A 1 101 ? -4.969  -0.605  -6.364  1.00 60.50  ? 101 PRO A CB    1 
ATOM   685  C  CG    . PRO A 1 101 ? -5.767  -1.861  -6.136  1.00 60.33  ? 101 PRO A CG    1 
ATOM   686  C  CD    . PRO A 1 101 ? -5.717  -2.173  -4.651  1.00 60.13  ? 101 PRO A CD    1 
ATOM   687  N  N     . ASP A 1 102 ? -5.706  2.462   -5.493  1.00 60.78  ? 102 ASP A N     1 
ATOM   688  C  CA    . ASP A 1 102 ? -6.621  3.591   -5.548  1.00 61.12  ? 102 ASP A CA    1 
ATOM   689  C  C     . ASP A 1 102 ? -7.634  3.447   -6.662  1.00 62.11  ? 102 ASP A C     1 
ATOM   690  O  O     . ASP A 1 102 ? -8.640  4.144   -6.663  1.00 62.62  ? 102 ASP A O     1 
ATOM   691  C  CB    . ASP A 1 102 ? -5.856  4.906   -5.612  1.00 60.58  ? 102 ASP A CB    1 
ATOM   692  C  CG    . ASP A 1 102 ? -5.192  5.237   -4.287  1.00 58.99  ? 102 ASP A CG    1 
ATOM   693  O  OD1   . ASP A 1 102 ? -5.686  4.795   -3.245  1.00 56.13  ? 102 ASP A OD1   1 
ATOM   694  O  OD2   . ASP A 1 102 ? -4.159  5.923   -4.273  1.00 61.09  ? 102 ASP A OD2   1 
ATOM   695  N  N     . GLY A 1 103 ? -7.377  2.512   -7.581  1.00 62.71  ? 103 GLY A N     1 
ATOM   696  C  CA    . GLY A 1 103 ? -8.306  2.192   -8.637  1.00 63.51  ? 103 GLY A CA    1 
ATOM   697  C  C     . GLY A 1 103 ? -7.759  1.235   -9.675  1.00 64.49  ? 103 GLY A C     1 
ATOM   698  O  O     . GLY A 1 103 ? -6.526  1.111   -9.839  1.00 64.59  ? 103 GLY A O     1 
ATOM   699  N  N     . LEU A 1 104 ? -8.691  0.562   -10.370 1.00 65.00  ? 104 LEU A N     1 
ATOM   700  C  CA    . LEU A 1 104 ? -8.374  -0.305  -11.506 1.00 65.68  ? 104 LEU A CA    1 
ATOM   701  C  C     . LEU A 1 104 ? -8.491  0.464   -12.823 1.00 66.52  ? 104 LEU A C     1 
ATOM   702  O  O     . LEU A 1 104 ? -9.585  0.768   -13.286 1.00 66.89  ? 104 LEU A O     1 
ATOM   703  C  CB    . LEU A 1 104 ? -9.285  -1.532  -11.528 1.00 65.09  ? 104 LEU A CB    1 
ATOM   704  C  CG    . LEU A 1 104 ? -9.318  -2.411  -10.275 1.00 64.87  ? 104 LEU A CG    1 
ATOM   705  C  CD1   . LEU A 1 104 ? -10.224 -3.598  -10.513 1.00 62.16  ? 104 LEU A CD1   1 
ATOM   706  C  CD2   . LEU A 1 104 ? -7.931  -2.877  -9.832  1.00 61.44  ? 104 LEU A CD2   1 
ATOM   707  N  N     . VAL A 1 105 ? -7.350  0.780   -13.424 1.00 67.56  ? 105 VAL A N     1 
ATOM   708  C  CA    . VAL A 1 105 ? -7.354  1.597   -14.619 1.00 68.14  ? 105 VAL A CA    1 
ATOM   709  C  C     . VAL A 1 105 ? -7.475  0.708   -15.821 1.00 68.89  ? 105 VAL A C     1 
ATOM   710  O  O     . VAL A 1 105 ? -6.645  -0.166  -16.037 1.00 69.35  ? 105 VAL A O     1 
ATOM   711  C  CB    . VAL A 1 105 ? -6.116  2.469   -14.715 1.00 68.01  ? 105 VAL A CB    1 
ATOM   712  C  CG1   . VAL A 1 105 ? -6.119  3.232   -16.001 1.00 67.84  ? 105 VAL A CG1   1 
ATOM   713  C  CG2   . VAL A 1 105 ? -6.085  3.438   -13.548 1.00 68.18  ? 105 VAL A CG2   1 
ATOM   714  N  N     . GLY A 1 106 ? -8.538  0.927   -16.591 1.00 69.83  ? 106 GLY A N     1 
ATOM   715  C  CA    . GLY A 1 106 ? -8.817  0.124   -17.767 1.00 70.32  ? 106 GLY A CA    1 
ATOM   716  C  C     . GLY A 1 106 ? -8.852  -1.361  -17.454 1.00 70.69  ? 106 GLY A C     1 
ATOM   717  O  O     . GLY A 1 106 ? -9.462  -1.801  -16.464 1.00 70.31  ? 106 GLY A O     1 
ATOM   718  N  N     . ASP A 1 107 ? -8.174  -2.125  -18.303 1.00 70.95  ? 107 ASP A N     1 
ATOM   719  C  CA    . ASP A 1 107 ? -8.247  -3.575  -18.244 1.00 71.12  ? 107 ASP A CA    1 
ATOM   720  C  C     . ASP A 1 107 ? -7.011  -4.191  -17.594 1.00 70.47  ? 107 ASP A C     1 
ATOM   721  O  O     . ASP A 1 107 ? -7.093  -5.287  -17.004 1.00 70.17  ? 107 ASP A O     1 
ATOM   722  C  CB    . ASP A 1 107 ? -8.480  -4.148  -19.652 1.00 71.80  ? 107 ASP A CB    1 
ATOM   723  C  CG    . ASP A 1 107 ? -9.969  -4.233  -20.016 1.00 73.20  ? 107 ASP A CG    1 
ATOM   724  O  OD1   . ASP A 1 107 ? -10.794 -4.550  -19.110 1.00 71.48  ? 107 ASP A OD1   1 
ATOM   725  O  OD2   . ASP A 1 107 ? -10.293 -3.990  -21.214 1.00 73.51  ? 107 ASP A OD2   1 
ATOM   726  N  N     . THR A 1 108 ? -5.875  -3.491  -17.697 1.00 69.32  ? 108 THR A N     1 
ATOM   727  C  CA    . THR A 1 108 ? -4.623  -3.981  -17.089 1.00 68.21  ? 108 THR A CA    1 
ATOM   728  C  C     . THR A 1 108 ? -3.794  -2.970  -16.261 1.00 66.88  ? 108 THR A C     1 
ATOM   729  O  O     . THR A 1 108 ? -2.610  -3.215  -16.000 1.00 67.11  ? 108 THR A O     1 
ATOM   730  C  CB    . THR A 1 108 ? -3.699  -4.551  -18.149 1.00 68.50  ? 108 THR A CB    1 
ATOM   731  O  OG1   . THR A 1 108 ? -3.453  -3.523  -19.118 1.00 68.26  ? 108 THR A OG1   1 
ATOM   732  C  CG2   . THR A 1 108 ? -4.333  -5.802  -18.799 1.00 68.55  ? 108 THR A CG2   1 
ATOM   733  N  N     . GLY A 1 109 ? -4.398  -1.862  -15.848 1.00 64.65  ? 109 GLY A N     1 
ATOM   734  C  CA    . GLY A 1 109 ? -3.656  -0.838  -15.142 1.00 62.69  ? 109 GLY A CA    1 
ATOM   735  C  C     . GLY A 1 109 ? -4.165  -0.571  -13.748 1.00 61.56  ? 109 GLY A C     1 
ATOM   736  O  O     . GLY A 1 109 ? -5.228  -1.042  -13.333 1.00 61.75  ? 109 GLY A O     1 
ATOM   737  N  N     . LEU A 1 110 ? -3.384  0.182   -12.995 1.00 60.31  ? 110 LEU A N     1 
ATOM   738  C  CA    . LEU A 1 110 ? -3.799  0.565   -11.654 1.00 58.19  ? 110 LEU A CA    1 
ATOM   739  C  C     . LEU A 1 110 ? -3.478  2.014   -11.515 1.00 56.89  ? 110 LEU A C     1 
ATOM   740  O  O     . LEU A 1 110 ? -2.629  2.557   -12.248 1.00 55.92  ? 110 LEU A O     1 
ATOM   741  C  CB    . LEU A 1 110 ? -3.012  -0.212  -10.617 1.00 57.70  ? 110 LEU A CB    1 
ATOM   742  C  CG    . LEU A 1 110 ? -3.181  -1.723  -10.631 1.00 58.93  ? 110 LEU A CG    1 
ATOM   743  C  CD1   . LEU A 1 110 ? -2.017  -2.442  -9.927  1.00 59.21  ? 110 LEU A CD1   1 
ATOM   744  C  CD2   . LEU A 1 110 ? -4.484  -2.065  -9.981  1.00 60.07  ? 110 LEU A CD2   1 
ATOM   745  N  N     . ILE A 1 111 ? -4.160  2.653   -10.582 1.00 55.63  ? 111 ILE A N     1 
ATOM   746  C  CA    . ILE A 1 111 ? -3.675  3.930   -10.138 1.00 54.70  ? 111 ILE A CA    1 
ATOM   747  C  C     . ILE A 1 111 ? -3.338  3.933   -8.638  1.00 54.59  ? 111 ILE A C     1 
ATOM   748  O  O     . ILE A 1 111 ? -3.995  3.251   -7.810  1.00 54.08  ? 111 ILE A O     1 
ATOM   749  C  CB    . ILE A 1 111 ? -4.593  5.096   -10.545 1.00 54.46  ? 111 ILE A CB    1 
ATOM   750  C  CG1   . ILE A 1 111 ? -3.878  6.397   -10.210 1.00 55.08  ? 111 ILE A CG1   1 
ATOM   751  C  CG2   . ILE A 1 111 ? -5.973  4.982   -9.882  1.00 52.16  ? 111 ILE A CG2   1 
ATOM   752  C  CD1   . ILE A 1 111 ? -4.662  7.656   -10.538 1.00 58.88  ? 111 ILE A CD1   1 
ATOM   753  N  N     . GLU A 1 112 ? -2.291  4.697   -8.331  1.00 53.74  ? 112 GLU A N     1 
ATOM   754  C  CA    . GLU A 1 112 ? -1.849  4.974   -6.971  1.00 53.35  ? 112 GLU A CA    1 
ATOM   755  C  C     . GLU A 1 112 ? -1.654  6.493   -6.843  1.00 53.43  ? 112 GLU A C     1 
ATOM   756  O  O     . GLU A 1 112 ? -0.835  7.073   -7.571  1.00 53.22  ? 112 GLU A O     1 
ATOM   757  C  CB    . GLU A 1 112 ? -0.520  4.263   -6.694  1.00 53.33  ? 112 GLU A CB    1 
ATOM   758  C  CG    . GLU A 1 112 ? 0.042   4.580   -5.355  1.00 53.13  ? 112 GLU A CG    1 
ATOM   759  C  CD    . GLU A 1 112 ? -0.925  4.231   -4.240  1.00 54.90  ? 112 GLU A CD    1 
ATOM   760  O  OE1   . GLU A 1 112 ? -1.732  3.277   -4.348  1.00 56.73  ? 112 GLU A OE1   1 
ATOM   761  O  OE2   . GLU A 1 112 ? -0.880  4.914   -3.222  1.00 55.18  ? 112 GLU A OE2   1 
ATOM   762  N  N     . ILE A 1 113 ? -2.406  7.117   -5.926  1.00 52.90  ? 113 ILE A N     1 
ATOM   763  C  CA    . ILE A 1 113 ? -2.499  8.573   -5.778  1.00 52.37  ? 113 ILE A CA    1 
ATOM   764  C  C     . ILE A 1 113 ? -1.838  9.043   -4.477  1.00 52.49  ? 113 ILE A C     1 
ATOM   765  O  O     . ILE A 1 113 ? -2.170  8.531   -3.400  1.00 52.07  ? 113 ILE A O     1 
ATOM   766  C  CB    . ILE A 1 113 ? -3.975  9.037   -5.688  1.00 52.47  ? 113 ILE A CB    1 
ATOM   767  C  CG1   . ILE A 1 113 ? -4.761  8.696   -6.955  1.00 53.55  ? 113 ILE A CG1   1 
ATOM   768  C  CG2   . ILE A 1 113 ? -4.077  10.572  -5.387  1.00 52.16  ? 113 ILE A CG2   1 
ATOM   769  C  CD1   . ILE A 1 113 ? -6.281  8.870   -6.777  1.00 53.94  ? 113 ILE A CD1   1 
ATOM   770  N  N     . LYS A 1 114 ? -0.940  10.025  -4.574  1.00 52.06  ? 114 LYS A N     1 
ATOM   771  C  CA    . LYS A 1 114 ? -0.418  10.718  -3.400  1.00 52.36  ? 114 LYS A CA    1 
ATOM   772  C  C     . LYS A 1 114 ? -0.865  12.171  -3.368  1.00 52.71  ? 114 LYS A C     1 
ATOM   773  O  O     . LYS A 1 114 ? -0.850  12.872  -4.388  1.00 53.23  ? 114 LYS A O     1 
ATOM   774  C  CB    . LYS A 1 114 ? 1.113   10.708  -3.386  1.00 52.07  ? 114 LYS A CB    1 
ATOM   775  C  CG    . LYS A 1 114 ? 1.786   9.343   -3.369  1.00 51.59  ? 114 LYS A CG    1 
ATOM   776  C  CD    . LYS A 1 114 ? 1.200   8.383   -2.345  1.00 47.72  ? 114 LYS A CD    1 
ATOM   777  C  CE    . LYS A 1 114 ? 1.951   7.074   -2.475  1.00 48.88  ? 114 LYS A CE    1 
ATOM   778  N  NZ    . LYS A 1 114 ? 1.291   5.881   -1.871  1.00 45.35  ? 114 LYS A NZ    1 
ATOM   779  N  N     . CYS A 1 115 ? -1.244  12.626  -2.188  1.00 53.00  ? 115 CYS A N     1 
ATOM   780  C  CA    . CYS A 1 115 ? -1.404  14.051  -1.939  1.00 53.98  ? 115 CYS A CA    1 
ATOM   781  C  C     . CYS A 1 115 ? -0.566  14.442  -0.720  1.00 55.08  ? 115 CYS A C     1 
ATOM   782  O  O     . CYS A 1 115 ? -1.125  14.708  0.363   1.00 55.60  ? 115 CYS A O     1 
ATOM   783  C  CB    . CYS A 1 115 ? -2.875  14.392  -1.722  1.00 53.56  ? 115 CYS A CB    1 
ATOM   784  S  SG    . CYS A 1 115 ? -3.883  13.934  -3.109  1.00 51.35  ? 115 CYS A SG    1 
ATOM   785  N  N     . PRO A 1 116 ? 0.779   14.475  -0.885  1.00 55.53  ? 116 PRO A N     1 
ATOM   786  C  CA    . PRO A 1 116 ? 1.673   14.658  0.268   1.00 55.90  ? 116 PRO A CA    1 
ATOM   787  C  C     . PRO A 1 116 ? 1.819   16.143  0.603   1.00 56.45  ? 116 PRO A C     1 
ATOM   788  O  O     . PRO A 1 116 ? 1.046   16.967  0.062   1.00 55.97  ? 116 PRO A O     1 
ATOM   789  C  CB    . PRO A 1 116 ? 3.002   14.054  -0.229  1.00 55.83  ? 116 PRO A CB    1 
ATOM   790  C  CG    . PRO A 1 116 ? 2.988   14.293  -1.731  1.00 55.48  ? 116 PRO A CG    1 
ATOM   791  C  CD    . PRO A 1 116 ? 1.527   14.452  -2.162  1.00 55.53  ? 116 PRO A CD    1 
ATOM   792  N  N     . ASN A 1 117 ? 2.777   16.472  1.484   1.00 57.26  ? 117 ASN A N     1 
ATOM   793  C  CA    . ASN A 1 117 ? 3.162   17.868  1.741   1.00 58.54  ? 117 ASN A CA    1 
ATOM   794  C  C     . ASN A 1 117 ? 3.692   18.465  0.476   1.00 58.38  ? 117 ASN A C     1 
ATOM   795  O  O     . ASN A 1 117 ? 4.336   17.782  -0.306  1.00 59.90  ? 117 ASN A O     1 
ATOM   796  C  CB    . ASN A 1 117 ? 4.338   17.977  2.694   1.00 59.35  ? 117 ASN A CB    1 
ATOM   797  C  CG    . ASN A 1 117 ? 4.197   17.124  3.886   1.00 63.23  ? 117 ASN A CG    1 
ATOM   798  O  OD1   . ASN A 1 117 ? 3.265   17.316  4.685   1.00 67.63  ? 117 ASN A OD1   1 
ATOM   799  N  ND2   . ASN A 1 117 ? 5.138   16.171  4.056   1.00 65.11  ? 117 ASN A ND2   1 
ATOM   800  N  N     . THR A 1 118 ? 3.514   19.757  0.309   1.00 57.98  ? 118 THR A N     1 
ATOM   801  C  CA    . THR A 1 118 ? 4.059   20.430  -0.841  1.00 57.39  ? 118 THR A CA    1 
ATOM   802  C  C     . THR A 1 118 ? 5.518   20.068  -1.146  1.00 57.71  ? 118 THR A C     1 
ATOM   803  O  O     . THR A 1 118 ? 5.891   19.866  -2.321  1.00 57.80  ? 118 THR A O     1 
ATOM   804  C  CB    . THR A 1 118 ? 3.933   21.919  -0.667  1.00 56.99  ? 118 THR A CB    1 
ATOM   805  O  OG1   . THR A 1 118 ? 2.634   22.220  -0.149  1.00 56.14  ? 118 THR A OG1   1 
ATOM   806  C  CG2   . THR A 1 118 ? 4.109   22.587  -1.987  1.00 56.74  ? 118 THR A CG2   1 
ATOM   807  N  N     . TRP A 1 119 ? 6.348   19.975  -0.111  1.00 57.79  ? 119 TRP A N     1 
ATOM   808  C  CA    . TRP A 1 119 ? 7.770   19.712  -0.345  1.00 58.31  ? 119 TRP A CA    1 
ATOM   809  C  C     . TRP A 1 119 ? 8.057   18.304  -0.880  1.00 58.00  ? 119 TRP A C     1 
ATOM   810  O  O     . TRP A 1 119 ? 8.946   18.107  -1.706  1.00 57.90  ? 119 TRP A O     1 
ATOM   811  C  CB    . TRP A 1 119 ? 8.634   19.996  0.885   1.00 58.38  ? 119 TRP A CB    1 
ATOM   812  C  CG    . TRP A 1 119 ? 10.058  19.718  0.549   1.00 61.23  ? 119 TRP A CG    1 
ATOM   813  C  CD1   . TRP A 1 119 ? 10.831  18.689  1.020   1.00 62.91  ? 119 TRP A CD1   1 
ATOM   814  C  CD2   . TRP A 1 119 ? 10.870  20.427  -0.404  1.00 62.75  ? 119 TRP A CD2   1 
ATOM   815  N  NE1   . TRP A 1 119 ? 12.080  18.738  0.448   1.00 63.89  ? 119 TRP A NE1   1 
ATOM   816  C  CE2   . TRP A 1 119 ? 12.133  19.796  -0.426  1.00 63.47  ? 119 TRP A CE2   1 
ATOM   817  C  CE3   . TRP A 1 119 ? 10.655  21.548  -1.225  1.00 64.74  ? 119 TRP A CE3   1 
ATOM   818  C  CZ2   . TRP A 1 119 ? 13.183  20.242  -1.243  1.00 64.43  ? 119 TRP A CZ2   1 
ATOM   819  C  CZ3   . TRP A 1 119 ? 11.696  21.996  -2.041  1.00 66.73  ? 119 TRP A CZ3   1 
ATOM   820  C  CH2   . TRP A 1 119 ? 12.950  21.340  -2.040  1.00 66.86  ? 119 TRP A CH2   1 
ATOM   821  N  N     . THR A 1 120 ? 7.309   17.330  -0.379  1.00 57.70  ? 120 THR A N     1 
ATOM   822  C  CA    . THR A 1 120 ? 7.401   15.981  -0.865  1.00 57.67  ? 120 THR A CA    1 
ATOM   823  C  C     . THR A 1 120 ? 6.953   15.974  -2.311  1.00 57.79  ? 120 THR A C     1 
ATOM   824  O  O     . THR A 1 120 ? 7.527   15.277  -3.127  1.00 58.92  ? 120 THR A O     1 
ATOM   825  C  CB    . THR A 1 120 ? 6.455   15.084  -0.084  1.00 58.35  ? 120 THR A CB    1 
ATOM   826  O  OG1   . THR A 1 120 ? 6.631   15.310  1.324   1.00 59.42  ? 120 THR A OG1   1 
ATOM   827  C  CG2   . THR A 1 120 ? 6.653   13.618  -0.449  1.00 55.97  ? 120 THR A CG2   1 
ATOM   828  N  N     . HIS A 1 121 ? 5.931   16.748  -2.646  1.00 57.40  ? 121 HIS A N     1 
ATOM   829  C  CA    . HIS A 1 121 ? 5.433   16.731  -4.013  1.00 57.45  ? 121 HIS A CA    1 
ATOM   830  C  C     . HIS A 1 121 ? 6.497   17.259  -4.939  1.00 58.02  ? 121 HIS A C     1 
ATOM   831  O  O     . HIS A 1 121 ? 6.792   16.641  -5.968  1.00 58.80  ? 121 HIS A O     1 
ATOM   832  C  CB    . HIS A 1 121 ? 4.154   17.555  -4.180  1.00 57.03  ? 121 HIS A CB    1 
ATOM   833  C  CG    . HIS A 1 121 ? 3.526   17.420  -5.536  1.00 55.98  ? 121 HIS A CG    1 
ATOM   834  N  ND1   . HIS A 1 121 ? 3.428   18.471  -6.424  1.00 54.53  ? 121 HIS A ND1   1 
ATOM   835  C  CD2   . HIS A 1 121 ? 2.972   16.353  -6.158  1.00 54.54  ? 121 HIS A CD2   1 
ATOM   836  C  CE1   . HIS A 1 121 ? 2.839   18.058  -7.530  1.00 53.23  ? 121 HIS A CE1   1 
ATOM   837  N  NE2   . HIS A 1 121 ? 2.546   16.779  -7.393  1.00 54.66  ? 121 HIS A NE2   1 
ATOM   838  N  N     . ILE A 1 122 ? 7.067   18.402  -4.571  1.00 58.19  ? 122 ILE A N     1 
ATOM   839  C  CA    . ILE A 1 122 ? 8.112   19.033  -5.356  1.00 58.20  ? 122 ILE A CA    1 
ATOM   840  C  C     . ILE A 1 122 ? 9.288   18.110  -5.592  1.00 59.11  ? 122 ILE A C     1 
ATOM   841  O  O     . ILE A 1 122 ? 9.852   18.106  -6.691  1.00 59.75  ? 122 ILE A O     1 
ATOM   842  C  CB    . ILE A 1 122 ? 8.632   20.285  -4.684  1.00 58.04  ? 122 ILE A CB    1 
ATOM   843  C  CG1   . ILE A 1 122 ? 7.568   21.384  -4.782  1.00 56.93  ? 122 ILE A CG1   1 
ATOM   844  C  CG2   . ILE A 1 122 ? 9.960   20.709  -5.317  1.00 57.01  ? 122 ILE A CG2   1 
ATOM   845  C  CD1   . ILE A 1 122 ? 7.868   22.644  -3.957  1.00 56.68  ? 122 ILE A CD1   1 
ATOM   846  N  N     . GLU A 1 123 ? 9.663   17.321  -4.588  1.00 59.57  ? 123 GLU A N     1 
ATOM   847  C  CA    . GLU A 1 123 ? 10.772  16.395  -4.797  1.00 60.46  ? 123 GLU A CA    1 
ATOM   848  C  C     . GLU A 1 123 ? 10.446  15.273  -5.777  1.00 59.89  ? 123 GLU A C     1 
ATOM   849  O  O     . GLU A 1 123 ? 11.341  14.729  -6.407  1.00 60.53  ? 123 GLU A O     1 
ATOM   850  C  CB    . GLU A 1 123 ? 11.362  15.881  -3.482  1.00 60.68  ? 123 GLU A CB    1 
ATOM   851  C  CG    . GLU A 1 123 ? 12.503  16.780  -3.001  1.00 63.94  ? 123 GLU A CG    1 
ATOM   852  C  CD    . GLU A 1 123 ? 13.198  16.264  -1.741  1.00 68.44  ? 123 GLU A CD    1 
ATOM   853  O  OE1   . GLU A 1 123 ? 12.734  15.269  -1.137  1.00 70.06  ? 123 GLU A OE1   1 
ATOM   854  O  OE2   . GLU A 1 123 ? 14.225  16.864  -1.350  1.00 70.62  ? 123 GLU A OE2   1 
ATOM   855  N  N     . THR A 1 124 ? 9.173   14.937  -5.900  1.00 59.37  ? 124 THR A N     1 
ATOM   856  C  CA    . THR A 1 124 ? 8.722   14.039  -6.951  1.00 59.50  ? 124 THR A CA    1 
ATOM   857  C  C     . THR A 1 124 ? 8.785   14.654  -8.349  1.00 60.46  ? 124 THR A C     1 
ATOM   858  O  O     . THR A 1 124 ? 9.176   13.987  -9.327  1.00 60.24  ? 124 THR A O     1 
ATOM   859  C  CB    . THR A 1 124 ? 7.315   13.631  -6.682  1.00 58.90  ? 124 THR A CB    1 
ATOM   860  O  OG1   . THR A 1 124 ? 7.354   12.711  -5.611  1.00 58.29  ? 124 THR A OG1   1 
ATOM   861  C  CG2   . THR A 1 124 ? 6.719   12.947  -7.868  1.00 58.45  ? 124 THR A CG2   1 
ATOM   862  N  N     . ILE A 1 125 ? 8.359   15.912  -8.457  1.00 61.03  ? 125 ILE A N     1 
ATOM   863  C  CA    . ILE A 1 125 ? 8.557   16.610  -9.703  1.00 61.98  ? 125 ILE A CA    1 
ATOM   864  C  C     . ILE A 1 125 ? 10.064  16.656  -9.986  1.00 62.98  ? 125 ILE A C     1 
ATOM   865  O  O     . ILE A 1 125 ? 10.504  16.373  -11.102 1.00 62.88  ? 125 ILE A O     1 
ATOM   866  C  CB    . ILE A 1 125 ? 8.028   18.027  -9.665  1.00 61.34  ? 125 ILE A CB    1 
ATOM   867  C  CG1   . ILE A 1 125 ? 6.497   18.028  -9.723  1.00 60.11  ? 125 ILE A CG1   1 
ATOM   868  C  CG2   . ILE A 1 125 ? 8.619   18.800  -10.838 1.00 62.15  ? 125 ILE A CG2   1 
ATOM   869  C  CD1   . ILE A 1 125 ? 5.892   19.328  -9.359  1.00 55.70  ? 125 ILE A CD1   1 
ATOM   870  N  N     . LYS A 1 126 ? 10.847  16.986  -8.962  1.00 63.75  ? 126 LYS A N     1 
ATOM   871  C  CA    . LYS A 1 126 ? 12.271  17.159  -9.157  1.00 64.34  ? 126 LYS A CA    1 
ATOM   872  C  C     . LYS A 1 126 ? 12.931  15.907  -9.722  1.00 64.40  ? 126 LYS A C     1 
ATOM   873  O  O     . LYS A 1 126 ? 13.643  16.012  -10.720 1.00 64.56  ? 126 LYS A O     1 
ATOM   874  C  CB    . LYS A 1 126 ? 12.964  17.653  -7.900  1.00 64.50  ? 126 LYS A CB    1 
ATOM   875  C  CG    . LYS A 1 126 ? 12.962  19.180  -7.773  1.00 66.31  ? 126 LYS A CG    1 
ATOM   876  C  CD    . LYS A 1 126 ? 14.156  19.711  -6.915  1.00 70.18  ? 126 LYS A CD    1 
ATOM   877  C  CE    . LYS A 1 126 ? 14.302  18.965  -5.578  1.00 72.97  ? 126 LYS A CE    1 
ATOM   878  N  NZ    . LYS A 1 126 ? 14.926  19.776  -4.471  1.00 75.95  ? 126 LYS A NZ    1 
ATOM   879  N  N     . THR A 1 127 ? 12.666  14.741  -9.135  1.00 63.99  ? 127 THR A N     1 
ATOM   880  C  CA    . THR A 1 127 ? 13.365  13.514  -9.537  1.00 63.99  ? 127 THR A CA    1 
ATOM   881  C  C     . THR A 1 127 ? 12.644  12.673  -10.592 1.00 64.01  ? 127 THR A C     1 
ATOM   882  O  O     . THR A 1 127 ? 13.255  11.794  -11.188 1.00 64.06  ? 127 THR A O     1 
ATOM   883  C  CB    . THR A 1 127 ? 13.643  12.565  -8.348  1.00 64.11  ? 127 THR A CB    1 
ATOM   884  O  OG1   . THR A 1 127 ? 12.463  11.805  -8.081  1.00 62.90  ? 127 THR A OG1   1 
ATOM   885  C  CG2   . THR A 1 127 ? 14.077  13.320  -7.096  1.00 64.52  ? 127 THR A CG2   1 
ATOM   886  N  N     . GLY A 1 128 ? 11.347  12.899  -10.783 1.00 63.99  ? 128 GLY A N     1 
ATOM   887  C  CA    . GLY A 1 128 ? 10.579  12.182  -11.792 1.00 64.05  ? 128 GLY A CA    1 
ATOM   888  C  C     . GLY A 1 128 ? 10.266  10.751  -11.421 1.00 64.96  ? 128 GLY A C     1 
ATOM   889  O  O     . GLY A 1 128 ? 9.631   10.041  -12.195 1.00 64.80  ? 128 GLY A O     1 
ATOM   890  N  N     . LYS A 1 129 ? 10.708  10.321  -10.238 1.00 65.94  ? 129 LYS A N     1 
ATOM   891  C  CA    . LYS A 1 129 ? 10.600  8.912   -9.806  1.00 67.31  ? 129 LYS A CA    1 
ATOM   892  C  C     . LYS A 1 129 ? 9.970   8.798   -8.428  1.00 67.09  ? 129 LYS A C     1 
ATOM   893  O  O     . LYS A 1 129 ? 10.281  9.585   -7.551  1.00 67.33  ? 129 LYS A O     1 
ATOM   894  C  CB    . LYS A 1 129 ? 11.978  8.214   -9.758  1.00 67.85  ? 129 LYS A CB    1 
ATOM   895  C  CG    . LYS A 1 129 ? 12.676  8.076   -11.118 1.00 71.06  ? 129 LYS A CG    1 
ATOM   896  C  CD    . LYS A 1 129 ? 13.611  6.856   -11.231 1.00 75.21  ? 129 LYS A CD    1 
ATOM   897  C  CE    . LYS A 1 129 ? 14.449  6.604   -9.974  1.00 77.68  ? 129 LYS A CE    1 
ATOM   898  N  NZ    . LYS A 1 129 ? 15.478  7.658   -9.735  1.00 80.73  ? 129 LYS A NZ    1 
ATOM   899  N  N     . PRO A 1 130 ? 9.098   7.798   -8.231  1.00 67.24  ? 130 PRO A N     1 
ATOM   900  C  CA    . PRO A 1 130 ? 8.475   7.507   -6.926  1.00 67.08  ? 130 PRO A CA    1 
ATOM   901  C  C     . PRO A 1 130 ? 9.457   6.862   -5.936  1.00 66.91  ? 130 PRO A C     1 
ATOM   902  O  O     . PRO A 1 130 ? 10.275  6.044   -6.349  1.00 67.54  ? 130 PRO A O     1 
ATOM   903  C  CB    . PRO A 1 130 ? 7.370   6.496   -7.284  1.00 67.36  ? 130 PRO A CB    1 
ATOM   904  C  CG    . PRO A 1 130 ? 7.292   6.490   -8.809  1.00 67.33  ? 130 PRO A CG    1 
ATOM   905  C  CD    . PRO A 1 130 ? 8.655   6.856   -9.273  1.00 67.04  ? 130 PRO A CD    1 
ATOM   906  N  N     . LYS A 1 131 ? 9.377   7.192   -4.649  1.00 66.38  ? 131 LYS A N     1 
ATOM   907  C  CA    . LYS A 1 131 ? 10.274  6.576   -3.655  1.00 66.19  ? 131 LYS A CA    1 
ATOM   908  C  C     . LYS A 1 131 ? 10.286  5.027   -3.668  1.00 65.67  ? 131 LYS A C     1 
ATOM   909  O  O     . LYS A 1 131 ? 9.239   4.383   -3.876  1.00 65.06  ? 131 LYS A O     1 
ATOM   910  C  CB    . LYS A 1 131 ? 9.973   7.122   -2.266  1.00 66.55  ? 131 LYS A CB    1 
ATOM   911  C  CG    . LYS A 1 131 ? 10.469  8.534   -2.119  1.00 67.75  ? 131 LYS A CG    1 
ATOM   912  C  CD    . LYS A 1 131 ? 9.968   9.176   -0.852  1.00 70.97  ? 131 LYS A CD    1 
ATOM   913  C  CE    . LYS A 1 131 ? 10.867  10.376  -0.508  1.00 73.03  ? 131 LYS A CE    1 
ATOM   914  N  NZ    . LYS A 1 131 ? 10.328  11.154  0.640   1.00 75.53  ? 131 LYS A NZ    1 
ATOM   915  N  N     . PRO A 1 132 ? 11.469  4.415   -3.446  1.00 65.17  ? 132 PRO A N     1 
ATOM   916  C  CA    . PRO A 1 132 ? 11.437  2.964   -3.618  1.00 64.80  ? 132 PRO A CA    1 
ATOM   917  C  C     . PRO A 1 132 ? 10.325  2.324   -2.790  1.00 64.24  ? 132 PRO A C     1 
ATOM   918  O  O     . PRO A 1 132 ? 9.763   1.319   -3.226  1.00 64.50  ? 132 PRO A O     1 
ATOM   919  C  CB    . PRO A 1 132 ? 12.835  2.505   -3.160  1.00 64.71  ? 132 PRO A CB    1 
ATOM   920  C  CG    . PRO A 1 132 ? 13.693  3.696   -3.318  1.00 64.88  ? 132 PRO A CG    1 
ATOM   921  C  CD    . PRO A 1 132 ? 12.797  4.888   -3.006  1.00 65.06  ? 132 PRO A CD    1 
ATOM   922  N  N     . GLU A 1 133 ? 9.968   2.897   -1.638  1.00 63.32  ? 133 GLU A N     1 
ATOM   923  C  CA    . GLU A 1 133 ? 8.894   2.268   -0.858  1.00 62.82  ? 133 GLU A CA    1 
ATOM   924  C  C     . GLU A 1 133 ? 7.553   2.255   -1.603  1.00 61.64  ? 133 GLU A C     1 
ATOM   925  O  O     . GLU A 1 133 ? 6.742   1.357   -1.409  1.00 61.27  ? 133 GLU A O     1 
ATOM   926  C  CB    . GLU A 1 133 ? 8.744   2.834   0.553   1.00 62.82  ? 133 GLU A CB    1 
ATOM   927  C  CG    . GLU A 1 133 ? 7.974   4.125   0.666   1.00 66.79  ? 133 GLU A CG    1 
ATOM   928  C  CD    . GLU A 1 133 ? 8.823   5.277   1.199   1.00 72.19  ? 133 GLU A CD    1 
ATOM   929  O  OE1   . GLU A 1 133 ? 9.998   5.457   0.749   1.00 75.39  ? 133 GLU A OE1   1 
ATOM   930  O  OE2   . GLU A 1 133 ? 8.302   6.005   2.075   1.00 72.72  ? 133 GLU A OE2   1 
ATOM   931  N  N     . TYR A 1 134 ? 7.341   3.223   -2.493  1.00 60.27  ? 134 TYR A N     1 
ATOM   932  C  CA    . TYR A 1 134 ? 6.117   3.242   -3.284  1.00 58.43  ? 134 TYR A CA    1 
ATOM   933  C  C     . TYR A 1 134 ? 6.192   2.293   -4.458  1.00 58.05  ? 134 TYR A C     1 
ATOM   934  O  O     . TYR A 1 134 ? 5.170   1.716   -4.846  1.00 57.78  ? 134 TYR A O     1 
ATOM   935  C  CB    . TYR A 1 134 ? 5.783   4.647   -3.731  1.00 57.93  ? 134 TYR A CB    1 
ATOM   936  C  CG    . TYR A 1 134 ? 5.507   5.535   -2.573  1.00 55.98  ? 134 TYR A CG    1 
ATOM   937  C  CD1   . TYR A 1 134 ? 4.907   5.027   -1.440  1.00 52.11  ? 134 TYR A CD1   1 
ATOM   938  C  CD2   . TYR A 1 134 ? 5.853   6.895   -2.604  1.00 55.95  ? 134 TYR A CD2   1 
ATOM   939  C  CE1   . TYR A 1 134 ? 4.649   5.819   -0.372  1.00 52.53  ? 134 TYR A CE1   1 
ATOM   940  C  CE2   . TYR A 1 134 ? 5.592   7.725   -1.515  1.00 53.60  ? 134 TYR A CE2   1 
ATOM   941  C  CZ    . TYR A 1 134 ? 4.977   7.165   -0.403  1.00 53.94  ? 134 TYR A CZ    1 
ATOM   942  O  OH    . TYR A 1 134 ? 4.681   7.929   0.697   1.00 55.10  ? 134 TYR A OH    1 
ATOM   943  N  N     . ILE A 1 135 ? 7.401   2.128   -5.011  1.00 57.67  ? 135 ILE A N     1 
ATOM   944  C  CA    . ILE A 1 135 ? 7.666   1.078   -6.007  1.00 56.97  ? 135 ILE A CA    1 
ATOM   945  C  C     . ILE A 1 135 ? 7.240   -0.252  -5.417  1.00 56.55  ? 135 ILE A C     1 
ATOM   946  O  O     . ILE A 1 135 ? 6.443   -0.973  -6.010  1.00 56.71  ? 135 ILE A O     1 
ATOM   947  C  CB    . ILE A 1 135 ? 9.169   1.002   -6.454  1.00 57.23  ? 135 ILE A CB    1 
ATOM   948  C  CG1   . ILE A 1 135 ? 9.606   2.285   -7.178  1.00 55.98  ? 135 ILE A CG1   1 
ATOM   949  C  CG2   . ILE A 1 135 ? 9.421   -0.258  -7.299  1.00 56.90  ? 135 ILE A CG2   1 
ATOM   950  C  CD1   . ILE A 1 135 ? 8.790   2.633   -8.412  1.00 55.47  ? 135 ILE A CD1   1 
ATOM   951  N  N     . LYS A 1 136 ? 7.728   -0.557  -4.227  1.00 55.80  ? 136 LYS A N     1 
ATOM   952  C  CA    . LYS A 1 136 ? 7.325   -1.803  -3.614  1.00 56.00  ? 136 LYS A CA    1 
ATOM   953  C  C     . LYS A 1 136 ? 5.806   -1.897  -3.474  1.00 55.72  ? 136 LYS A C     1 
ATOM   954  O  O     . LYS A 1 136 ? 5.214   -2.955  -3.725  1.00 55.89  ? 136 LYS A O     1 
ATOM   955  C  CB    . LYS A 1 136 ? 8.010   -1.986  -2.262  1.00 56.49  ? 136 LYS A CB    1 
ATOM   956  C  CG    . LYS A 1 136 ? 9.488   -2.358  -2.359  1.00 57.06  ? 136 LYS A CG    1 
ATOM   957  C  CD    . LYS A 1 136 ? 10.050  -2.594  -0.962  1.00 59.12  ? 136 LYS A CD    1 
ATOM   958  C  CE    . LYS A 1 136 ? 11.543  -2.777  -1.024  1.00 60.13  ? 136 LYS A CE    1 
ATOM   959  N  NZ    . LYS A 1 136 ? 12.131  -1.592  -1.726  1.00 61.65  ? 136 LYS A NZ    1 
ATOM   960  N  N     . GLN A 1 137 ? 5.178   -0.784  -3.102  1.00 55.24  ? 137 GLN A N     1 
ATOM   961  C  CA    . GLN A 1 137 ? 3.750   -0.770  -2.818  1.00 54.97  ? 137 GLN A CA    1 
ATOM   962  C  C     . GLN A 1 137 ? 2.946   -1.078  -4.067  1.00 55.65  ? 137 GLN A C     1 
ATOM   963  O  O     . GLN A 1 137 ? 1.976   -1.858  -4.043  1.00 55.41  ? 137 GLN A O     1 
ATOM   964  C  CB    . GLN A 1 137 ? 3.331   0.580   -2.300  1.00 54.07  ? 137 GLN A CB    1 
ATOM   965  C  CG    . GLN A 1 137 ? 1.845   0.669   -2.211  1.00 54.72  ? 137 GLN A CG    1 
ATOM   966  C  CD    . GLN A 1 137 ? 1.371   2.032   -1.813  1.00 54.33  ? 137 GLN A CD    1 
ATOM   967  O  OE1   . GLN A 1 137 ? 2.089   3.029   -1.953  1.00 54.22  ? 137 GLN A OE1   1 
ATOM   968  N  NE2   . GLN A 1 137 ? 0.163   2.088   -1.297  1.00 52.71  ? 137 GLN A NE2   1 
ATOM   969  N  N     . MET A 1 138 ? 3.367   -0.455  -5.163  1.00 55.92  ? 138 MET A N     1 
ATOM   970  C  CA    . MET A 1 138 ? 2.727   -0.684  -6.447  1.00 56.41  ? 138 MET A CA    1 
ATOM   971  C  C     . MET A 1 138 ? 2.994   -2.074  -6.988  1.00 56.59  ? 138 MET A C     1 
ATOM   972  O  O     . MET A 1 138 ? 2.050   -2.765  -7.386  1.00 57.05  ? 138 MET A O     1 
ATOM   973  C  CB    . MET A 1 138 ? 3.094   0.408   -7.446  1.00 56.43  ? 138 MET A CB    1 
ATOM   974  C  CG    . MET A 1 138 ? 2.553   1.748   -7.000  1.00 56.48  ? 138 MET A CG    1 
ATOM   975  S  SD    . MET A 1 138 ? 2.885   3.132   -8.068  1.00 57.67  ? 138 MET A SD    1 
ATOM   976  C  CE    . MET A 1 138 ? 4.651   3.393   -7.807  1.00 56.90  ? 138 MET A CE    1 
ATOM   977  N  N     . GLN A 1 139 ? 4.259   -2.505  -6.969  1.00 56.34  ? 139 GLN A N     1 
ATOM   978  C  CA    . GLN A 1 139 ? 4.582   -3.866  -7.390  1.00 55.70  ? 139 GLN A CA    1 
ATOM   979  C  C     . GLN A 1 139 ? 3.710   -4.846  -6.640  1.00 55.29  ? 139 GLN A C     1 
ATOM   980  O  O     . GLN A 1 139 ? 3.246   -5.821  -7.227  1.00 55.63  ? 139 GLN A O     1 
ATOM   981  C  CB    . GLN A 1 139 ? 6.051   -4.196  -7.174  1.00 55.44  ? 139 GLN A CB    1 
ATOM   982  C  CG    . GLN A 1 139 ? 6.999   -3.399  -8.047  1.00 56.58  ? 139 GLN A CG    1 
ATOM   983  C  CD    . GLN A 1 139 ? 6.813   -3.622  -9.556  1.00 58.12  ? 139 GLN A CD    1 
ATOM   984  O  OE1   . GLN A 1 139 ? 6.092   -4.529  -9.999  1.00 59.42  ? 139 GLN A OE1   1 
ATOM   985  N  NE2   . GLN A 1 139 ? 7.479   -2.782  -10.354 1.00 58.40  ? 139 GLN A NE2   1 
ATOM   986  N  N     . THR A 1 140 ? 3.445   -4.565  -5.361  1.00 54.74  ? 140 THR A N     1 
ATOM   987  C  CA    . THR A 1 140 ? 2.618   -5.468  -4.543  1.00 54.41  ? 140 THR A CA    1 
ATOM   988  C  C     . THR A 1 140 ? 1.171   -5.449  -4.990  1.00 54.76  ? 140 THR A C     1 
ATOM   989  O  O     . THR A 1 140 ? 0.473   -6.473  -4.948  1.00 55.04  ? 140 THR A O     1 
ATOM   990  C  CB    . THR A 1 140 ? 2.675   -5.111  -3.052  1.00 54.52  ? 140 THR A CB    1 
ATOM   991  O  OG1   . THR A 1 140 ? 4.040   -5.149  -2.597  1.00 53.34  ? 140 THR A OG1   1 
ATOM   992  C  CG2   . THR A 1 140 ? 1.823   -6.068  -2.239  1.00 52.14  ? 140 THR A CG2   1 
ATOM   993  N  N     . GLN A 1 141 ? 0.717   -4.273  -5.411  1.00 55.37  ? 141 GLN A N     1 
ATOM   994  C  CA    . GLN A 1 141 ? -0.618  -4.136  -5.987  1.00 55.54  ? 141 GLN A CA    1 
ATOM   995  C  C     . GLN A 1 141 ? -0.757  -4.990  -7.260  1.00 55.66  ? 141 GLN A C     1 
ATOM   996  O  O     . GLN A 1 141 ? -1.715  -5.754  -7.399  1.00 54.02  ? 141 GLN A O     1 
ATOM   997  C  CB    . GLN A 1 141 ? -0.911  -2.680  -6.284  1.00 55.33  ? 141 GLN A CB    1 
ATOM   998  C  CG    . GLN A 1 141 ? -0.990  -1.821  -5.043  1.00 55.44  ? 141 GLN A CG    1 
ATOM   999  C  CD    . GLN A 1 141 ? -0.898  -0.342  -5.371  1.00 53.98  ? 141 GLN A CD    1 
ATOM   1000 O  OE1   . GLN A 1 141 ? -1.307  0.493   -4.587  1.00 55.74  ? 141 GLN A OE1   1 
ATOM   1001 N  NE2   . GLN A 1 141 ? -0.359  -0.015  -6.533  1.00 52.07  ? 141 GLN A NE2   1 
ATOM   1002 N  N     . MET A 1 142 ? 0.223   -4.875  -8.159  1.00 56.72  ? 142 MET A N     1 
ATOM   1003 C  CA    . MET A 1 142 ? 0.227   -5.640  -9.412  1.00 58.04  ? 142 MET A CA    1 
ATOM   1004 C  C     . MET A 1 142 ? 0.249   -7.131  -9.096  1.00 59.19  ? 142 MET A C     1 
ATOM   1005 O  O     . MET A 1 142 ? -0.494  -7.917  -9.712  1.00 59.66  ? 142 MET A O     1 
ATOM   1006 C  CB    . MET A 1 142 ? 1.405   -5.266  -10.277 1.00 57.54  ? 142 MET A CB    1 
ATOM   1007 C  CG    . MET A 1 142 ? 1.688   -3.810  -10.269 1.00 58.00  ? 142 MET A CG    1 
ATOM   1008 S  SD    . MET A 1 142 ? 2.397   -3.286  -11.825 1.00 59.60  ? 142 MET A SD    1 
ATOM   1009 C  CE    . MET A 1 142 ? 3.787   -2.303  -11.263 1.00 59.05  ? 142 MET A CE    1 
ATOM   1010 N  N     . ALA A 1 143 ? 1.041   -7.497  -8.087  1.00 59.78  ? 143 ALA A N     1 
ATOM   1011 C  CA    . ALA A 1 143 ? 1.091   -8.861  -7.617  1.00 60.32  ? 143 ALA A CA    1 
ATOM   1012 C  C     . ALA A 1 143 ? -0.238  -9.354  -7.106  1.00 61.33  ? 143 ALA A C     1 
ATOM   1013 O  O     . ALA A 1 143 ? -0.574  -10.490 -7.333  1.00 62.42  ? 143 ALA A O     1 
ATOM   1014 C  CB    . ALA A 1 143 ? 2.160   -9.041  -6.593  1.00 59.82  ? 143 ALA A CB    1 
ATOM   1015 N  N     . CYS A 1 144 ? -1.022  -8.537  -6.422  1.00 63.01  ? 144 CYS A N     1 
ATOM   1016 C  CA    . CYS A 1 144 ? -2.321  -9.053  -5.930  1.00 64.30  ? 144 CYS A CA    1 
ATOM   1017 C  C     . CYS A 1 144 ? -3.422  -9.030  -6.983  1.00 65.39  ? 144 CYS A C     1 
ATOM   1018 O  O     . CYS A 1 144 ? -4.398  -9.783  -6.905  1.00 66.25  ? 144 CYS A O     1 
ATOM   1019 C  CB    . CYS A 1 144 ? -2.798  -8.256  -4.732  1.00 64.58  ? 144 CYS A CB    1 
ATOM   1020 S  SG    . CYS A 1 144 ? -1.677  -8.356  -3.389  1.00 63.93  ? 144 CYS A SG    1 
ATOM   1021 N  N     . THR A 1 145 ? -3.266  -8.152  -7.965  1.00 66.11  ? 145 THR A N     1 
ATOM   1022 C  CA    . THR A 1 145 ? -4.292  -7.938  -8.968  1.00 66.38  ? 145 THR A CA    1 
ATOM   1023 C  C     . THR A 1 145 ? -3.912  -8.573  -10.311 1.00 66.82  ? 145 THR A C     1 
ATOM   1024 O  O     . THR A 1 145 ? -4.725  -8.603  -11.225 1.00 66.63  ? 145 THR A O     1 
ATOM   1025 C  CB    . THR A 1 145 ? -4.542  -6.434  -9.155  1.00 66.00  ? 145 THR A CB    1 
ATOM   1026 O  OG1   . THR A 1 145 ? -3.316  -5.795  -9.518  1.00 66.08  ? 145 THR A OG1   1 
ATOM   1027 C  CG2   . THR A 1 145 ? -5.037  -5.822  -7.866  1.00 66.22  ? 145 THR A CG2   1 
ATOM   1028 N  N     . GLY A 1 146 ? -2.683  -9.076  -10.422 1.00 66.99  ? 146 GLY A N     1 
ATOM   1029 C  CA    . GLY A 1 146 ? -2.198  -9.595  -11.681 1.00 67.26  ? 146 GLY A CA    1 
ATOM   1030 C  C     . GLY A 1 146 ? -2.263  -8.527  -12.765 1.00 68.05  ? 146 GLY A C     1 
ATOM   1031 O  O     . GLY A 1 146 ? -2.331  -8.851  -13.945 1.00 68.87  ? 146 GLY A O     1 
ATOM   1032 N  N     . ARG A 1 147 ? -2.236  -7.251  -12.386 1.00 67.86  ? 147 ARG A N     1 
ATOM   1033 C  CA    . ARG A 1 147 ? -2.223  -6.164  -13.366 1.00 67.53  ? 147 ARG A CA    1 
ATOM   1034 C  C     . ARG A 1 147 ? -0.831  -5.897  -13.930 1.00 67.39  ? 147 ARG A C     1 
ATOM   1035 O  O     . ARG A 1 147 ? 0.175   -6.376  -13.406 1.00 67.18  ? 147 ARG A O     1 
ATOM   1036 C  CB    . ARG A 1 147 ? -2.795  -4.899  -12.746 1.00 67.91  ? 147 ARG A CB    1 
ATOM   1037 C  CG    . ARG A 1 147 ? -4.266  -5.016  -12.437 1.00 67.56  ? 147 ARG A CG    1 
ATOM   1038 C  CD    . ARG A 1 147 ? -5.030  -4.395  -13.538 1.00 68.43  ? 147 ARG A CD    1 
ATOM   1039 N  NE    . ARG A 1 147 ? -6.447  -4.696  -13.457 1.00 68.74  ? 147 ARG A NE    1 
ATOM   1040 C  CZ    . ARG A 1 147 ? -7.395  -3.961  -14.027 1.00 67.91  ? 147 ARG A CZ    1 
ATOM   1041 N  NH1   . ARG A 1 147 ? -7.075  -2.855  -14.709 1.00 65.72  ? 147 ARG A NH1   1 
ATOM   1042 N  NH2   . ARG A 1 147 ? -8.665  -4.327  -13.894 1.00 67.22  ? 147 ARG A NH2   1 
ATOM   1043 N  N     . GLN A 1 148 ? -0.770  -5.113  -14.993 1.00 67.24  ? 148 GLN A N     1 
ATOM   1044 C  CA    . GLN A 1 148 ? 0.459   -5.029  -15.762 1.00 67.54  ? 148 GLN A CA    1 
ATOM   1045 C  C     . GLN A 1 148 ? 1.287   -3.746  -15.555 1.00 67.40  ? 148 GLN A C     1 
ATOM   1046 O  O     . GLN A 1 148 ? 2.506   -3.732  -15.798 1.00 67.52  ? 148 GLN A O     1 
ATOM   1047 C  CB    . GLN A 1 148 ? 0.149   -5.281  -17.248 1.00 68.15  ? 148 GLN A CB    1 
ATOM   1048 C  CG    . GLN A 1 148 ? -0.568  -6.609  -17.503 1.00 70.03  ? 148 GLN A CG    1 
ATOM   1049 C  CD    . GLN A 1 148 ? 0.145   -7.790  -16.832 1.00 73.86  ? 148 GLN A CD    1 
ATOM   1050 O  OE1   . GLN A 1 148 ? -0.488  -8.583  -16.141 1.00 75.75  ? 148 GLN A OE1   1 
ATOM   1051 N  NE2   . GLN A 1 148 ? 1.470   -7.893  -17.013 1.00 74.64  ? 148 GLN A NE2   1 
ATOM   1052 N  N     . TRP A 1 149 ? 0.631   -2.662  -15.145 1.00 66.97  ? 149 TRP A N     1 
ATOM   1053 C  CA    . TRP A 1 149 ? 1.333   -1.401  -14.841 1.00 66.92  ? 149 TRP A CA    1 
ATOM   1054 C  C     . TRP A 1 149 ? 0.555   -0.664  -13.768 1.00 66.00  ? 149 TRP A C     1 
ATOM   1055 O  O     . TRP A 1 149 ? -0.640  -0.952  -13.508 1.00 66.41  ? 149 TRP A O     1 
ATOM   1056 C  CB    . TRP A 1 149 ? 1.519   -0.500  -16.082 1.00 67.35  ? 149 TRP A CB    1 
ATOM   1057 C  CG    . TRP A 1 149 ? 0.241   -0.300  -16.854 1.00 70.30  ? 149 TRP A CG    1 
ATOM   1058 C  CD1   . TRP A 1 149 ? -0.219  -1.064  -17.890 1.00 70.89  ? 149 TRP A CD1   1 
ATOM   1059 C  CD2   . TRP A 1 149 ? -0.777  0.687   -16.607 1.00 73.83  ? 149 TRP A CD2   1 
ATOM   1060 N  NE1   . TRP A 1 149 ? -1.447  -0.617  -18.304 1.00 72.79  ? 149 TRP A NE1   1 
ATOM   1061 C  CE2   . TRP A 1 149 ? -1.812  0.462   -17.543 1.00 73.55  ? 149 TRP A CE2   1 
ATOM   1062 C  CE3   . TRP A 1 149 ? -0.913  1.743   -15.689 1.00 74.64  ? 149 TRP A CE3   1 
ATOM   1063 C  CZ2   . TRP A 1 149 ? -2.961  1.256   -17.592 1.00 74.01  ? 149 TRP A CZ2   1 
ATOM   1064 C  CZ3   . TRP A 1 149 ? -2.060  2.530   -15.741 1.00 74.24  ? 149 TRP A CZ3   1 
ATOM   1065 C  CH2   . TRP A 1 149 ? -3.062  2.282   -16.690 1.00 74.88  ? 149 TRP A CH2   1 
ATOM   1066 N  N     . CYS A 1 150 ? 1.227   0.275   -13.122 1.00 64.06  ? 150 CYS A N     1 
ATOM   1067 C  CA    . CYS A 1 150 ? 0.509   1.174   -12.250 1.00 62.22  ? 150 CYS A CA    1 
ATOM   1068 C  C     . CYS A 1 150 ? 0.907   2.619   -12.524 1.00 61.41  ? 150 CYS A C     1 
ATOM   1069 O  O     . CYS A 1 150 ? 2.086   2.948   -12.740 1.00 61.43  ? 150 CYS A O     1 
ATOM   1070 C  CB    . CYS A 1 150 ? 0.687   0.795   -10.786 1.00 62.31  ? 150 CYS A CB    1 
ATOM   1071 S  SG    . CYS A 1 150 ? -0.125  1.930   -9.655  1.00 60.00  ? 150 CYS A SG    1 
ATOM   1072 N  N     . ASP A 1 151 ? -0.102  3.467   -12.589 1.00 60.02  ? 151 ASP A N     1 
ATOM   1073 C  CA    . ASP A 1 151 ? 0.148   4.860   -12.808 1.00 59.03  ? 151 ASP A CA    1 
ATOM   1074 C  C     . ASP A 1 151 ? 0.232   5.525   -11.466 1.00 58.31  ? 151 ASP A C     1 
ATOM   1075 O  O     . ASP A 1 151 ? -0.673  5.385   -10.622 1.00 58.07  ? 151 ASP A O     1 
ATOM   1076 C  CB    . ASP A 1 151 ? -0.935  5.479   -13.675 1.00 59.21  ? 151 ASP A CB    1 
ATOM   1077 C  CG    . ASP A 1 151 ? -0.578  5.467   -15.141 1.00 59.18  ? 151 ASP A CG    1 
ATOM   1078 O  OD1   . ASP A 1 151 ? 0.567   5.067   -15.488 1.00 60.20  ? 151 ASP A OD1   1 
ATOM   1079 O  OD2   . ASP A 1 151 ? -1.444  5.874   -15.942 1.00 57.88  ? 151 ASP A OD2   1 
ATOM   1080 N  N     . PHE A 1 152 ? 1.347   6.216   -11.273 1.00 57.17  ? 152 PHE A N     1 
ATOM   1081 C  CA    . PHE A 1 152 ? 1.636   6.823   -10.016 1.00 56.71  ? 152 PHE A CA    1 
ATOM   1082 C  C     . PHE A 1 152 ? 1.373   8.298   -10.159 1.00 56.53  ? 152 PHE A C     1 
ATOM   1083 O  O     . PHE A 1 152 ? 2.093   8.986   -10.892 1.00 57.02  ? 152 PHE A O     1 
ATOM   1084 C  CB    . PHE A 1 152 ? 3.083   6.558   -9.638  1.00 56.48  ? 152 PHE A CB    1 
ATOM   1085 C  CG    . PHE A 1 152 ? 3.538   7.295   -8.409  1.00 56.54  ? 152 PHE A CG    1 
ATOM   1086 C  CD1   . PHE A 1 152 ? 4.117   8.564   -8.514  1.00 56.48  ? 152 PHE A CD1   1 
ATOM   1087 C  CD2   . PHE A 1 152 ? 3.394   6.717   -7.138  1.00 55.75  ? 152 PHE A CD2   1 
ATOM   1088 C  CE1   . PHE A 1 152 ? 4.549   9.255   -7.355  1.00 56.39  ? 152 PHE A CE1   1 
ATOM   1089 C  CE2   . PHE A 1 152 ? 3.812   7.392   -5.990  1.00 55.62  ? 152 PHE A CE2   1 
ATOM   1090 C  CZ    . PHE A 1 152 ? 4.402   8.656   -6.092  1.00 54.11  ? 152 PHE A CZ    1 
ATOM   1091 N  N     . VAL A 1 153 ? 0.326   8.770   -9.472  1.00 56.14  ? 153 VAL A N     1 
ATOM   1092 C  CA    . VAL A 1 153 ? -0.053  10.200  -9.436  1.00 54.97  ? 153 VAL A CA    1 
ATOM   1093 C  C     . VAL A 1 153 ? 0.332   10.876  -8.149  1.00 54.17  ? 153 VAL A C     1 
ATOM   1094 O  O     . VAL A 1 153 ? 0.105   10.352  -7.070  1.00 54.21  ? 153 VAL A O     1 
ATOM   1095 C  CB    . VAL A 1 153 ? -1.576  10.404  -9.632  1.00 55.29  ? 153 VAL A CB    1 
ATOM   1096 C  CG1   . VAL A 1 153 ? -1.988  11.869  -9.350  1.00 54.88  ? 153 VAL A CG1   1 
ATOM   1097 C  CG2   . VAL A 1 153 ? -1.968  10.020  -11.045 1.00 54.53  ? 153 VAL A CG2   1 
ATOM   1098 N  N     . SER A 1 154 ? 0.926   12.049  -8.271  1.00 53.55  ? 154 SER A N     1 
ATOM   1099 C  CA    . SER A 1 154 ? 1.081   12.920  -7.135  1.00 53.09  ? 154 SER A CA    1 
ATOM   1100 C  C     . SER A 1 154 ? 0.388   14.248  -7.428  1.00 52.96  ? 154 SER A C     1 
ATOM   1101 O  O     . SER A 1 154 ? 0.447   14.781  -8.547  1.00 52.57  ? 154 SER A O     1 
ATOM   1102 C  CB    . SER A 1 154 ? 2.555   13.118  -6.821  1.00 53.29  ? 154 SER A CB    1 
ATOM   1103 O  OG    . SER A 1 154 ? 2.736   13.906  -5.649  1.00 54.75  ? 154 SER A OG    1 
ATOM   1104 N  N     . TYR A 1 155 ? -0.270  14.788  -6.410  1.00 52.93  ? 155 TYR A N     1 
ATOM   1105 C  CA    . TYR A 1 155 ? -1.131  15.927  -6.621  1.00 52.92  ? 155 TYR A CA    1 
ATOM   1106 C  C     . TYR A 1 155 ? -1.095  16.898  -5.448  1.00 52.63  ? 155 TYR A C     1 
ATOM   1107 O  O     . TYR A 1 155 ? -1.176  16.493  -4.293  1.00 52.57  ? 155 TYR A O     1 
ATOM   1108 C  CB    . TYR A 1 155 ? -2.559  15.441  -6.891  1.00 53.27  ? 155 TYR A CB    1 
ATOM   1109 C  CG    . TYR A 1 155 ? -3.513  16.559  -7.240  1.00 53.79  ? 155 TYR A CG    1 
ATOM   1110 C  CD1   . TYR A 1 155 ? -3.362  17.280  -8.428  1.00 55.22  ? 155 TYR A CD1   1 
ATOM   1111 C  CD2   . TYR A 1 155 ? -4.560  16.908  -6.374  1.00 54.51  ? 155 TYR A CD2   1 
ATOM   1112 C  CE1   . TYR A 1 155 ? -4.236  18.340  -8.748  1.00 57.01  ? 155 TYR A CE1   1 
ATOM   1113 C  CE2   . TYR A 1 155 ? -5.455  17.960  -6.672  1.00 54.98  ? 155 TYR A CE2   1 
ATOM   1114 C  CZ    . TYR A 1 155 ? -5.288  18.669  -7.861  1.00 58.12  ? 155 TYR A CZ    1 
ATOM   1115 O  OH    . TYR A 1 155 ? -6.154  19.693  -8.185  1.00 57.59  ? 155 TYR A OH    1 
ATOM   1116 N  N     . ASP A 1 156 ? -0.954  18.178  -5.751  1.00 52.32  ? 156 ASP A N     1 
ATOM   1117 C  CA    . ASP A 1 156 ? -0.993  19.185  -4.732  1.00 53.15  ? 156 ASP A CA    1 
ATOM   1118 C  C     . ASP A 1 156 ? -1.448  20.485  -5.341  1.00 53.56  ? 156 ASP A C     1 
ATOM   1119 O  O     . ASP A 1 156 ? -0.729  21.133  -6.108  1.00 53.68  ? 156 ASP A O     1 
ATOM   1120 C  CB    . ASP A 1 156 ? 0.352   19.341  -4.018  1.00 53.28  ? 156 ASP A CB    1 
ATOM   1121 C  CG    . ASP A 1 156 ? 0.333   20.429  -2.944  1.00 55.02  ? 156 ASP A CG    1 
ATOM   1122 O  OD1   . ASP A 1 156 ? -0.644  21.245  -2.883  1.00 56.49  ? 156 ASP A OD1   1 
ATOM   1123 O  OD2   . ASP A 1 156 ? 1.308   20.484  -2.158  1.00 54.22  ? 156 ASP A OD2   1 
ATOM   1124 N  N     . ASP A 1 157 ? -2.659  20.864  -4.957  1.00 54.23  ? 157 ASP A N     1 
ATOM   1125 C  CA    . ASP A 1 157 ? -3.330  22.023  -5.514  1.00 55.12  ? 157 ASP A CA    1 
ATOM   1126 C  C     . ASP A 1 157 ? -2.881  23.369  -4.951  1.00 55.49  ? 157 ASP A C     1 
ATOM   1127 O  O     . ASP A 1 157 ? -3.362  24.407  -5.407  1.00 56.02  ? 157 ASP A O     1 
ATOM   1128 C  CB    . ASP A 1 157 ? -4.839  21.876  -5.320  1.00 55.39  ? 157 ASP A CB    1 
ATOM   1129 C  CG    . ASP A 1 157 ? -5.265  21.879  -3.843  1.00 57.31  ? 157 ASP A CG    1 
ATOM   1130 O  OD1   . ASP A 1 157 ? -6.474  22.087  -3.572  1.00 61.34  ? 157 ASP A OD1   1 
ATOM   1131 O  OD2   . ASP A 1 157 ? -4.434  21.644  -2.943  1.00 59.33  ? 157 ASP A OD2   1 
ATOM   1132 N  N     . ARG A 1 158 ? -1.997  23.379  -3.953  1.00 55.37  ? 158 ARG A N     1 
ATOM   1133 C  CA    . ARG A 1 158 ? -1.557  24.655  -3.400  1.00 55.66  ? 158 ARG A CA    1 
ATOM   1134 C  C     . ARG A 1 158 ? -0.523  25.349  -4.305  1.00 56.08  ? 158 ARG A C     1 
ATOM   1135 O  O     . ARG A 1 158 ? -0.141  26.505  -4.076  1.00 56.43  ? 158 ARG A O     1 
ATOM   1136 C  CB    . ARG A 1 158 ? -1.015  24.463  -1.990  1.00 55.91  ? 158 ARG A CB    1 
ATOM   1137 C  CG    . ARG A 1 158 ? -2.044  23.912  -0.996  1.00 55.82  ? 158 ARG A CG    1 
ATOM   1138 C  CD    . ARG A 1 158 ? -1.355  23.216  0.176   1.00 57.50  ? 158 ARG A CD    1 
ATOM   1139 N  NE    . ARG A 1 158 ? -0.780  21.910  -0.182  1.00 59.77  ? 158 ARG A NE    1 
ATOM   1140 C  CZ    . ARG A 1 158 ? -0.392  20.988  0.703   1.00 60.23  ? 158 ARG A CZ    1 
ATOM   1141 N  NH1   . ARG A 1 158 ? -0.533  21.233  1.994   1.00 62.25  ? 158 ARG A NH1   1 
ATOM   1142 N  NH2   . ARG A 1 158 ? 0.134   19.826  0.315   1.00 58.99  ? 158 ARG A NH2   1 
ATOM   1143 N  N     . LEU A 1 159 ? -0.102  24.642  -5.346  1.00 56.51  ? 159 LEU A N     1 
ATOM   1144 C  CA    . LEU A 1 159 ? 0.995   25.067  -6.203  1.00 57.14  ? 159 LEU A CA    1 
ATOM   1145 C  C     . LEU A 1 159 ? 0.498   25.786  -7.439  1.00 57.82  ? 159 LEU A C     1 
ATOM   1146 O  O     . LEU A 1 159 ? -0.665  25.660  -7.807  1.00 57.50  ? 159 LEU A O     1 
ATOM   1147 C  CB    . LEU A 1 159 ? 1.830   23.852  -6.622  1.00 56.29  ? 159 LEU A CB    1 
ATOM   1148 C  CG    . LEU A 1 159 ? 2.676   23.309  -5.483  1.00 56.74  ? 159 LEU A CG    1 
ATOM   1149 C  CD1   . LEU A 1 159 ? 3.328   21.976  -5.853  1.00 57.73  ? 159 LEU A CD1   1 
ATOM   1150 C  CD2   . LEU A 1 159 ? 3.734   24.310  -5.021  1.00 56.34  ? 159 LEU A CD2   1 
ATOM   1151 N  N     . PRO A 1 160 ? 1.388   26.544  -8.091  1.00 59.13  ? 160 PRO A N     1 
ATOM   1152 C  CA    . PRO A 1 160 ? 1.089   27.045  -9.425  1.00 60.31  ? 160 PRO A CA    1 
ATOM   1153 C  C     . PRO A 1 160 ? 0.619   25.893  -10.283 1.00 61.96  ? 160 PRO A C     1 
ATOM   1154 O  O     . PRO A 1 160 ? 0.946   24.720  -9.999  1.00 62.52  ? 160 PRO A O     1 
ATOM   1155 C  CB    . PRO A 1 160 ? 2.437   27.527  -9.912  1.00 60.18  ? 160 PRO A CB    1 
ATOM   1156 C  CG    . PRO A 1 160 ? 3.109   27.978  -8.668  1.00 59.55  ? 160 PRO A CG    1 
ATOM   1157 C  CD    . PRO A 1 160 ? 2.713   26.986  -7.628  1.00 58.97  ? 160 PRO A CD    1 
ATOM   1158 N  N     . ASP A 1 161 ? -0.139  26.229  -11.321 1.00 63.46  ? 161 ASP A N     1 
ATOM   1159 C  CA    . ASP A 1 161 ? -0.923  25.251  -12.075 1.00 65.02  ? 161 ASP A CA    1 
ATOM   1160 C  C     . ASP A 1 161 ? -0.126  24.146  -12.695 1.00 64.75  ? 161 ASP A C     1 
ATOM   1161 O  O     . ASP A 1 161 ? -0.521  22.972  -12.607 1.00 64.43  ? 161 ASP A O     1 
ATOM   1162 C  CB    . ASP A 1 161 ? -1.762  25.951  -13.136 1.00 65.96  ? 161 ASP A CB    1 
ATOM   1163 C  CG    . ASP A 1 161 ? -3.001  26.613  -12.533 1.00 70.92  ? 161 ASP A CG    1 
ATOM   1164 O  OD1   . ASP A 1 161 ? -3.142  26.656  -11.267 1.00 75.76  ? 161 ASP A OD1   1 
ATOM   1165 O  OD2   . ASP A 1 161 ? -3.851  27.087  -13.316 1.00 75.18  ? 161 ASP A OD2   1 
ATOM   1166 N  N     . ASP A 1 162 ? 1.001   24.513  -13.302 1.00 64.82  ? 162 ASP A N     1 
ATOM   1167 C  CA    . ASP A 1 162 ? 1.830   23.504  -13.935 1.00 65.38  ? 162 ASP A CA    1 
ATOM   1168 C  C     . ASP A 1 162 ? 2.714   22.712  -12.970 1.00 64.65  ? 162 ASP A C     1 
ATOM   1169 O  O     . ASP A 1 162 ? 3.531   21.935  -13.401 1.00 65.21  ? 162 ASP A O     1 
ATOM   1170 C  CB    . ASP A 1 162 ? 2.577   24.002  -15.204 1.00 66.28  ? 162 ASP A CB    1 
ATOM   1171 C  CG    . ASP A 1 162 ? 3.273   25.335  -15.020 1.00 68.77  ? 162 ASP A CG    1 
ATOM   1172 O  OD1   . ASP A 1 162 ? 3.676   25.932  -16.065 1.00 68.09  ? 162 ASP A OD1   1 
ATOM   1173 O  OD2   . ASP A 1 162 ? 3.413   25.774  -13.848 1.00 73.73  ? 162 ASP A OD2   1 
ATOM   1174 N  N     . MET A 1 163 ? 2.512   22.856  -11.668 1.00 63.89  ? 163 MET A N     1 
ATOM   1175 C  CA    . MET A 1 163 ? 3.260   22.052  -10.722 1.00 62.65  ? 163 MET A CA    1 
ATOM   1176 C  C     . MET A 1 163 ? 2.336   21.193  -9.899  1.00 61.92  ? 163 MET A C     1 
ATOM   1177 O  O     . MET A 1 163 ? 2.792   20.392  -9.082  1.00 61.88  ? 163 MET A O     1 
ATOM   1178 C  CB    . MET A 1 163 ? 4.037   22.948  -9.794  1.00 62.95  ? 163 MET A CB    1 
ATOM   1179 C  CG    . MET A 1 163 ? 5.005   23.824  -10.503 1.00 64.35  ? 163 MET A CG    1 
ATOM   1180 S  SD    . MET A 1 163 ? 6.060   24.616  -9.303  1.00 66.88  ? 163 MET A SD    1 
ATOM   1181 C  CE    . MET A 1 163 ? 6.740   25.948  -10.309 1.00 69.07  ? 163 MET A CE    1 
ATOM   1182 N  N     . GLN A 1 164 ? 1.037   21.351  -10.120 1.00 60.23  ? 164 GLN A N     1 
ATOM   1183 C  CA    . GLN A 1 164 ? 0.066   20.692  -9.274  1.00 58.54  ? 164 GLN A CA    1 
ATOM   1184 C  C     . GLN A 1 164 ? 0.004   19.207  -9.488  1.00 57.00  ? 164 GLN A C     1 
ATOM   1185 O  O     . GLN A 1 164 ? -0.201  18.470  -8.532  1.00 56.70  ? 164 GLN A O     1 
ATOM   1186 C  CB    . GLN A 1 164 ? -1.306  21.280  -9.515  1.00 58.60  ? 164 GLN A CB    1 
ATOM   1187 C  CG    . GLN A 1 164 ? -1.421  22.656  -9.002  1.00 59.29  ? 164 GLN A CG    1 
ATOM   1188 C  CD    . GLN A 1 164 ? -2.705  23.254  -9.443  1.00 60.83  ? 164 GLN A CD    1 
ATOM   1189 O  OE1   . GLN A 1 164 ? -3.359  23.968  -8.689  1.00 59.59  ? 164 GLN A OE1   1 
ATOM   1190 N  NE2   . GLN A 1 164 ? -3.100  22.949  -10.675 1.00 60.81  ? 164 GLN A NE2   1 
ATOM   1191 N  N     . TYR A 1 165 ? 0.188   18.777  -10.733 1.00 55.29  ? 165 TYR A N     1 
ATOM   1192 C  CA    . TYR A 1 165 ? -0.112  17.412  -11.108 1.00 54.17  ? 165 TYR A CA    1 
ATOM   1193 C  C     . TYR A 1 165 ? 1.114   16.753  -11.702 1.00 53.90  ? 165 TYR A C     1 
ATOM   1194 O  O     . TYR A 1 165 ? 1.792   17.353  -12.522 1.00 53.02  ? 165 TYR A O     1 
ATOM   1195 C  CB    . TYR A 1 165 ? -1.267  17.395  -12.115 1.00 54.07  ? 165 TYR A CB    1 
ATOM   1196 C  CG    . TYR A 1 165 ? -1.571  16.038  -12.729 1.00 53.44  ? 165 TYR A CG    1 
ATOM   1197 C  CD1   . TYR A 1 165 ? -2.320  15.078  -12.032 1.00 53.11  ? 165 TYR A CD1   1 
ATOM   1198 C  CD2   . TYR A 1 165 ? -1.122  15.709  -14.008 1.00 52.83  ? 165 TYR A CD2   1 
ATOM   1199 C  CE1   . TYR A 1 165 ? -2.603  13.814  -12.597 1.00 52.02  ? 165 TYR A CE1   1 
ATOM   1200 C  CE2   . TYR A 1 165 ? -1.393  14.449  -14.577 1.00 53.27  ? 165 TYR A CE2   1 
ATOM   1201 C  CZ    . TYR A 1 165 ? -2.140  13.513  -13.866 1.00 52.31  ? 165 TYR A CZ    1 
ATOM   1202 O  OH    . TYR A 1 165 ? -2.417  12.290  -14.421 1.00 51.93  ? 165 TYR A OH    1 
ATOM   1203 N  N     . PHE A 1 166 ? 1.396   15.523  -11.272 1.00 53.68  ? 166 PHE A N     1 
ATOM   1204 C  CA    . PHE A 1 166 ? 2.500   14.727  -11.817 1.00 53.76  ? 166 PHE A CA    1 
ATOM   1205 C  C     . PHE A 1 166 ? 2.016   13.302  -11.997 1.00 53.85  ? 166 PHE A C     1 
ATOM   1206 O  O     . PHE A 1 166 ? 1.309   12.790  -11.129 1.00 53.37  ? 166 PHE A O     1 
ATOM   1207 C  CB    . PHE A 1 166 ? 3.727   14.740  -10.869 1.00 53.59  ? 166 PHE A CB    1 
ATOM   1208 C  CG    . PHE A 1 166 ? 4.804   13.687  -11.211 1.00 54.67  ? 166 PHE A CG    1 
ATOM   1209 C  CD1   . PHE A 1 166 ? 5.905   14.011  -12.034 1.00 54.49  ? 166 PHE A CD1   1 
ATOM   1210 C  CD2   . PHE A 1 166 ? 4.718   12.375  -10.710 1.00 54.13  ? 166 PHE A CD2   1 
ATOM   1211 C  CE1   . PHE A 1 166 ? 6.893   13.048  -12.344 1.00 52.06  ? 166 PHE A CE1   1 
ATOM   1212 C  CE2   . PHE A 1 166 ? 5.694   11.415  -11.025 1.00 54.22  ? 166 PHE A CE2   1 
ATOM   1213 C  CZ    . PHE A 1 166 ? 6.783   11.761  -11.844 1.00 52.14  ? 166 PHE A CZ    1 
ATOM   1214 N  N     . CYS A 1 167 ? 2.420   12.658  -13.099 1.00 54.31  ? 167 CYS A N     1 
ATOM   1215 C  CA    . CYS A 1 167 ? 2.110   11.244  -13.326 1.00 54.93  ? 167 CYS A CA    1 
ATOM   1216 C  C     . CYS A 1 167 ? 3.245   10.451  -13.950 1.00 55.75  ? 167 CYS A C     1 
ATOM   1217 O  O     . CYS A 1 167 ? 3.933   10.956  -14.833 1.00 56.33  ? 167 CYS A O     1 
ATOM   1218 C  CB    . CYS A 1 167 ? 0.898   11.125  -14.215 1.00 54.39  ? 167 CYS A CB    1 
ATOM   1219 S  SG    . CYS A 1 167 ? 0.257   9.446   -14.280 1.00 56.19  ? 167 CYS A SG    1 
ATOM   1220 N  N     . THR A 1 168 ? 3.441   9.211   -13.499 1.00 56.90  ? 168 THR A N     1 
ATOM   1221 C  CA    . THR A 1 168 ? 4.437   8.293   -14.104 1.00 58.24  ? 168 THR A CA    1 
ATOM   1222 C  C     . THR A 1 168 ? 4.028   6.799   -14.048 1.00 59.80  ? 168 THR A C     1 
ATOM   1223 O  O     . THR A 1 168 ? 3.390   6.320   -13.088 1.00 60.72  ? 168 THR A O     1 
ATOM   1224 C  CB    . THR A 1 168 ? 5.883   8.504   -13.552 1.00 58.05  ? 168 THR A CB    1 
ATOM   1225 O  OG1   . THR A 1 168 ? 6.847   8.256   -14.588 1.00 58.29  ? 168 THR A OG1   1 
ATOM   1226 C  CG2   . THR A 1 168 ? 6.162   7.579   -12.383 1.00 57.23  ? 168 THR A CG2   1 
ATOM   1227 N  N     . ARG A 1 169 ? 4.380   6.063   -15.091 1.00 61.01  ? 169 ARG A N     1 
ATOM   1228 C  CA    . ARG A 1 169 ? 3.970   4.682   -15.185 1.00 61.93  ? 169 ARG A CA    1 
ATOM   1229 C  C     . ARG A 1 169 ? 5.093   3.807   -14.715 1.00 62.16  ? 169 ARG A C     1 
ATOM   1230 O  O     . ARG A 1 169 ? 6.261   4.078   -14.979 1.00 62.30  ? 169 ARG A O     1 
ATOM   1231 C  CB    . ARG A 1 169 ? 3.574   4.306   -16.617 1.00 62.40  ? 169 ARG A CB    1 
ATOM   1232 C  CG    . ARG A 1 169 ? 3.114   2.839   -16.770 1.00 63.28  ? 169 ARG A CG    1 
ATOM   1233 C  CD    . ARG A 1 169 ? 2.278   2.650   -17.991 1.00 62.89  ? 169 ARG A CD    1 
ATOM   1234 N  NE    . ARG A 1 169 ? 1.153   3.551   -17.926 1.00 63.21  ? 169 ARG A NE    1 
ATOM   1235 C  CZ    . ARG A 1 169 ? -0.010  3.354   -18.531 1.00 64.98  ? 169 ARG A CZ    1 
ATOM   1236 N  NH1   . ARG A 1 169 ? -0.234  2.266   -19.261 1.00 65.83  ? 169 ARG A NH1   1 
ATOM   1237 N  NH2   . ARG A 1 169 ? -0.964  4.242   -18.380 1.00 63.62  ? 169 ARG A NH2   1 
ATOM   1238 N  N     . ILE A 1 170 ? 4.712   2.751   -14.013 1.00 62.75  ? 170 ILE A N     1 
ATOM   1239 C  CA    . ILE A 1 170 ? 5.637   1.793   -13.478 1.00 62.87  ? 170 ILE A CA    1 
ATOM   1240 C  C     . ILE A 1 170 ? 5.109   0.453   -13.913 1.00 63.54  ? 170 ILE A C     1 
ATOM   1241 O  O     . ILE A 1 170 ? 3.977   0.066   -13.571 1.00 62.74  ? 170 ILE A O     1 
ATOM   1242 C  CB    . ILE A 1 170 ? 5.666   1.856   -11.929 1.00 63.17  ? 170 ILE A CB    1 
ATOM   1243 C  CG1   . ILE A 1 170 ? 5.786   3.308   -11.431 1.00 61.80  ? 170 ILE A CG1   1 
ATOM   1244 C  CG2   . ILE A 1 170 ? 6.744   0.889   -11.351 1.00 63.15  ? 170 ILE A CG2   1 
ATOM   1245 C  CD1   . ILE A 1 170 ? 7.139   4.003   -11.690 1.00 58.71  ? 170 ILE A CD1   1 
ATOM   1246 N  N     . GLU A 1 171 ? 5.928   -0.235  -14.706 1.00 64.74  ? 171 GLU A N     1 
ATOM   1247 C  CA    . GLU A 1 171 ? 5.515   -1.495  -15.324 1.00 65.25  ? 171 GLU A CA    1 
ATOM   1248 C  C     . GLU A 1 171 ? 5.687   -2.585  -14.305 1.00 65.21  ? 171 GLU A C     1 
ATOM   1249 O  O     . GLU A 1 171 ? 6.629   -2.543  -13.488 1.00 64.97  ? 171 GLU A O     1 
ATOM   1250 C  CB    . GLU A 1 171 ? 6.365   -1.807  -16.562 1.00 65.56  ? 171 GLU A CB    1 
ATOM   1251 C  CG    . GLU A 1 171 ? 6.409   -0.690  -17.633 1.00 67.79  ? 171 GLU A CG    1 
ATOM   1252 C  CD    . GLU A 1 171 ? 5.082   -0.536  -18.392 1.00 70.41  ? 171 GLU A CD    1 
ATOM   1253 O  OE1   . GLU A 1 171 ? 4.756   0.596   -18.835 1.00 71.38  ? 171 GLU A OE1   1 
ATOM   1254 O  OE2   . GLU A 1 171 ? 4.361   -1.555  -18.537 1.00 71.21  ? 171 GLU A OE2   1 
ATOM   1255 N  N     . ARG A 1 172 ? 4.779   -3.556  -14.344 1.00 65.15  ? 172 ARG A N     1 
ATOM   1256 C  CA    . ARG A 1 172 ? 4.964   -4.789  -13.589 1.00 65.59  ? 172 ARG A CA    1 
ATOM   1257 C  C     . ARG A 1 172 ? 6.410   -5.259  -13.692 1.00 66.31  ? 172 ARG A C     1 
ATOM   1258 O  O     . ARG A 1 172 ? 7.124   -4.933  -14.640 1.00 66.97  ? 172 ARG A O     1 
ATOM   1259 C  CB    . ARG A 1 172 ? 4.019   -5.866  -14.083 1.00 64.79  ? 172 ARG A CB    1 
ATOM   1260 C  CG    . ARG A 1 172 ? 4.088   -7.138  -13.293 1.00 64.30  ? 172 ARG A CG    1 
ATOM   1261 C  CD    . ARG A 1 172 ? 3.092   -8.144  -13.809 1.00 61.41  ? 172 ARG A CD    1 
ATOM   1262 N  NE    . ARG A 1 172 ? 2.943   -9.218  -12.849 1.00 59.49  ? 172 ARG A NE    1 
ATOM   1263 C  CZ    . ARG A 1 172 ? 1.902   -9.345  -12.033 1.00 62.23  ? 172 ARG A CZ    1 
ATOM   1264 N  NH1   . ARG A 1 172 ? 0.896   -8.477  -12.078 1.00 63.04  ? 172 ARG A NH1   1 
ATOM   1265 N  NH2   . ARG A 1 172 ? 1.848   -10.354 -11.176 1.00 61.13  ? 172 ARG A NH2   1 
ATOM   1266 N  N     . ASP A 1 173 ? 6.854   -6.006  -12.698 1.00 67.34  ? 173 ASP A N     1 
ATOM   1267 C  CA    . ASP A 1 173 ? 8.250   -6.470  -12.638 1.00 67.93  ? 173 ASP A CA    1 
ATOM   1268 C  C     . ASP A 1 173 ? 8.218   -7.734  -11.804 1.00 68.66  ? 173 ASP A C     1 
ATOM   1269 O  O     . ASP A 1 173 ? 8.284   -7.687  -10.565 1.00 68.78  ? 173 ASP A O     1 
ATOM   1270 C  CB    . ASP A 1 173 ? 9.169   -5.389  -12.023 1.00 67.44  ? 173 ASP A CB    1 
ATOM   1271 C  CG    . ASP A 1 173 ? 10.547  -5.915  -11.615 1.00 67.16  ? 173 ASP A CG    1 
ATOM   1272 O  OD1   . ASP A 1 173 ? 10.743  -7.149  -11.529 1.00 67.20  ? 173 ASP A OD1   1 
ATOM   1273 O  OD2   . ASP A 1 173 ? 11.451  -5.075  -11.370 1.00 65.34  ? 173 ASP A OD2   1 
ATOM   1274 N  N     . ASP A 1 174 ? 8.086   -8.865  -12.495 1.00 69.30  ? 174 ASP A N     1 
ATOM   1275 C  CA    . ASP A 1 174 ? 7.965   -10.162 -11.819 1.00 69.65  ? 174 ASP A CA    1 
ATOM   1276 C  C     . ASP A 1 174 ? 9.192   -10.542 -10.976 1.00 69.19  ? 174 ASP A C     1 
ATOM   1277 O  O     . ASP A 1 174 ? 9.063   -11.366 -10.076 1.00 69.56  ? 174 ASP A O     1 
ATOM   1278 C  CB    . ASP A 1 174 ? 7.578   -11.283 -12.805 1.00 70.22  ? 174 ASP A CB    1 
ATOM   1279 C  CG    . ASP A 1 174 ? 6.314   -10.949 -13.643 1.00 71.39  ? 174 ASP A CG    1 
ATOM   1280 O  OD1   . ASP A 1 174 ? 6.392   -11.042 -14.879 1.00 71.86  ? 174 ASP A OD1   1 
ATOM   1281 O  OD2   . ASP A 1 174 ? 5.244   -10.607 -13.081 1.00 74.22  ? 174 ASP A OD2   1 
ATOM   1282 N  N     . ALA A 1 175 ? 10.352  -9.929  -11.242 1.00 68.46  ? 175 ALA A N     1 
ATOM   1283 C  CA    . ALA A 1 175 ? 11.549  -10.131 -10.409 1.00 68.61  ? 175 ALA A CA    1 
ATOM   1284 C  C     . ALA A 1 175 ? 11.414  -9.512  -8.984  1.00 68.79  ? 175 ALA A C     1 
ATOM   1285 O  O     . ALA A 1 175 ? 11.519  -10.240 -7.972  1.00 68.97  ? 175 ALA A O     1 
ATOM   1286 C  CB    . ALA A 1 175 ? 12.825  -9.625  -11.124 1.00 68.14  ? 175 ALA A CB    1 
ATOM   1287 N  N     . LEU A 1 176 ? 11.185  -8.189  -8.909  1.00 68.18  ? 176 LEU A N     1 
ATOM   1288 C  CA    . LEU A 1 176 ? 10.895  -7.504  -7.631  1.00 67.24  ? 176 LEU A CA    1 
ATOM   1289 C  C     . LEU A 1 176 ? 9.705   -8.156  -6.939  1.00 66.45  ? 176 LEU A C     1 
ATOM   1290 O  O     . LEU A 1 176 ? 9.790   -8.496  -5.776  1.00 66.77  ? 176 LEU A O     1 
ATOM   1291 C  CB    . LEU A 1 176 ? 10.680  -6.001  -7.835  1.00 67.10  ? 176 LEU A CB    1 
ATOM   1292 C  CG    . LEU A 1 176 ? 10.519  -5.112  -6.603  1.00 67.47  ? 176 LEU A CG    1 
ATOM   1293 C  CD1   . LEU A 1 176 ? 11.542  -5.443  -5.556  1.00 67.93  ? 176 LEU A CD1   1 
ATOM   1294 C  CD2   . LEU A 1 176 ? 10.631  -3.654  -7.003  1.00 67.07  ? 176 LEU A CD2   1 
ATOM   1295 N  N     . ILE A 1 177 ? 8.624   -8.379  -7.675  1.00 65.86  ? 177 ILE A N     1 
ATOM   1296 C  CA    . ILE A 1 177 ? 7.490   -9.160  -7.190  1.00 65.71  ? 177 ILE A CA    1 
ATOM   1297 C  C     . ILE A 1 177 ? 7.893   -10.542 -6.614  1.00 66.52  ? 177 ILE A C     1 
ATOM   1298 O  O     . ILE A 1 177 ? 7.346   -10.988 -5.585  1.00 66.65  ? 177 ILE A O     1 
ATOM   1299 C  CB    . ILE A 1 177 ? 6.401   -9.316  -8.284  1.00 65.22  ? 177 ILE A CB    1 
ATOM   1300 C  CG1   . ILE A 1 177 ? 5.730   -7.969  -8.566  1.00 64.87  ? 177 ILE A CG1   1 
ATOM   1301 C  CG2   . ILE A 1 177 ? 5.342   -10.344 -7.875  1.00 65.41  ? 177 ILE A CG2   1 
ATOM   1302 C  CD1   . ILE A 1 177 ? 4.584   -8.002  -9.568  1.00 63.87  ? 177 ILE A CD1   1 
ATOM   1303 N  N     . ALA A 1 178 ? 8.838   -11.231 -7.259  1.00 66.99  ? 178 ALA A N     1 
ATOM   1304 C  CA    . ALA A 1 178 ? 9.250   -12.561 -6.772  1.00 67.01  ? 178 ALA A CA    1 
ATOM   1305 C  C     . ALA A 1 178 ? 9.848   -12.443 -5.371  1.00 67.13  ? 178 ALA A C     1 
ATOM   1306 O  O     . ALA A 1 178 ? 9.432   -13.179 -4.459  1.00 66.40  ? 178 ALA A O     1 
ATOM   1307 C  CB    . ALA A 1 178 ? 10.237  -13.222 -7.733  1.00 67.12  ? 178 ALA A CB    1 
ATOM   1308 N  N     . GLU A 1 179 ? 10.794  -11.496 -5.222  1.00 67.29  ? 179 GLU A N     1 
ATOM   1309 C  CA    . GLU A 1 179 ? 11.439  -11.164 -3.937  1.00 68.18  ? 179 GLU A CA    1 
ATOM   1310 C  C     . GLU A 1 179 ? 10.427  -10.858 -2.862  1.00 67.84  ? 179 GLU A C     1 
ATOM   1311 O  O     . GLU A 1 179 ? 10.434  -11.468 -1.801  1.00 67.84  ? 179 GLU A O     1 
ATOM   1312 C  CB    . GLU A 1 179 ? 12.240  -9.898  -4.056  1.00 68.33  ? 179 GLU A CB    1 
ATOM   1313 C  CG    . GLU A 1 179 ? 13.428  -9.941  -4.946  1.00 71.84  ? 179 GLU A CG    1 
ATOM   1314 C  CD    . GLU A 1 179 ? 14.198  -8.650  -4.784  1.00 76.33  ? 179 GLU A CD    1 
ATOM   1315 O  OE1   . GLU A 1 179 ? 14.435  -7.962  -5.815  1.00 77.87  ? 179 GLU A OE1   1 
ATOM   1316 O  OE2   . GLU A 1 179 ? 14.510  -8.304  -3.604  1.00 76.79  ? 179 GLU A OE2   1 
ATOM   1317 N  N     . ILE A 1 180 ? 9.582   -9.870  -3.160  1.00 67.31  ? 180 ILE A N     1 
ATOM   1318 C  CA    . ILE A 1 180 ? 8.545   -9.424  -2.268  1.00 66.31  ? 180 ILE A CA    1 
ATOM   1319 C  C     . ILE A 1 180 ? 7.769   -10.615 -1.754  1.00 66.35  ? 180 ILE A C     1 
ATOM   1320 O  O     . ILE A 1 180 ? 7.617   -10.783 -0.537  1.00 66.75  ? 180 ILE A O     1 
ATOM   1321 C  CB    . ILE A 1 180 ? 7.609   -8.444  -2.966  1.00 66.06  ? 180 ILE A CB    1 
ATOM   1322 C  CG1   . ILE A 1 180 ? 8.342   -7.127  -3.266  1.00 65.12  ? 180 ILE A CG1   1 
ATOM   1323 C  CG2   . ILE A 1 180 ? 6.344   -8.215  -2.127  1.00 65.60  ? 180 ILE A CG2   1 
ATOM   1324 C  CD1   . ILE A 1 180 ? 7.562   -6.175  -4.195  1.00 62.87  ? 180 ILE A CD1   1 
ATOM   1325 N  N     . GLU A 1 181 ? 7.321   -11.470 -2.663  1.00 66.13  ? 181 GLU A N     1 
ATOM   1326 C  CA    . GLU A 1 181 ? 6.502   -12.617 -2.262  1.00 66.68  ? 181 GLU A CA    1 
ATOM   1327 C  C     . GLU A 1 181 ? 7.205   -13.576 -1.288  1.00 66.76  ? 181 GLU A C     1 
ATOM   1328 O  O     . GLU A 1 181 ? 6.563   -14.240 -0.460  1.00 66.96  ? 181 GLU A O     1 
ATOM   1329 C  CB    . GLU A 1 181 ? 5.935   -13.338 -3.490  1.00 66.36  ? 181 GLU A CB    1 
ATOM   1330 C  CG    . GLU A 1 181 ? 4.623   -12.702 -3.979  1.00 67.40  ? 181 GLU A CG    1 
ATOM   1331 C  CD    . GLU A 1 181 ? 4.265   -12.998 -5.436  1.00 68.88  ? 181 GLU A CD    1 
ATOM   1332 O  OE1   . GLU A 1 181 ? 3.314   -12.375 -5.949  1.00 68.57  ? 181 GLU A OE1   1 
ATOM   1333 O  OE2   . GLU A 1 181 ? 4.916   -13.852 -6.070  1.00 69.47  ? 181 GLU A OE2   1 
ATOM   1334 N  N     . THR A 1 182 ? 8.531   -13.613 -1.374  1.00 66.87  ? 182 THR A N     1 
ATOM   1335 C  CA    . THR A 1 182 ? 9.337   -14.468 -0.519  1.00 66.98  ? 182 THR A CA    1 
ATOM   1336 C  C     . THR A 1 182 ? 9.373   -13.888 0.875   1.00 66.57  ? 182 THR A C     1 
ATOM   1337 O  O     . THR A 1 182 ? 8.946   -14.529 1.848   1.00 67.24  ? 182 THR A O     1 
ATOM   1338 C  CB    . THR A 1 182 ? 10.793  -14.577 -1.030  1.00 67.16  ? 182 THR A CB    1 
ATOM   1339 O  OG1   . THR A 1 182 ? 10.794  -14.802 -2.441  1.00 67.52  ? 182 THR A OG1   1 
ATOM   1340 C  CG2   . THR A 1 182 ? 11.504  -15.732 -0.349  1.00 67.44  ? 182 THR A CG2   1 
ATOM   1341 N  N     . GLU A 1 183 ? 9.915   -12.682 0.940   1.00 65.58  ? 183 GLU A N     1 
ATOM   1342 C  CA    . GLU A 1 183 ? 10.012  -11.890 2.139   1.00 65.28  ? 183 GLU A CA    1 
ATOM   1343 C  C     . GLU A 1 183 ? 8.718   -11.802 2.870   1.00 64.69  ? 183 GLU A C     1 
ATOM   1344 O  O     . GLU A 1 183 ? 8.706   -11.854 4.098   1.00 65.29  ? 183 GLU A O     1 
ATOM   1345 C  CB    . GLU A 1 183 ? 10.346  -10.493 1.736   1.00 65.58  ? 183 GLU A CB    1 
ATOM   1346 C  CG    . GLU A 1 183 ? 11.611  -10.415 0.966   1.00 67.63  ? 183 GLU A CG    1 
ATOM   1347 C  CD    . GLU A 1 183 ? 12.715  -9.882  1.828   1.00 71.53  ? 183 GLU A CD    1 
ATOM   1348 O  OE1   . GLU A 1 183 ? 12.490  -9.760  3.062   1.00 71.34  ? 183 GLU A OE1   1 
ATOM   1349 O  OE2   . GLU A 1 183 ? 13.796  -9.564  1.275   1.00 74.02  ? 183 GLU A OE2   1 
ATOM   1350 N  N     . VAL A 1 184 ? 7.625   -11.638 2.124   1.00 63.54  ? 184 VAL A N     1 
ATOM   1351 C  CA    . VAL A 1 184 ? 6.319   -11.502 2.755   1.00 62.10  ? 184 VAL A CA    1 
ATOM   1352 C  C     . VAL A 1 184 ? 5.894   -12.843 3.316   1.00 62.29  ? 184 VAL A C     1 
ATOM   1353 O  O     . VAL A 1 184 ? 5.365   -12.945 4.434   1.00 62.70  ? 184 VAL A O     1 
ATOM   1354 C  CB    . VAL A 1 184 ? 5.275   -10.895 1.793   1.00 62.16  ? 184 VAL A CB    1 
ATOM   1355 C  CG1   . VAL A 1 184 ? 3.864   -11.046 2.334   1.00 60.06  ? 184 VAL A CG1   1 
ATOM   1356 C  CG2   . VAL A 1 184 ? 5.602   -9.414  1.516   1.00 60.06  ? 184 VAL A CG2   1 
ATOM   1357 N  N     . SER A 1 185 ? 6.176   -13.892 2.559   1.00 62.18  ? 185 SER A N     1 
ATOM   1358 C  CA    . SER A 1 185 ? 5.872   -15.240 3.014   1.00 61.64  ? 185 SER A CA    1 
ATOM   1359 C  C     . SER A 1 185 ? 6.689   -15.617 4.229   1.00 60.59  ? 185 SER A C     1 
ATOM   1360 O  O     . SER A 1 185 ? 6.172   -16.216 5.177   1.00 60.66  ? 185 SER A O     1 
ATOM   1361 C  CB    . SER A 1 185 ? 6.109   -16.226 1.889   1.00 61.92  ? 185 SER A CB    1 
ATOM   1362 O  OG    . SER A 1 185 ? 4.923   -16.345 1.121   1.00 64.57  ? 185 SER A OG    1 
ATOM   1363 N  N     . ALA A 1 186 ? 7.962   -15.256 4.198   1.00 59.07  ? 186 ALA A N     1 
ATOM   1364 C  CA    . ALA A 1 186 ? 8.828   -15.509 5.318   1.00 58.47  ? 186 ALA A CA    1 
ATOM   1365 C  C     . ALA A 1 186 ? 8.315   -14.768 6.552   1.00 58.18  ? 186 ALA A C     1 
ATOM   1366 O  O     . ALA A 1 186 ? 8.191   -15.357 7.640   1.00 59.02  ? 186 ALA A O     1 
ATOM   1367 C  CB    . ALA A 1 186 ? 10.242  -15.096 4.987   1.00 58.19  ? 186 ALA A CB    1 
ATOM   1368 N  N     . PHE A 1 187 ? 7.988   -13.493 6.366   1.00 57.00  ? 187 PHE A N     1 
ATOM   1369 C  CA    . PHE A 1 187 ? 7.557   -12.640 7.445   1.00 56.24  ? 187 PHE A CA    1 
ATOM   1370 C  C     . PHE A 1 187 ? 6.224   -13.149 8.022   1.00 56.47  ? 187 PHE A C     1 
ATOM   1371 O  O     . PHE A 1 187 ? 6.004   -13.140 9.245   1.00 56.89  ? 187 PHE A O     1 
ATOM   1372 C  CB    . PHE A 1 187 ? 7.505   -11.222 6.900   1.00 55.50  ? 187 PHE A CB    1 
ATOM   1373 C  CG    . PHE A 1 187 ? 6.887   -10.203 7.812   1.00 54.63  ? 187 PHE A CG    1 
ATOM   1374 C  CD1   . PHE A 1 187 ? 7.675   -9.277  8.464   1.00 55.67  ? 187 PHE A CD1   1 
ATOM   1375 C  CD2   . PHE A 1 187 ? 5.518   -10.098 7.942   1.00 53.09  ? 187 PHE A CD2   1 
ATOM   1376 C  CE1   . PHE A 1 187 ? 7.100   -8.289  9.283   1.00 54.42  ? 187 PHE A CE1   1 
ATOM   1377 C  CE2   . PHE A 1 187 ? 4.957   -9.131  8.751   1.00 53.77  ? 187 PHE A CE2   1 
ATOM   1378 C  CZ    . PHE A 1 187 ? 5.754   -8.224  9.418   1.00 51.57  ? 187 PHE A CZ    1 
ATOM   1379 N  N     . LEU A 1 188 ? 5.347   -13.621 7.150   1.00 56.28  ? 188 LEU A N     1 
ATOM   1380 C  CA    . LEU A 1 188 ? 4.095   -14.210 7.605   1.00 56.60  ? 188 LEU A CA    1 
ATOM   1381 C  C     . LEU A 1 188 ? 4.314   -15.508 8.375   1.00 56.67  ? 188 LEU A C     1 
ATOM   1382 O  O     . LEU A 1 188 ? 3.618   -15.792 9.351   1.00 57.40  ? 188 LEU A O     1 
ATOM   1383 C  CB    . LEU A 1 188 ? 3.141   -14.435 6.424   1.00 56.49  ? 188 LEU A CB    1 
ATOM   1384 C  CG    . LEU A 1 188 ? 2.432   -13.180 5.886   1.00 56.16  ? 188 LEU A CG    1 
ATOM   1385 C  CD1   . LEU A 1 188 ? 2.089   -13.315 4.412   1.00 55.19  ? 188 LEU A CD1   1 
ATOM   1386 C  CD2   . LEU A 1 188 ? 1.173   -12.889 6.710   1.00 55.27  ? 188 LEU A CD2   1 
ATOM   1387 N  N     . ALA A 1 189 ? 5.283   -16.294 7.944   1.00 56.74  ? 189 ALA A N     1 
ATOM   1388 C  CA    . ALA A 1 189 ? 5.658   -17.499 8.667   1.00 56.79  ? 189 ALA A CA    1 
ATOM   1389 C  C     . ALA A 1 189 ? 6.062   -17.152 10.095  1.00 56.87  ? 189 ALA A C     1 
ATOM   1390 O  O     . ALA A 1 189 ? 5.544   -17.742 11.055  1.00 56.70  ? 189 ALA A O     1 
ATOM   1391 C  CB    . ALA A 1 189 ? 6.804   -18.197 7.944   1.00 57.50  ? 189 ALA A CB    1 
ATOM   1392 N  N     . GLU A 1 190 ? 6.965   -16.179 10.234  1.00 56.83  ? 190 GLU A N     1 
ATOM   1393 C  CA    . GLU A 1 190 ? 7.400   -15.697 11.551  1.00 57.45  ? 190 GLU A CA    1 
ATOM   1394 C  C     . GLU A 1 190 ? 6.266   -15.244 12.441  1.00 57.93  ? 190 GLU A C     1 
ATOM   1395 O  O     . GLU A 1 190 ? 6.203   -15.570 13.638  1.00 58.17  ? 190 GLU A O     1 
ATOM   1396 C  CB    . GLU A 1 190 ? 8.247   -14.477 11.367  1.00 57.46  ? 190 GLU A CB    1 
ATOM   1397 C  CG    . GLU A 1 190 ? 9.657   -14.723 11.054  1.00 59.10  ? 190 GLU A CG    1 
ATOM   1398 C  CD    . GLU A 1 190 ? 10.471  -13.484 11.313  1.00 61.07  ? 190 GLU A CD    1 
ATOM   1399 O  OE1   . GLU A 1 190 ? 11.141  -13.048 10.349  1.00 63.60  ? 190 GLU A OE1   1 
ATOM   1400 O  OE2   . GLU A 1 190 ? 10.396  -12.929 12.444  1.00 57.18  ? 190 GLU A OE2   1 
ATOM   1401 N  N     . LEU A 1 191 ? 5.405   -14.429 11.837  1.00 58.51  ? 191 LEU A N     1 
ATOM   1402 C  CA    . LEU A 1 191 ? 4.298   -13.794 12.528  1.00 58.86  ? 191 LEU A CA    1 
ATOM   1403 C  C     . LEU A 1 191 ? 3.316   -14.824 13.033  1.00 58.92  ? 191 LEU A C     1 
ATOM   1404 O  O     . LEU A 1 191 ? 2.902   -14.731 14.176  1.00 59.23  ? 191 LEU A O     1 
ATOM   1405 C  CB    . LEU A 1 191 ? 3.630   -12.730 11.639  1.00 58.75  ? 191 LEU A CB    1 
ATOM   1406 C  CG    . LEU A 1 191 ? 2.130   -12.485 11.628  1.00 57.39  ? 191 LEU A CG    1 
ATOM   1407 C  CD1   . LEU A 1 191 ? 1.649   -12.091 12.953  1.00 59.92  ? 191 LEU A CD1   1 
ATOM   1408 C  CD2   . LEU A 1 191 ? 1.901   -11.349 10.726  1.00 57.88  ? 191 LEU A CD2   1 
ATOM   1409 N  N     . GLU A 1 192 ? 2.973   -15.815 12.217  1.00 59.08  ? 192 GLU A N     1 
ATOM   1410 C  CA    . GLU A 1 192 ? 2.103   -16.904 12.698  1.00 59.95  ? 192 GLU A CA    1 
ATOM   1411 C  C     . GLU A 1 192 ? 2.712   -17.834 13.736  1.00 59.10  ? 192 GLU A C     1 
ATOM   1412 O  O     . GLU A 1 192 ? 2.002   -18.321 14.617  1.00 59.36  ? 192 GLU A O     1 
ATOM   1413 C  CB    . GLU A 1 192 ? 1.569   -17.731 11.541  1.00 60.56  ? 192 GLU A CB    1 
ATOM   1414 C  CG    . GLU A 1 192 ? 0.211   -17.267 11.103  1.00 64.87  ? 192 GLU A CG    1 
ATOM   1415 C  CD    . GLU A 1 192 ? 0.001   -17.407 9.611   1.00 69.99  ? 192 GLU A CD    1 
ATOM   1416 O  OE1   . GLU A 1 192 ? -0.815  -16.624 9.068   1.00 71.82  ? 192 GLU A OE1   1 
ATOM   1417 O  OE2   . GLU A 1 192 ? 0.644   -18.290 8.982   1.00 71.78  ? 192 GLU A OE2   1 
ATOM   1418 N  N     . ALA A 1 193 ? 4.013   -18.092 13.634  1.00 58.28  ? 193 ALA A N     1 
ATOM   1419 C  CA    . ALA A 1 193 ? 4.683   -18.944 14.603  1.00 57.55  ? 193 ALA A CA    1 
ATOM   1420 C  C     . ALA A 1 193 ? 4.813   -18.210 15.937  1.00 57.56  ? 193 ALA A C     1 
ATOM   1421 O  O     . ALA A 1 193 ? 4.713   -18.808 17.021  1.00 57.59  ? 193 ALA A O     1 
ATOM   1422 C  CB    . ALA A 1 193 ? 6.043   -19.366 14.087  1.00 57.07  ? 193 ALA A CB    1 
ATOM   1423 N  N     . GLU A 1 194 ? 5.063   -16.910 15.852  1.00 57.28  ? 194 GLU A N     1 
ATOM   1424 C  CA    . GLU A 1 194 ? 5.117   -16.044 17.018  1.00 57.39  ? 194 GLU A CA    1 
ATOM   1425 C  C     . GLU A 1 194 ? 3.758   -16.079 17.796  1.00 57.13  ? 194 GLU A C     1 
ATOM   1426 O  O     . GLU A 1 194 ? 3.690   -16.271 19.009  1.00 56.79  ? 194 GLU A O     1 
ATOM   1427 C  CB    . GLU A 1 194 ? 5.508   -14.665 16.493  1.00 57.50  ? 194 GLU A CB    1 
ATOM   1428 C  CG    . GLU A 1 194 ? 5.600   -13.619 17.509  1.00 58.92  ? 194 GLU A CG    1 
ATOM   1429 C  CD    . GLU A 1 194 ? 6.900   -13.623 18.252  1.00 60.82  ? 194 GLU A CD    1 
ATOM   1430 O  OE1   . GLU A 1 194 ? 7.932   -13.338 17.602  1.00 58.60  ? 194 GLU A OE1   1 
ATOM   1431 O  OE2   . GLU A 1 194 ? 6.862   -13.881 19.491  1.00 63.58  ? 194 GLU A OE2   1 
ATOM   1432 N  N     . ILE A 1 195 ? 2.669   -15.969 17.062  1.00 57.28  ? 195 ILE A N     1 
ATOM   1433 C  CA    . ILE A 1 195 ? 1.340   -16.165 17.609  1.00 57.94  ? 195 ILE A CA    1 
ATOM   1434 C  C     . ILE A 1 195 ? 1.118   -17.567 18.169  1.00 58.71  ? 195 ILE A C     1 
ATOM   1435 O  O     . ILE A 1 195 ? 0.647   -17.751 19.296  1.00 58.72  ? 195 ILE A O     1 
ATOM   1436 C  CB    . ILE A 1 195 ? 0.331   -15.877 16.528  1.00 57.74  ? 195 ILE A CB    1 
ATOM   1437 C  CG1   . ILE A 1 195 ? 0.342   -14.359 16.262  1.00 57.95  ? 195 ILE A CG1   1 
ATOM   1438 C  CG2   . ILE A 1 195 ? -1.038  -16.455 16.920  1.00 57.58  ? 195 ILE A CG2   1 
ATOM   1439 C  CD1   . ILE A 1 195 ? -0.667  -13.865 15.261  1.00 59.48  ? 195 ILE A CD1   1 
ATOM   1440 N  N     . GLU A 1 196 ? 1.473   -18.558 17.371  1.00 60.25  ? 196 GLU A N     1 
ATOM   1441 C  CA    . GLU A 1 196 ? 1.465   -19.950 17.790  1.00 62.02  ? 196 GLU A CA    1 
ATOM   1442 C  C     . GLU A 1 196 ? 2.184   -20.131 19.126  1.00 62.62  ? 196 GLU A C     1 
ATOM   1443 O  O     . GLU A 1 196 ? 1.662   -20.731 20.077  1.00 62.80  ? 196 GLU A O     1 
ATOM   1444 C  CB    . GLU A 1 196 ? 2.144   -20.790 16.698  1.00 62.34  ? 196 GLU A CB    1 
ATOM   1445 C  CG    . GLU A 1 196 ? 1.961   -22.302 16.798  1.00 64.96  ? 196 GLU A CG    1 
ATOM   1446 C  CD    . GLU A 1 196 ? 0.522   -22.755 17.092  1.00 69.07  ? 196 GLU A CD    1 
ATOM   1447 O  OE1   . GLU A 1 196 ? -0.450  -21.968 16.915  1.00 70.14  ? 196 GLU A OE1   1 
ATOM   1448 O  OE2   . GLU A 1 196 ? 0.382   -23.928 17.520  1.00 71.52  ? 196 GLU A OE2   1 
ATOM   1449 N  N     . TYR A 1 197 ? 3.388   -19.582 19.177  1.00 63.27  ? 197 TYR A N     1 
ATOM   1450 C  CA    . TYR A 1 197 ? 4.240   -19.683 20.314  1.00 64.07  ? 197 TYR A CA    1 
ATOM   1451 C  C     . TYR A 1 197 ? 3.583   -19.130 21.577  1.00 64.74  ? 197 TYR A C     1 
ATOM   1452 O  O     . TYR A 1 197 ? 3.491   -19.830 22.582  1.00 64.98  ? 197 TYR A O     1 
ATOM   1453 C  CB    . TYR A 1 197 ? 5.499   -18.914 19.992  1.00 64.63  ? 197 TYR A CB    1 
ATOM   1454 C  CG    . TYR A 1 197 ? 6.677   -19.346 20.771  1.00 65.63  ? 197 TYR A CG    1 
ATOM   1455 C  CD1   . TYR A 1 197 ? 7.045   -20.685 20.805  1.00 67.26  ? 197 TYR A CD1   1 
ATOM   1456 C  CD2   . TYR A 1 197 ? 7.423   -18.426 21.494  1.00 67.86  ? 197 TYR A CD2   1 
ATOM   1457 C  CE1   . TYR A 1 197 ? 8.130   -21.106 21.545  1.00 68.83  ? 197 TYR A CE1   1 
ATOM   1458 C  CE2   . TYR A 1 197 ? 8.523   -18.833 22.239  1.00 69.90  ? 197 TYR A CE2   1 
ATOM   1459 C  CZ    . TYR A 1 197 ? 8.876   -20.178 22.253  1.00 69.71  ? 197 TYR A CZ    1 
ATOM   1460 O  OH    . TYR A 1 197 ? 9.974   -20.602 22.973  1.00 70.34  ? 197 TYR A OH    1 
ATOM   1461 N  N     . LEU A 1 198 ? 3.113   -17.886 21.530  1.00 65.56  ? 198 LEU A N     1 
ATOM   1462 C  CA    . LEU A 1 198 ? 2.547   -17.245 22.713  1.00 66.25  ? 198 LEU A CA    1 
ATOM   1463 C  C     . LEU A 1 198 ? 1.377   -18.028 23.237  1.00 66.87  ? 198 LEU A C     1 
ATOM   1464 O  O     . LEU A 1 198 ? 1.201   -18.168 24.453  1.00 66.79  ? 198 LEU A O     1 
ATOM   1465 C  CB    . LEU A 1 198 ? 2.050   -15.876 22.368  1.00 66.12  ? 198 LEU A CB    1 
ATOM   1466 C  CG    . LEU A 1 198 ? 3.093   -14.804 22.151  1.00 68.58  ? 198 LEU A CG    1 
ATOM   1467 C  CD1   . LEU A 1 198 ? 4.457   -15.292 21.555  1.00 71.25  ? 198 LEU A CD1   1 
ATOM   1468 C  CD2   . LEU A 1 198 ? 2.449   -13.752 21.257  1.00 69.78  ? 198 LEU A CD2   1 
ATOM   1469 N  N     . LYS A 1 199 ? 0.574   -18.539 22.302  1.00 67.82  ? 199 LYS A N     1 
ATOM   1470 C  CA    . LYS A 1 199 ? -0.608  -19.333 22.637  1.00 68.28  ? 199 LYS A CA    1 
ATOM   1471 C  C     . LYS A 1 199 ? -0.235  -20.510 23.492  1.00 68.86  ? 199 LYS A C     1 
ATOM   1472 O  O     . LYS A 1 199 ? -0.856  -20.760 24.525  1.00 69.25  ? 199 LYS A O     1 
ATOM   1473 C  CB    . LYS A 1 199 ? -1.299  -19.810 21.375  1.00 67.88  ? 199 LYS A CB    1 
ATOM   1474 C  CG    . LYS A 1 199 ? -2.307  -18.850 20.929  1.00 67.66  ? 199 LYS A CG    1 
ATOM   1475 C  CD    . LYS A 1 199 ? -2.805  -19.191 19.587  1.00 69.47  ? 199 LYS A CD    1 
ATOM   1476 C  CE    . LYS A 1 199 ? -3.874  -18.199 19.234  1.00 71.89  ? 199 LYS A CE    1 
ATOM   1477 N  NZ    . LYS A 1 199 ? -4.525  -18.520 17.949  1.00 73.96  ? 199 LYS A NZ    1 
ATOM   1478 N  N     . ARG A 1 200 ? 0.815   -21.202 23.068  1.00 69.47  ? 200 ARG A N     1 
ATOM   1479 C  CA    . ARG A 1 200 ? 1.263   -22.405 23.721  1.00 69.92  ? 200 ARG A CA    1 
ATOM   1480 C  C     . ARG A 1 200 ? 1.847   -22.126 25.084  1.00 70.82  ? 200 ARG A C     1 
ATOM   1481 O  O     . ARG A 1 200 ? 1.598   -22.886 26.018  1.00 71.27  ? 200 ARG A O     1 
ATOM   1482 C  CB    . ARG A 1 200 ? 2.283   -23.086 22.848  1.00 69.74  ? 200 ARG A CB    1 
ATOM   1483 C  CG    . ARG A 1 200 ? 1.735   -23.474 21.511  1.00 69.28  ? 200 ARG A CG    1 
ATOM   1484 C  CD    . ARG A 1 200 ? 1.087   -24.803 21.567  1.00 67.93  ? 200 ARG A CD    1 
ATOM   1485 N  NE    . ARG A 1 200 ? 0.761   -25.218 20.216  1.00 70.43  ? 200 ARG A NE    1 
ATOM   1486 C  CZ    . ARG A 1 200 ? 0.259   -26.409 19.892  1.00 71.32  ? 200 ARG A CZ    1 
ATOM   1487 N  NH1   . ARG A 1 200 ? 0.042   -27.333 20.819  1.00 71.39  ? 200 ARG A NH1   1 
ATOM   1488 N  NH2   . ARG A 1 200 ? -0.005  -26.687 18.629  1.00 69.56  ? 200 ARG A NH2   1 
ATOM   1489 N  N     . LYS A 1 201 ? 2.616   -21.052 25.215  1.00 71.51  ? 201 LYS A N     1 
ATOM   1490 C  CA    . LYS A 1 201 ? 3.081   -20.664 26.535  1.00 72.90  ? 201 LYS A CA    1 
ATOM   1491 C  C     . LYS A 1 201 ? 1.872   -20.358 27.429  1.00 73.43  ? 201 LYS A C     1 
ATOM   1492 O  O     . LYS A 1 201 ? 1.622   -21.081 28.398  1.00 73.58  ? 201 LYS A O     1 
ATOM   1493 C  CB    . LYS A 1 201 ? 4.025   -19.465 26.461  1.00 73.35  ? 201 LYS A CB    1 
ATOM   1494 C  CG    . LYS A 1 201 ? 5.435   -19.789 26.023  1.00 74.12  ? 201 LYS A CG    1 
ATOM   1495 C  CD    . LYS A 1 201 ? 6.215   -18.486 25.808  1.00 77.90  ? 201 LYS A CD    1 
ATOM   1496 C  CE    . LYS A 1 201 ? 7.637   -18.611 26.347  1.00 79.72  ? 201 LYS A CE    1 
ATOM   1497 N  NZ    . LYS A 1 201 ? 8.649   -18.045 25.408  1.00 81.50  ? 201 LYS A NZ    1 
ATOM   1498 N  N     . ALA A 1 202 ? 1.111   -19.323 27.062  1.00 73.91  ? 202 ALA A N     1 
ATOM   1499 C  CA    . ALA A 1 202 ? -0.115  -18.927 27.756  1.00 74.38  ? 202 ALA A CA    1 
ATOM   1500 C  C     . ALA A 1 202 ? -1.041  -20.094 28.054  1.00 75.60  ? 202 ALA A C     1 
ATOM   1501 O  O     . ALA A 1 202 ? -1.580  -20.189 29.168  1.00 75.43  ? 202 ALA A O     1 
ATOM   1502 C  CB    . ALA A 1 202 ? -0.854  -17.900 26.958  1.00 73.63  ? 202 ALA A CB    1 
ATOM   1503 N  N     . ALA A 1 203 ? -1.240  -20.964 27.061  1.00 76.90  ? 203 ALA A N     1 
ATOM   1504 C  CA    . ALA A 1 203 ? -2.140  -22.106 27.213  1.00 78.80  ? 203 ALA A CA    1 
ATOM   1505 C  C     . ALA A 1 203 ? -1.618  -23.001 28.323  1.00 80.30  ? 203 ALA A C     1 
ATOM   1506 O  O     . ALA A 1 203 ? -2.142  -22.989 29.444  1.00 80.84  ? 203 ALA A O     1 
ATOM   1507 C  CB    . ALA A 1 203 ? -2.280  -22.885 25.911  1.00 78.15  ? 203 ALA A CB    1 
ATOM   1508 N  N     . LYS A 1 204 ? -0.566  -23.757 28.014  1.00 82.02  ? 204 LYS A N     1 
ATOM   1509 C  CA    . LYS A 1 204 ? 0.084   -24.628 28.989  1.00 83.19  ? 204 LYS A CA    1 
ATOM   1510 C  C     . LYS A 1 204 ? 0.187   -23.907 30.358  1.00 83.52  ? 204 LYS A C     1 
ATOM   1511 O  O     . LYS A 1 204 ? -0.206  -24.495 31.377  1.00 84.03  ? 204 LYS A O     1 
ATOM   1512 C  CB    . LYS A 1 204 ? 1.437   -25.165 28.446  1.00 83.51  ? 204 LYS A CB    1 
ATOM   1513 C  CG    . LYS A 1 204 ? 2.188   -26.209 29.331  1.00 84.06  ? 204 LYS A CG    1 
ATOM   1514 C  CD    . LYS A 1 204 ? 3.736   -26.238 29.066  1.00 83.97  ? 204 LYS A CD    1 
ATOM   1515 C  CE    . LYS A 1 204 ? 4.424   -24.829 29.008  1.00 83.97  ? 204 LYS A CE    1 
ATOM   1516 N  NZ    . LYS A 1 204 ? 3.726   -23.670 29.726  1.00 82.63  ? 204 LYS A NZ    1 
ATOM   1517 N  N     . LEU A 1 205 ? 0.624   -22.639 30.378  1.00 83.16  ? 205 LEU A N     1 
ATOM   1518 C  CA    . LEU A 1 205 ? 0.731   -21.894 31.636  1.00 83.11  ? 205 LEU A CA    1 
ATOM   1519 C  C     . LEU A 1 205 ? -0.576  -21.764 32.458  1.00 83.50  ? 205 LEU A C     1 
ATOM   1520 O  O     . LEU A 1 205 ? -0.522  -21.639 33.691  1.00 83.92  ? 205 LEU A O     1 
ATOM   1521 C  CB    . LEU A 1 205 ? 1.325   -20.510 31.402  1.00 82.97  ? 205 LEU A CB    1 
ATOM   1522 C  CG    . LEU A 1 205 ? 2.060   -19.859 32.583  1.00 83.45  ? 205 LEU A CG    1 
ATOM   1523 C  CD1   . LEU A 1 205 ? 1.074   -19.294 33.638  1.00 83.67  ? 205 LEU A CD1   1 
ATOM   1524 C  CD2   . LEU A 1 205 ? 3.128   -20.795 33.225  1.00 82.22  ? 205 LEU A CD2   1 
ATOM   1525 N  N     . ALA A 1 206 ? -1.732  -21.791 31.788  1.00 83.32  ? 206 ALA A N     1 
ATOM   1526 C  CA    . ALA A 1 206 ? -3.039  -21.621 32.447  1.00 82.79  ? 206 ALA A CA    1 
ATOM   1527 C  C     . ALA A 1 206 ? -3.523  -22.861 33.211  1.00 82.45  ? 206 ALA A C     1 
ATOM   1528 O  O     . ALA A 1 206 ? -2.876  -23.909 33.223  1.00 82.14  ? 206 ALA A O     1 
ATOM   1529 C  CB    . ALA A 1 206 ? -4.077  -21.189 31.433  1.00 82.44  ? 206 ALA A CB    1 
HETATM 1530 MG MG    . MG  B 2 .   ? -2.875  6.294   -2.386  1.00 60.08  ? 217 MG  A MG    1 
HETATM 1531 O  "O5'" . D5M C 3 .   ? -3.267  0.405   1.379   0.70 58.49  ? 218 D5M A "O5'" 1 
HETATM 1532 C  "C5'" . D5M C 3 .   ? -3.598  1.255   2.485   0.70 61.46  ? 218 D5M A "C5'" 1 
HETATM 1533 C  "C4'" . D5M C 3 .   ? -3.691  2.669   1.923   0.70 64.04  ? 218 D5M A "C4'" 1 
HETATM 1534 O  "O4'" . D5M C 3 .   ? -4.640  3.447   2.631   0.70 65.69  ? 218 D5M A "O4'" 1 
HETATM 1535 C  "C3'" . D5M C 3 .   ? -2.378  3.423   2.013   0.70 64.80  ? 218 D5M A "C3'" 1 
HETATM 1536 O  "O3'" . D5M C 3 .   ? -2.250  4.168   0.805   0.70 63.78  ? 218 D5M A "O3'" 1 
HETATM 1537 C  "C2'" . D5M C 3 .   ? -2.490  4.399   3.153   0.70 65.58  ? 218 D5M A "C2'" 1 
HETATM 1538 C  "C1'" . D5M C 3 .   ? -3.985  4.433   3.424   0.70 67.81  ? 218 D5M A "C1'" 1 
HETATM 1539 N  N9    . D5M C 3 .   ? -4.282  4.042   4.811   0.70 70.54  ? 218 D5M A N9    1 
HETATM 1540 C  C8    . D5M C 3 .   ? -3.561  3.227   5.603   0.70 71.53  ? 218 D5M A C8    1 
HETATM 1541 N  N7    . D5M C 3 .   ? -4.189  3.114   6.798   0.70 72.01  ? 218 D5M A N7    1 
HETATM 1542 C  C5    . D5M C 3 .   ? -5.312  3.864   6.723   0.70 73.09  ? 218 D5M A C5    1 
HETATM 1543 C  C6    . D5M C 3 .   ? -6.339  4.133   7.615   0.70 73.74  ? 218 D5M A C6    1 
HETATM 1544 N  N6    . D5M C 3 .   ? -6.294  3.570   8.844   0.70 73.60  ? 218 D5M A N6    1 
HETATM 1545 N  N1    . D5M C 3 .   ? -7.369  4.945   7.233   0.70 74.44  ? 218 D5M A N1    1 
HETATM 1546 C  C2    . D5M C 3 .   ? -7.413  5.499   6.000   0.70 74.06  ? 218 D5M A C2    1 
HETATM 1547 N  N3    . D5M C 3 .   ? -6.425  5.249   5.118   0.70 74.03  ? 218 D5M A N3    1 
HETATM 1548 C  C4    . D5M C 3 .   ? -5.373  4.440   5.464   0.70 72.45  ? 218 D5M A C4    1 
HETATM 1549 P  P     . D5M C 3 .   ? -2.778  -1.135  1.503   0.70 55.50  ? 218 D5M A P     1 
HETATM 1550 O  O1P   . D5M C 3 .   ? -1.649  -1.049  2.479   0.70 56.28  ? 218 D5M A O1P   1 
HETATM 1551 O  O3P   . D5M C 3 .   ? -2.307  -1.552  0.140   0.70 53.59  ? 218 D5M A O3P   1 
HETATM 1552 O  O2P   . D5M C 3 .   ? -4.004  -1.829  2.020   0.70 52.14  ? 218 D5M A O2P   1 
HETATM 1553 O  O     . HOH D 4 .   ? -5.371  6.926   13.306  1.00 72.72  ? 219 HOH A O     1 
HETATM 1554 O  O     . HOH D 4 .   ? 6.146   20.569  2.595   1.00 50.11  ? 220 HOH A O     1 
HETATM 1555 O  O     . HOH D 4 .   ? -9.612  -12.769 3.328   1.00 68.49  ? 221 HOH A O     1 
HETATM 1556 O  O     . HOH D 4 .   ? -3.445  3.010   -1.922  1.00 55.50  ? 222 HOH A O     1 
HETATM 1557 O  O     . HOH D 4 .   ? -2.300  -3.400  16.291  1.00 59.01  ? 223 HOH A O     1 
HETATM 1558 O  O     . HOH D 4 .   ? -11.939 -14.313 3.348   1.00 76.44  ? 224 HOH A O     1 
HETATM 1559 O  O     . HOH D 4 .   ? 0.005   -22.725 35.838  1.00 69.77  ? 225 HOH A O     1 
HETATM 1560 O  O     . HOH D 4 .   ? -3.039  -4.778  8.269   1.00 54.54  ? 226 HOH A O     1 
HETATM 1561 O  O     . HOH D 4 .   ? 8.069   -8.704  -15.608 1.00 58.77  ? 227 HOH A O     1 
HETATM 1562 O  O     . HOH D 4 .   ? -2.885  27.607  -8.603  1.00 65.94  ? 228 HOH A O     1 
HETATM 1563 O  O     . HOH D 4 .   ? -11.332 3.791   4.847   1.00 58.46  ? 229 HOH A O     1 
HETATM 1564 O  O     . HOH D 4 .   ? 12.190  -0.695  -4.631  1.00 55.40  ? 230 HOH A O     1 
HETATM 1565 O  O     . HOH D 4 .   ? -1.185  17.120  2.522   1.00 62.51  ? 231 HOH A O     1 
HETATM 1566 O  O     . HOH D 4 .   ? -5.219  9.896   -0.749  1.00 54.02  ? 232 HOH A O     1 
HETATM 1567 O  O     . HOH D 4 .   ? -1.019  10.677  0.006   1.00 51.77  ? 233 HOH A O     1 
HETATM 1568 O  O     . HOH D 4 .   ? -10.385 -7.330  22.403  1.00 61.84  ? 234 HOH A O     1 
HETATM 1569 O  O     . HOH D 4 .   ? -1.121  17.442  -1.594  1.00 45.38  ? 235 HOH A O     1 
# 
loop_
_pdbx_poly_seq_scheme.asym_id 
_pdbx_poly_seq_scheme.entity_id 
_pdbx_poly_seq_scheme.seq_id 
_pdbx_poly_seq_scheme.mon_id 
_pdbx_poly_seq_scheme.ndb_seq_num 
_pdbx_poly_seq_scheme.pdb_seq_num 
_pdbx_poly_seq_scheme.auth_seq_num 
_pdbx_poly_seq_scheme.pdb_mon_id 
_pdbx_poly_seq_scheme.auth_mon_id 
_pdbx_poly_seq_scheme.pdb_strand_id 
_pdbx_poly_seq_scheme.pdb_ins_code 
_pdbx_poly_seq_scheme.hetero 
A 1 1   MET 1   1   ?   ?   ?   A . n 
A 1 2   GLU 2   2   ?   ?   ?   A . n 
A 1 3   GLN 3   3   ?   ?   ?   A . n 
A 1 4   ARG 4   4   ?   ?   ?   A . n 
A 1 5   THR 5   5   5   THR THR A . n 
A 1 6   GLU 6   6   6   GLU GLU A . n 
A 1 7   GLU 7   7   7   GLU GLU A . n 
A 1 8   TRP 8   8   8   TRP TRP A . n 
A 1 9   PHE 9   9   9   PHE PHE A . n 
A 1 10  ALA 10  10  10  ALA ALA A . n 
A 1 11  ALA 11  11  11  ALA ALA A . n 
A 1 12  ARG 12  12  12  ARG ARG A . n 
A 1 13  LEU 13  13  13  LEU LEU A . n 
A 1 14  GLY 14  14  14  GLY GLY A . n 
A 1 15  LYS 15  15  15  LYS LYS A . n 
A 1 16  VAL 16  16  16  VAL VAL A . n 
A 1 17  THR 17  17  17  THR THR A . n 
A 1 18  ALA 18  18  18  ALA ALA A . n 
A 1 19  SER 19  19  19  SER SER A . n 
A 1 20  ARG 20  20  20  ARG ARG A . n 
A 1 21  VAL 21  21  21  VAL VAL A . n 
A 1 22  ALA 22  22  22  ALA ALA A . n 
A 1 23  ASP 23  23  23  ASP ASP A . n 
A 1 24  VAL 24  24  24  VAL VAL A . n 
A 1 25  MET 25  25  25  MET MET A . n 
A 1 26  THR 26  26  26  THR THR A . n 
A 1 27  LYS 27  27  27  LYS LYS A . n 
A 1 28  THR 28  28  ?   ?   ?   A . n 
A 1 29  LYS 29  29  ?   ?   ?   A . n 
A 1 30  SER 30  30  ?   ?   ?   A . n 
A 1 31  GLY 31  31  ?   ?   ?   A . n 
A 1 32  TYR 32  32  ?   ?   ?   A . n 
A 1 33  ALA 33  33  33  ALA ALA A . n 
A 1 34  ALA 34  34  34  ALA ALA A . n 
A 1 35  SER 35  35  35  SER SER A . n 
A 1 36  ARG 36  36  36  ARG ARG A . n 
A 1 37  GLN 37  37  37  GLN GLN A . n 
A 1 38  ASN 38  38  38  ASN ASN A . n 
A 1 39  TYR 39  39  39  TYR TYR A . n 
A 1 40  MET 40  40  40  MET MET A . n 
A 1 41  ALA 41  41  41  ALA ALA A . n 
A 1 42  GLU 42  42  42  GLU GLU A . n 
A 1 43  LEU 43  43  43  LEU LEU A . n 
A 1 44  ILE 44  44  44  ILE ILE A . n 
A 1 45  CYS 45  45  45  CYS CYS A . n 
A 1 46  GLN 46  46  46  GLN GLN A . n 
A 1 47  ARG 47  47  47  ARG ARG A . n 
A 1 48  LEU 48  48  48  LEU LEU A . n 
A 1 49  THR 49  49  49  THR THR A . n 
A 1 50  GLY 50  50  50  GLY GLY A . n 
A 1 51  THR 51  51  51  THR THR A . n 
A 1 52  GLN 52  52  52  GLN GLN A . n 
A 1 53  GLU 53  53  53  GLU GLU A . n 
A 1 54  ILE 54  54  54  ILE ILE A . n 
A 1 55  ARG 55  55  ?   ?   ?   A . n 
A 1 56  PHE 56  56  ?   ?   ?   A . n 
A 1 57  SER 57  57  57  SER SER A . n 
A 1 58  ASN 58  58  58  ASN ASN A . n 
A 1 59  ALA 59  59  59  ALA ALA A . n 
A 1 60  ALA 60  60  60  ALA ALA A . n 
A 1 61  MET 61  61  61  MET MET A . n 
A 1 62  GLN 62  62  62  GLN GLN A . n 
A 1 63  ARG 63  63  63  ARG ARG A . n 
A 1 64  GLY 64  64  64  GLY GLY A . n 
A 1 65  THR 65  65  65  THR THR A . n 
A 1 66  GLU 66  66  66  GLU GLU A . n 
A 1 67  LEU 67  67  67  LEU LEU A . n 
A 1 68  GLU 68  68  68  GLU GLU A . n 
A 1 69  PRO 69  69  69  PRO PRO A . n 
A 1 70  HIS 70  70  70  HIS HIS A . n 
A 1 71  ALA 71  71  71  ALA ALA A . n 
A 1 72  ARG 72  72  72  ARG ARG A . n 
A 1 73  ALA 73  73  73  ALA ALA A . n 
A 1 74  ARG 74  74  74  ARG ARG A . n 
A 1 75  TYR 75  75  75  TYR TYR A . n 
A 1 76  ILE 76  76  76  ILE ILE A . n 
A 1 77  ILE 77  77  77  ILE ILE A . n 
A 1 78  GLU 78  78  78  GLU GLU A . n 
A 1 79  THR 79  79  79  THR THR A . n 
A 1 80  GLY 80  80  80  GLY GLY A . n 
A 1 81  GLU 81  81  81  GLU GLU A . n 
A 1 82  ILE 82  82  82  ILE ILE A . n 
A 1 83  VAL 83  83  83  VAL VAL A . n 
A 1 84  THR 84  84  84  THR THR A . n 
A 1 85  GLU 85  85  85  GLU GLU A . n 
A 1 86  VAL 86  86  86  VAL VAL A . n 
A 1 87  GLY 87  87  87  GLY GLY A . n 
A 1 88  LEU 88  88  88  LEU LEU A . n 
A 1 89  ILE 89  89  89  ILE ILE A . n 
A 1 90  ASP 90  90  90  ASP ASP A . n 
A 1 91  HIS 91  91  91  HIS HIS A . n 
A 1 92  PRO 92  92  92  PRO PRO A . n 
A 1 93  THR 93  93  93  THR THR A . n 
A 1 94  ILE 94  94  94  ILE ILE A . n 
A 1 95  ALA 95  95  95  ALA ALA A . n 
A 1 96  GLY 96  96  96  GLY GLY A . n 
A 1 97  PHE 97  97  97  PHE PHE A . n 
A 1 98  GLY 98  98  98  GLY GLY A . n 
A 1 99  ALA 99  99  99  ALA ALA A . n 
A 1 100 SER 100 100 100 SER SER A . n 
A 1 101 PRO 101 101 101 PRO PRO A . n 
A 1 102 ASP 102 102 102 ASP ASP A . n 
A 1 103 GLY 103 103 103 GLY GLY A . n 
A 1 104 LEU 104 104 104 LEU LEU A . n 
A 1 105 VAL 105 105 105 VAL VAL A . n 
A 1 106 GLY 106 106 106 GLY GLY A . n 
A 1 107 ASP 107 107 107 ASP ASP A . n 
A 1 108 THR 108 108 108 THR THR A . n 
A 1 109 GLY 109 109 109 GLY GLY A . n 
A 1 110 LEU 110 110 110 LEU LEU A . n 
A 1 111 ILE 111 111 111 ILE ILE A . n 
A 1 112 GLU 112 112 112 GLU GLU A . n 
A 1 113 ILE 113 113 113 ILE ILE A . n 
A 1 114 LYS 114 114 114 LYS LYS A . n 
A 1 115 CYS 115 115 115 CYS CYS A . n 
A 1 116 PRO 116 116 116 PRO PRO A . n 
A 1 117 ASN 117 117 117 ASN ASN A . n 
A 1 118 THR 118 118 118 THR THR A . n 
A 1 119 TRP 119 119 119 TRP TRP A . n 
A 1 120 THR 120 120 120 THR THR A . n 
A 1 121 HIS 121 121 121 HIS HIS A . n 
A 1 122 ILE 122 122 122 ILE ILE A . n 
A 1 123 GLU 123 123 123 GLU GLU A . n 
A 1 124 THR 124 124 124 THR THR A . n 
A 1 125 ILE 125 125 125 ILE ILE A . n 
A 1 126 LYS 126 126 126 LYS LYS A . n 
A 1 127 THR 127 127 127 THR THR A . n 
A 1 128 GLY 128 128 128 GLY GLY A . n 
A 1 129 LYS 129 129 129 LYS LYS A . n 
A 1 130 PRO 130 130 130 PRO PRO A . n 
A 1 131 LYS 131 131 131 LYS LYS A . n 
A 1 132 PRO 132 132 132 PRO PRO A . n 
A 1 133 GLU 133 133 133 GLU GLU A . n 
A 1 134 TYR 134 134 134 TYR TYR A . n 
A 1 135 ILE 135 135 135 ILE ILE A . n 
A 1 136 LYS 136 136 136 LYS LYS A . n 
A 1 137 GLN 137 137 137 GLN GLN A . n 
A 1 138 MET 138 138 138 MET MET A . n 
A 1 139 GLN 139 139 139 GLN GLN A . n 
A 1 140 THR 140 140 140 THR THR A . n 
A 1 141 GLN 141 141 141 GLN GLN A . n 
A 1 142 MET 142 142 142 MET MET A . n 
A 1 143 ALA 143 143 143 ALA ALA A . n 
A 1 144 CYS 144 144 144 CYS CYS A . n 
A 1 145 THR 145 145 145 THR THR A . n 
A 1 146 GLY 146 146 146 GLY GLY A . n 
A 1 147 ARG 147 147 147 ARG ARG A . n 
A 1 148 GLN 148 148 148 GLN GLN A . n 
A 1 149 TRP 149 149 149 TRP TRP A . n 
A 1 150 CYS 150 150 150 CYS CYS A . n 
A 1 151 ASP 151 151 151 ASP ASP A . n 
A 1 152 PHE 152 152 152 PHE PHE A . n 
A 1 153 VAL 153 153 153 VAL VAL A . n 
A 1 154 SER 154 154 154 SER SER A . n 
A 1 155 TYR 155 155 155 TYR TYR A . n 
A 1 156 ASP 156 156 156 ASP ASP A . n 
A 1 157 ASP 157 157 157 ASP ASP A . n 
A 1 158 ARG 158 158 158 ARG ARG A . n 
A 1 159 LEU 159 159 159 LEU LEU A . n 
A 1 160 PRO 160 160 160 PRO PRO A . n 
A 1 161 ASP 161 161 161 ASP ASP A . n 
A 1 162 ASP 162 162 162 ASP ASP A . n 
A 1 163 MET 163 163 163 MET MET A . n 
A 1 164 GLN 164 164 164 GLN GLN A . n 
A 1 165 TYR 165 165 165 TYR TYR A . n 
A 1 166 PHE 166 166 166 PHE PHE A . n 
A 1 167 CYS 167 167 167 CYS CYS A . n 
A 1 168 THR 168 168 168 THR THR A . n 
A 1 169 ARG 169 169 169 ARG ARG A . n 
A 1 170 ILE 170 170 170 ILE ILE A . n 
A 1 171 GLU 171 171 171 GLU GLU A . n 
A 1 172 ARG 172 172 172 ARG ARG A . n 
A 1 173 ASP 173 173 173 ASP ASP A . n 
A 1 174 ASP 174 174 174 ASP ASP A . n 
A 1 175 ALA 175 175 175 ALA ALA A . n 
A 1 176 LEU 176 176 176 LEU LEU A . n 
A 1 177 ILE 177 177 177 ILE ILE A . n 
A 1 178 ALA 178 178 178 ALA ALA A . n 
A 1 179 GLU 179 179 179 GLU GLU A . n 
A 1 180 ILE 180 180 180 ILE ILE A . n 
A 1 181 GLU 181 181 181 GLU GLU A . n 
A 1 182 THR 182 182 182 THR THR A . n 
A 1 183 GLU 183 183 183 GLU GLU A . n 
A 1 184 VAL 184 184 184 VAL VAL A . n 
A 1 185 SER 185 185 185 SER SER A . n 
A 1 186 ALA 186 186 186 ALA ALA A . n 
A 1 187 PHE 187 187 187 PHE PHE A . n 
A 1 188 LEU 188 188 188 LEU LEU A . n 
A 1 189 ALA 189 189 189 ALA ALA A . n 
A 1 190 GLU 190 190 190 GLU GLU A . n 
A 1 191 LEU 191 191 191 LEU LEU A . n 
A 1 192 GLU 192 192 192 GLU GLU A . n 
A 1 193 ALA 193 193 193 ALA ALA A . n 
A 1 194 GLU 194 194 194 GLU GLU A . n 
A 1 195 ILE 195 195 195 ILE ILE A . n 
A 1 196 GLU 196 196 196 GLU GLU A . n 
A 1 197 TYR 197 197 197 TYR TYR A . n 
A 1 198 LEU 198 198 198 LEU LEU A . n 
A 1 199 LYS 199 199 199 LYS LYS A . n 
A 1 200 ARG 200 200 200 ARG ARG A . n 
A 1 201 LYS 201 201 201 LYS LYS A . n 
A 1 202 ALA 202 202 202 ALA ALA A . n 
A 1 203 ALA 203 203 203 ALA ALA A . n 
A 1 204 LYS 204 204 204 LYS LYS A . n 
A 1 205 LEU 205 205 205 LEU LEU A . n 
A 1 206 ALA 206 206 206 ALA ALA A . n 
A 1 207 ALA 207 207 ?   ?   ?   A . n 
A 1 208 ALA 208 208 ?   ?   ?   A . n 
A 1 209 LEU 209 209 ?   ?   ?   A . n 
A 1 210 GLU 210 210 ?   ?   ?   A . n 
A 1 211 HIS 211 211 ?   ?   ?   A . n 
A 1 212 HIS 212 212 ?   ?   ?   A . n 
A 1 213 HIS 213 213 ?   ?   ?   A . n 
A 1 214 HIS 214 214 ?   ?   ?   A . n 
A 1 215 HIS 215 215 ?   ?   ?   A . n 
A 1 216 HIS 216 216 ?   ?   ?   A . n 
# 
loop_
_pdbx_nonpoly_scheme.asym_id 
_pdbx_nonpoly_scheme.entity_id 
_pdbx_nonpoly_scheme.mon_id 
_pdbx_nonpoly_scheme.ndb_seq_num 
_pdbx_nonpoly_scheme.pdb_seq_num 
_pdbx_nonpoly_scheme.auth_seq_num 
_pdbx_nonpoly_scheme.pdb_mon_id 
_pdbx_nonpoly_scheme.auth_mon_id 
_pdbx_nonpoly_scheme.pdb_strand_id 
_pdbx_nonpoly_scheme.pdb_ins_code 
B 2 MG  1  217 210 MG  MG  A . 
C 3 D5M 1  218 211 D5M D5M A . 
D 4 HOH 1  219 219 HOH HOH A . 
D 4 HOH 2  220 220 HOH HOH A . 
D 4 HOH 3  221 221 HOH HOH A . 
D 4 HOH 4  222 222 HOH HOH A . 
D 4 HOH 5  223 223 HOH HOH A . 
D 4 HOH 6  224 224 HOH HOH A . 
D 4 HOH 7  225 225 HOH HOH A . 
D 4 HOH 8  226 226 HOH HOH A . 
D 4 HOH 9  227 227 HOH HOH A . 
D 4 HOH 10 228 228 HOH HOH A . 
D 4 HOH 11 229 212 HOH HOH A . 
D 4 HOH 12 230 213 HOH HOH A . 
D 4 HOH 13 231 214 HOH HOH A . 
D 4 HOH 14 232 215 HOH HOH A . 
D 4 HOH 15 233 216 HOH HOH A . 
D 4 HOH 16 234 217 HOH HOH A . 
D 4 HOH 17 235 218 HOH HOH A . 
# 
_pdbx_struct_assembly.id                   1 
_pdbx_struct_assembly.details              author_and_software_defined_assembly 
_pdbx_struct_assembly.method_details       PISA 
_pdbx_struct_assembly.oligomeric_details   trimeric 
_pdbx_struct_assembly.oligomeric_count     3 
# 
_pdbx_struct_assembly_gen.assembly_id       1 
_pdbx_struct_assembly_gen.oper_expression   1,2,3 
_pdbx_struct_assembly_gen.asym_id_list      A,B,C,D 
# 
loop_
_pdbx_struct_assembly_prop.biol_id 
_pdbx_struct_assembly_prop.type 
_pdbx_struct_assembly_prop.value 
_pdbx_struct_assembly_prop.details 
1 'ABSA (A^2)' 4800  ? 
1 MORE         -75   ? 
1 'SSA (A^2)'  29320 ? 
# 
loop_
_pdbx_struct_oper_list.id 
_pdbx_struct_oper_list.type 
_pdbx_struct_oper_list.name 
_pdbx_struct_oper_list.symmetry_operation 
_pdbx_struct_oper_list.matrix[1][1] 
_pdbx_struct_oper_list.matrix[1][2] 
_pdbx_struct_oper_list.matrix[1][3] 
_pdbx_struct_oper_list.vector[1] 
_pdbx_struct_oper_list.matrix[2][1] 
_pdbx_struct_oper_list.matrix[2][2] 
_pdbx_struct_oper_list.matrix[2][3] 
_pdbx_struct_oper_list.vector[2] 
_pdbx_struct_oper_list.matrix[3][1] 
_pdbx_struct_oper_list.matrix[3][2] 
_pdbx_struct_oper_list.matrix[3][3] 
_pdbx_struct_oper_list.vector[3] 
1 'identity operation'         1_555 x,y,z       1.0000000000 0.0000000000  0.0000000000  0.0000000000  0.0000000000  1.0000000000  0.0000000000  0.0000000000  0.0000000000  0.0000000000  1.0000000000  0.0000000000  
2 'crystal symmetry operation' 2_545 -y,x-y-1,z  0.8181506560 -0.5709218900 0.0683937096  7.7868325500  -0.3179873291 -0.3501386021 0.8810715169  4.2142434456  -0.4790757378 -0.7425975726 -0.4680120539 40.8646005036 
3 'crystal symmetry operation' 3_655 -x+y+1,-x,z 0.8181506560 -0.3179873291 -0.4790757378 14.5465124943 -0.5709218900 -0.3501386021 -0.7425975726 36.2671956043 0.0683937096  0.8810715169  -0.4680120539 14.8795053873 
# 
loop_
_pdbx_struct_conn_angle.id 
_pdbx_struct_conn_angle.ptnr1_label_atom_id 
_pdbx_struct_conn_angle.ptnr1_label_alt_id 
_pdbx_struct_conn_angle.ptnr1_label_asym_id 
_pdbx_struct_conn_angle.ptnr1_label_comp_id 
_pdbx_struct_conn_angle.ptnr1_label_seq_id 
_pdbx_struct_conn_angle.ptnr1_auth_atom_id 
_pdbx_struct_conn_angle.ptnr1_auth_asym_id 
_pdbx_struct_conn_angle.ptnr1_auth_comp_id 
_pdbx_struct_conn_angle.ptnr1_auth_seq_id 
_pdbx_struct_conn_angle.ptnr1_PDB_ins_code 
_pdbx_struct_conn_angle.ptnr1_symmetry 
_pdbx_struct_conn_angle.ptnr2_label_atom_id 
_pdbx_struct_conn_angle.ptnr2_label_alt_id 
_pdbx_struct_conn_angle.ptnr2_label_asym_id 
_pdbx_struct_conn_angle.ptnr2_label_comp_id 
_pdbx_struct_conn_angle.ptnr2_label_seq_id 
_pdbx_struct_conn_angle.ptnr2_auth_atom_id 
_pdbx_struct_conn_angle.ptnr2_auth_asym_id 
_pdbx_struct_conn_angle.ptnr2_auth_comp_id 
_pdbx_struct_conn_angle.ptnr2_auth_seq_id 
_pdbx_struct_conn_angle.ptnr2_PDB_ins_code 
_pdbx_struct_conn_angle.ptnr2_symmetry 
_pdbx_struct_conn_angle.ptnr3_label_atom_id 
_pdbx_struct_conn_angle.ptnr3_label_alt_id 
_pdbx_struct_conn_angle.ptnr3_label_asym_id 
_pdbx_struct_conn_angle.ptnr3_label_comp_id 
_pdbx_struct_conn_angle.ptnr3_label_seq_id 
_pdbx_struct_conn_angle.ptnr3_auth_atom_id 
_pdbx_struct_conn_angle.ptnr3_auth_asym_id 
_pdbx_struct_conn_angle.ptnr3_auth_comp_id 
_pdbx_struct_conn_angle.ptnr3_auth_seq_id 
_pdbx_struct_conn_angle.ptnr3_PDB_ins_code 
_pdbx_struct_conn_angle.ptnr3_symmetry 
_pdbx_struct_conn_angle.value 
_pdbx_struct_conn_angle.value_esd 
1 OD2 ? A ASP 102 ? A ASP 102 ? 1_555 MG ? B MG . ? A MG 217 ? 1_555 OE2 ? A GLU 112 ? A GLU 112 ? 1_555 94.6 ? 
2 OD2 ? A ASP 102 ? A ASP 102 ? 1_555 MG ? B MG . ? A MG 217 ? 1_555 O   ? A ILE 113 ? A ILE 113 ? 1_555 88.3 ? 
3 OE2 ? A GLU 112 ? A GLU 112 ? 1_555 MG ? B MG . ? A MG 217 ? 1_555 O   ? A ILE 113 ? A ILE 113 ? 1_555 97.3 ? 
# 
loop_
_pdbx_audit_revision_history.ordinal 
_pdbx_audit_revision_history.data_content_type 
_pdbx_audit_revision_history.major_revision 
_pdbx_audit_revision_history.minor_revision 
_pdbx_audit_revision_history.revision_date 
1 'Structure model' 1 0 2012-02-15 
2 'Structure model' 1 1 2023-11-01 
# 
_pdbx_audit_revision_details.ordinal             1 
_pdbx_audit_revision_details.revision_ordinal    1 
_pdbx_audit_revision_details.data_content_type   'Structure model' 
_pdbx_audit_revision_details.provider            repository 
_pdbx_audit_revision_details.type                'Initial release' 
_pdbx_audit_revision_details.description         ? 
_pdbx_audit_revision_details.details             ? 
# 
loop_
_pdbx_audit_revision_group.ordinal 
_pdbx_audit_revision_group.revision_ordinal 
_pdbx_audit_revision_group.data_content_type 
_pdbx_audit_revision_group.group 
1 2 'Structure model' 'Data collection'        
2 2 'Structure model' 'Database references'    
3 2 'Structure model' 'Derived calculations'   
4 2 'Structure model' 'Refinement description' 
# 
loop_
_pdbx_audit_revision_category.ordinal 
_pdbx_audit_revision_category.revision_ordinal 
_pdbx_audit_revision_category.data_content_type 
_pdbx_audit_revision_category.category 
1 2 'Structure model' chem_comp_atom                
2 2 'Structure model' chem_comp_bond                
3 2 'Structure model' database_2                    
4 2 'Structure model' pdbx_initial_refinement_model 
5 2 'Structure model' pdbx_struct_conn_angle        
6 2 'Structure model' struct_conn                   
7 2 'Structure model' struct_ref_seq_dif            
8 2 'Structure model' struct_site                   
# 
loop_
_pdbx_audit_revision_item.ordinal 
_pdbx_audit_revision_item.revision_ordinal 
_pdbx_audit_revision_item.data_content_type 
_pdbx_audit_revision_item.item 
1  2 'Structure model' '_database_2.pdbx_DOI'                        
2  2 'Structure model' '_database_2.pdbx_database_accession'         
3  2 'Structure model' '_pdbx_struct_conn_angle.ptnr1_auth_comp_id'  
4  2 'Structure model' '_pdbx_struct_conn_angle.ptnr1_auth_seq_id'   
5  2 'Structure model' '_pdbx_struct_conn_angle.ptnr1_label_atom_id' 
6  2 'Structure model' '_pdbx_struct_conn_angle.ptnr1_label_comp_id' 
7  2 'Structure model' '_pdbx_struct_conn_angle.ptnr1_label_seq_id'  
8  2 'Structure model' '_pdbx_struct_conn_angle.ptnr3_auth_comp_id'  
9  2 'Structure model' '_pdbx_struct_conn_angle.ptnr3_auth_seq_id'   
10 2 'Structure model' '_pdbx_struct_conn_angle.ptnr3_label_atom_id' 
11 2 'Structure model' '_pdbx_struct_conn_angle.ptnr3_label_comp_id' 
12 2 'Structure model' '_pdbx_struct_conn_angle.ptnr3_label_seq_id'  
13 2 'Structure model' '_pdbx_struct_conn_angle.value'               
14 2 'Structure model' '_struct_conn.pdbx_dist_value'                
15 2 'Structure model' '_struct_conn.ptnr1_auth_comp_id'             
16 2 'Structure model' '_struct_conn.ptnr1_auth_seq_id'              
17 2 'Structure model' '_struct_conn.ptnr1_label_atom_id'            
18 2 'Structure model' '_struct_conn.ptnr1_label_comp_id'            
19 2 'Structure model' '_struct_conn.ptnr1_label_seq_id'             
20 2 'Structure model' '_struct_ref_seq_dif.details'                 
21 2 'Structure model' '_struct_site.pdbx_auth_asym_id'              
22 2 'Structure model' '_struct_site.pdbx_auth_comp_id'              
23 2 'Structure model' '_struct_site.pdbx_auth_seq_id'               
# 
loop_
_software.name 
_software.classification 
_software.version 
_software.citation_id 
_software.pdbx_ordinal 
CrystalClear 'data collection' .        ? 1 
PHASER       phasing           .        ? 2 
REFMAC       refinement        5.5.0044 ? 3 
HKL-2000     'data reduction'  .        ? 4 
HKL-2000     'data scaling'    .        ? 5 
# 
_pdbx_validate_close_contact.id               1 
_pdbx_validate_close_contact.PDB_model_num    1 
_pdbx_validate_close_contact.auth_atom_id_1   NH1 
_pdbx_validate_close_contact.auth_asym_id_1   A 
_pdbx_validate_close_contact.auth_comp_id_1   ARG 
_pdbx_validate_close_contact.auth_seq_id_1    12 
_pdbx_validate_close_contact.PDB_ins_code_1   ? 
_pdbx_validate_close_contact.label_alt_id_1   ? 
_pdbx_validate_close_contact.auth_atom_id_2   O2P 
_pdbx_validate_close_contact.auth_asym_id_2   A 
_pdbx_validate_close_contact.auth_comp_id_2   D5M 
_pdbx_validate_close_contact.auth_seq_id_2    218 
_pdbx_validate_close_contact.PDB_ins_code_2   ? 
_pdbx_validate_close_contact.label_alt_id_2   ? 
_pdbx_validate_close_contact.dist             1.96 
# 
loop_
_pdbx_validate_torsion.id 
_pdbx_validate_torsion.PDB_model_num 
_pdbx_validate_torsion.auth_comp_id 
_pdbx_validate_torsion.auth_asym_id 
_pdbx_validate_torsion.auth_seq_id 
_pdbx_validate_torsion.PDB_ins_code 
_pdbx_validate_torsion.label_alt_id 
_pdbx_validate_torsion.phi 
_pdbx_validate_torsion.psi 
1 1 ASN A 58  ? ? -57.88 172.46 
2 1 ARG A 172 ? ? -41.78 154.30 
3 1 ALA A 203 ? ? -61.80 -75.79 
# 
loop_
_pdbx_unobs_or_zero_occ_residues.id 
_pdbx_unobs_or_zero_occ_residues.PDB_model_num 
_pdbx_unobs_or_zero_occ_residues.polymer_flag 
_pdbx_unobs_or_zero_occ_residues.occupancy_flag 
_pdbx_unobs_or_zero_occ_residues.auth_asym_id 
_pdbx_unobs_or_zero_occ_residues.auth_comp_id 
_pdbx_unobs_or_zero_occ_residues.auth_seq_id 
_pdbx_unobs_or_zero_occ_residues.PDB_ins_code 
_pdbx_unobs_or_zero_occ_residues.label_asym_id 
_pdbx_unobs_or_zero_occ_residues.label_comp_id 
_pdbx_unobs_or_zero_occ_residues.label_seq_id 
1  1 Y 1 A MET 1   ? A MET 1   
2  1 Y 1 A GLU 2   ? A GLU 2   
3  1 Y 1 A GLN 3   ? A GLN 3   
4  1 Y 1 A ARG 4   ? A ARG 4   
5  1 Y 1 A THR 28  ? A THR 28  
6  1 Y 1 A LYS 29  ? A LYS 29  
7  1 Y 1 A SER 30  ? A SER 30  
8  1 Y 1 A GLY 31  ? A GLY 31  
9  1 Y 1 A TYR 32  ? A TYR 32  
10 1 Y 1 A ARG 55  ? A ARG 55  
11 1 Y 1 A PHE 56  ? A PHE 56  
12 1 Y 1 A ALA 207 ? A ALA 207 
13 1 Y 1 A ALA 208 ? A ALA 208 
14 1 Y 1 A LEU 209 ? A LEU 209 
15 1 Y 1 A GLU 210 ? A GLU 210 
16 1 Y 1 A HIS 211 ? A HIS 211 
17 1 Y 1 A HIS 212 ? A HIS 212 
18 1 Y 1 A HIS 213 ? A HIS 213 
19 1 Y 1 A HIS 214 ? A HIS 214 
20 1 Y 1 A HIS 215 ? A HIS 215 
21 1 Y 1 A HIS 216 ? A HIS 216 
# 
loop_
_chem_comp_atom.comp_id 
_chem_comp_atom.atom_id 
_chem_comp_atom.type_symbol 
_chem_comp_atom.pdbx_aromatic_flag 
_chem_comp_atom.pdbx_stereo_config 
_chem_comp_atom.pdbx_ordinal 
ALA N      N  N N 1   
ALA CA     C  N S 2   
ALA C      C  N N 3   
ALA O      O  N N 4   
ALA CB     C  N N 5   
ALA OXT    O  N N 6   
ALA H      H  N N 7   
ALA H2     H  N N 8   
ALA HA     H  N N 9   
ALA HB1    H  N N 10  
ALA HB2    H  N N 11  
ALA HB3    H  N N 12  
ALA HXT    H  N N 13  
ARG N      N  N N 14  
ARG CA     C  N S 15  
ARG C      C  N N 16  
ARG O      O  N N 17  
ARG CB     C  N N 18  
ARG CG     C  N N 19  
ARG CD     C  N N 20  
ARG NE     N  N N 21  
ARG CZ     C  N N 22  
ARG NH1    N  N N 23  
ARG NH2    N  N N 24  
ARG OXT    O  N N 25  
ARG H      H  N N 26  
ARG H2     H  N N 27  
ARG HA     H  N N 28  
ARG HB2    H  N N 29  
ARG HB3    H  N N 30  
ARG HG2    H  N N 31  
ARG HG3    H  N N 32  
ARG HD2    H  N N 33  
ARG HD3    H  N N 34  
ARG HE     H  N N 35  
ARG HH11   H  N N 36  
ARG HH12   H  N N 37  
ARG HH21   H  N N 38  
ARG HH22   H  N N 39  
ARG HXT    H  N N 40  
ASN N      N  N N 41  
ASN CA     C  N S 42  
ASN C      C  N N 43  
ASN O      O  N N 44  
ASN CB     C  N N 45  
ASN CG     C  N N 46  
ASN OD1    O  N N 47  
ASN ND2    N  N N 48  
ASN OXT    O  N N 49  
ASN H      H  N N 50  
ASN H2     H  N N 51  
ASN HA     H  N N 52  
ASN HB2    H  N N 53  
ASN HB3    H  N N 54  
ASN HD21   H  N N 55  
ASN HD22   H  N N 56  
ASN HXT    H  N N 57  
ASP N      N  N N 58  
ASP CA     C  N S 59  
ASP C      C  N N 60  
ASP O      O  N N 61  
ASP CB     C  N N 62  
ASP CG     C  N N 63  
ASP OD1    O  N N 64  
ASP OD2    O  N N 65  
ASP OXT    O  N N 66  
ASP H      H  N N 67  
ASP H2     H  N N 68  
ASP HA     H  N N 69  
ASP HB2    H  N N 70  
ASP HB3    H  N N 71  
ASP HD2    H  N N 72  
ASP HXT    H  N N 73  
CYS N      N  N N 74  
CYS CA     C  N R 75  
CYS C      C  N N 76  
CYS O      O  N N 77  
CYS CB     C  N N 78  
CYS SG     S  N N 79  
CYS OXT    O  N N 80  
CYS H      H  N N 81  
CYS H2     H  N N 82  
CYS HA     H  N N 83  
CYS HB2    H  N N 84  
CYS HB3    H  N N 85  
CYS HG     H  N N 86  
CYS HXT    H  N N 87  
D5M "O5'"  O  N N 88  
D5M "C5'"  C  N N 89  
D5M "C4'"  C  N R 90  
D5M "O4'"  O  N N 91  
D5M "C3'"  C  N S 92  
D5M "O3'"  O  N N 93  
D5M "C2'"  C  N N 94  
D5M "C1'"  C  N R 95  
D5M N9     N  Y N 96  
D5M C8     C  Y N 97  
D5M N7     N  Y N 98  
D5M C5     C  Y N 99  
D5M C6     C  Y N 100 
D5M N6     N  N N 101 
D5M N1     N  Y N 102 
D5M C2     C  Y N 103 
D5M N3     N  Y N 104 
D5M C4     C  Y N 105 
D5M P      P  N N 106 
D5M O1P    O  N N 107 
D5M O3P    O  N N 108 
D5M O2P    O  N N 109 
D5M "H5'1" H  N N 110 
D5M "H5'2" H  N N 111 
D5M "H4'"  H  N N 112 
D5M H1     H  N N 113 
D5M "H3'"  H  N N 114 
D5M "H2'1" H  N N 115 
D5M "H2'2" H  N N 116 
D5M "H1'"  H  N N 117 
D5M H8     H  N N 118 
D5M HN61   H  N N 119 
D5M HN62   H  N N 120 
D5M H2     H  N N 121 
D5M H3P    H  N N 122 
D5M H2P    H  N N 123 
GLN N      N  N N 124 
GLN CA     C  N S 125 
GLN C      C  N N 126 
GLN O      O  N N 127 
GLN CB     C  N N 128 
GLN CG     C  N N 129 
GLN CD     C  N N 130 
GLN OE1    O  N N 131 
GLN NE2    N  N N 132 
GLN OXT    O  N N 133 
GLN H      H  N N 134 
GLN H2     H  N N 135 
GLN HA     H  N N 136 
GLN HB2    H  N N 137 
GLN HB3    H  N N 138 
GLN HG2    H  N N 139 
GLN HG3    H  N N 140 
GLN HE21   H  N N 141 
GLN HE22   H  N N 142 
GLN HXT    H  N N 143 
GLU N      N  N N 144 
GLU CA     C  N S 145 
GLU C      C  N N 146 
GLU O      O  N N 147 
GLU CB     C  N N 148 
GLU CG     C  N N 149 
GLU CD     C  N N 150 
GLU OE1    O  N N 151 
GLU OE2    O  N N 152 
GLU OXT    O  N N 153 
GLU H      H  N N 154 
GLU H2     H  N N 155 
GLU HA     H  N N 156 
GLU HB2    H  N N 157 
GLU HB3    H  N N 158 
GLU HG2    H  N N 159 
GLU HG3    H  N N 160 
GLU HE2    H  N N 161 
GLU HXT    H  N N 162 
GLY N      N  N N 163 
GLY CA     C  N N 164 
GLY C      C  N N 165 
GLY O      O  N N 166 
GLY OXT    O  N N 167 
GLY H      H  N N 168 
GLY H2     H  N N 169 
GLY HA2    H  N N 170 
GLY HA3    H  N N 171 
GLY HXT    H  N N 172 
HIS N      N  N N 173 
HIS CA     C  N S 174 
HIS C      C  N N 175 
HIS O      O  N N 176 
HIS CB     C  N N 177 
HIS CG     C  Y N 178 
HIS ND1    N  Y N 179 
HIS CD2    C  Y N 180 
HIS CE1    C  Y N 181 
HIS NE2    N  Y N 182 
HIS OXT    O  N N 183 
HIS H      H  N N 184 
HIS H2     H  N N 185 
HIS HA     H  N N 186 
HIS HB2    H  N N 187 
HIS HB3    H  N N 188 
HIS HD1    H  N N 189 
HIS HD2    H  N N 190 
HIS HE1    H  N N 191 
HIS HE2    H  N N 192 
HIS HXT    H  N N 193 
HOH O      O  N N 194 
HOH H1     H  N N 195 
HOH H2     H  N N 196 
ILE N      N  N N 197 
ILE CA     C  N S 198 
ILE C      C  N N 199 
ILE O      O  N N 200 
ILE CB     C  N S 201 
ILE CG1    C  N N 202 
ILE CG2    C  N N 203 
ILE CD1    C  N N 204 
ILE OXT    O  N N 205 
ILE H      H  N N 206 
ILE H2     H  N N 207 
ILE HA     H  N N 208 
ILE HB     H  N N 209 
ILE HG12   H  N N 210 
ILE HG13   H  N N 211 
ILE HG21   H  N N 212 
ILE HG22   H  N N 213 
ILE HG23   H  N N 214 
ILE HD11   H  N N 215 
ILE HD12   H  N N 216 
ILE HD13   H  N N 217 
ILE HXT    H  N N 218 
LEU N      N  N N 219 
LEU CA     C  N S 220 
LEU C      C  N N 221 
LEU O      O  N N 222 
LEU CB     C  N N 223 
LEU CG     C  N N 224 
LEU CD1    C  N N 225 
LEU CD2    C  N N 226 
LEU OXT    O  N N 227 
LEU H      H  N N 228 
LEU H2     H  N N 229 
LEU HA     H  N N 230 
LEU HB2    H  N N 231 
LEU HB3    H  N N 232 
LEU HG     H  N N 233 
LEU HD11   H  N N 234 
LEU HD12   H  N N 235 
LEU HD13   H  N N 236 
LEU HD21   H  N N 237 
LEU HD22   H  N N 238 
LEU HD23   H  N N 239 
LEU HXT    H  N N 240 
LYS N      N  N N 241 
LYS CA     C  N S 242 
LYS C      C  N N 243 
LYS O      O  N N 244 
LYS CB     C  N N 245 
LYS CG     C  N N 246 
LYS CD     C  N N 247 
LYS CE     C  N N 248 
LYS NZ     N  N N 249 
LYS OXT    O  N N 250 
LYS H      H  N N 251 
LYS H2     H  N N 252 
LYS HA     H  N N 253 
LYS HB2    H  N N 254 
LYS HB3    H  N N 255 
LYS HG2    H  N N 256 
LYS HG3    H  N N 257 
LYS HD2    H  N N 258 
LYS HD3    H  N N 259 
LYS HE2    H  N N 260 
LYS HE3    H  N N 261 
LYS HZ1    H  N N 262 
LYS HZ2    H  N N 263 
LYS HZ3    H  N N 264 
LYS HXT    H  N N 265 
MET N      N  N N 266 
MET CA     C  N S 267 
MET C      C  N N 268 
MET O      O  N N 269 
MET CB     C  N N 270 
MET CG     C  N N 271 
MET SD     S  N N 272 
MET CE     C  N N 273 
MET OXT    O  N N 274 
MET H      H  N N 275 
MET H2     H  N N 276 
MET HA     H  N N 277 
MET HB2    H  N N 278 
MET HB3    H  N N 279 
MET HG2    H  N N 280 
MET HG3    H  N N 281 
MET HE1    H  N N 282 
MET HE2    H  N N 283 
MET HE3    H  N N 284 
MET HXT    H  N N 285 
MG  MG     MG N N 286 
PHE N      N  N N 287 
PHE CA     C  N S 288 
PHE C      C  N N 289 
PHE O      O  N N 290 
PHE CB     C  N N 291 
PHE CG     C  Y N 292 
PHE CD1    C  Y N 293 
PHE CD2    C  Y N 294 
PHE CE1    C  Y N 295 
PHE CE2    C  Y N 296 
PHE CZ     C  Y N 297 
PHE OXT    O  N N 298 
PHE H      H  N N 299 
PHE H2     H  N N 300 
PHE HA     H  N N 301 
PHE HB2    H  N N 302 
PHE HB3    H  N N 303 
PHE HD1    H  N N 304 
PHE HD2    H  N N 305 
PHE HE1    H  N N 306 
PHE HE2    H  N N 307 
PHE HZ     H  N N 308 
PHE HXT    H  N N 309 
PRO N      N  N N 310 
PRO CA     C  N S 311 
PRO C      C  N N 312 
PRO O      O  N N 313 
PRO CB     C  N N 314 
PRO CG     C  N N 315 
PRO CD     C  N N 316 
PRO OXT    O  N N 317 
PRO H      H  N N 318 
PRO HA     H  N N 319 
PRO HB2    H  N N 320 
PRO HB3    H  N N 321 
PRO HG2    H  N N 322 
PRO HG3    H  N N 323 
PRO HD2    H  N N 324 
PRO HD3    H  N N 325 
PRO HXT    H  N N 326 
SER N      N  N N 327 
SER CA     C  N S 328 
SER C      C  N N 329 
SER O      O  N N 330 
SER CB     C  N N 331 
SER OG     O  N N 332 
SER OXT    O  N N 333 
SER H      H  N N 334 
SER H2     H  N N 335 
SER HA     H  N N 336 
SER HB2    H  N N 337 
SER HB3    H  N N 338 
SER HG     H  N N 339 
SER HXT    H  N N 340 
THR N      N  N N 341 
THR CA     C  N S 342 
THR C      C  N N 343 
THR O      O  N N 344 
THR CB     C  N R 345 
THR OG1    O  N N 346 
THR CG2    C  N N 347 
THR OXT    O  N N 348 
THR H      H  N N 349 
THR H2     H  N N 350 
THR HA     H  N N 351 
THR HB     H  N N 352 
THR HG1    H  N N 353 
THR HG21   H  N N 354 
THR HG22   H  N N 355 
THR HG23   H  N N 356 
THR HXT    H  N N 357 
TRP N      N  N N 358 
TRP CA     C  N S 359 
TRP C      C  N N 360 
TRP O      O  N N 361 
TRP CB     C  N N 362 
TRP CG     C  Y N 363 
TRP CD1    C  Y N 364 
TRP CD2    C  Y N 365 
TRP NE1    N  Y N 366 
TRP CE2    C  Y N 367 
TRP CE3    C  Y N 368 
TRP CZ2    C  Y N 369 
TRP CZ3    C  Y N 370 
TRP CH2    C  Y N 371 
TRP OXT    O  N N 372 
TRP H      H  N N 373 
TRP H2     H  N N 374 
TRP HA     H  N N 375 
TRP HB2    H  N N 376 
TRP HB3    H  N N 377 
TRP HD1    H  N N 378 
TRP HE1    H  N N 379 
TRP HE3    H  N N 380 
TRP HZ2    H  N N 381 
TRP HZ3    H  N N 382 
TRP HH2    H  N N 383 
TRP HXT    H  N N 384 
TYR N      N  N N 385 
TYR CA     C  N S 386 
TYR C      C  N N 387 
TYR O      O  N N 388 
TYR CB     C  N N 389 
TYR CG     C  Y N 390 
TYR CD1    C  Y N 391 
TYR CD2    C  Y N 392 
TYR CE1    C  Y N 393 
TYR CE2    C  Y N 394 
TYR CZ     C  Y N 395 
TYR OH     O  N N 396 
TYR OXT    O  N N 397 
TYR H      H  N N 398 
TYR H2     H  N N 399 
TYR HA     H  N N 400 
TYR HB2    H  N N 401 
TYR HB3    H  N N 402 
TYR HD1    H  N N 403 
TYR HD2    H  N N 404 
TYR HE1    H  N N 405 
TYR HE2    H  N N 406 
TYR HH     H  N N 407 
TYR HXT    H  N N 408 
VAL N      N  N N 409 
VAL CA     C  N S 410 
VAL C      C  N N 411 
VAL O      O  N N 412 
VAL CB     C  N N 413 
VAL CG1    C  N N 414 
VAL CG2    C  N N 415 
VAL OXT    O  N N 416 
VAL H      H  N N 417 
VAL H2     H  N N 418 
VAL HA     H  N N 419 
VAL HB     H  N N 420 
VAL HG11   H  N N 421 
VAL HG12   H  N N 422 
VAL HG13   H  N N 423 
VAL HG21   H  N N 424 
VAL HG22   H  N N 425 
VAL HG23   H  N N 426 
VAL HXT    H  N N 427 
# 
loop_
_chem_comp_bond.comp_id 
_chem_comp_bond.atom_id_1 
_chem_comp_bond.atom_id_2 
_chem_comp_bond.value_order 
_chem_comp_bond.pdbx_aromatic_flag 
_chem_comp_bond.pdbx_stereo_config 
_chem_comp_bond.pdbx_ordinal 
ALA N     CA     sing N N 1   
ALA N     H      sing N N 2   
ALA N     H2     sing N N 3   
ALA CA    C      sing N N 4   
ALA CA    CB     sing N N 5   
ALA CA    HA     sing N N 6   
ALA C     O      doub N N 7   
ALA C     OXT    sing N N 8   
ALA CB    HB1    sing N N 9   
ALA CB    HB2    sing N N 10  
ALA CB    HB3    sing N N 11  
ALA OXT   HXT    sing N N 12  
ARG N     CA     sing N N 13  
ARG N     H      sing N N 14  
ARG N     H2     sing N N 15  
ARG CA    C      sing N N 16  
ARG CA    CB     sing N N 17  
ARG CA    HA     sing N N 18  
ARG C     O      doub N N 19  
ARG C     OXT    sing N N 20  
ARG CB    CG     sing N N 21  
ARG CB    HB2    sing N N 22  
ARG CB    HB3    sing N N 23  
ARG CG    CD     sing N N 24  
ARG CG    HG2    sing N N 25  
ARG CG    HG3    sing N N 26  
ARG CD    NE     sing N N 27  
ARG CD    HD2    sing N N 28  
ARG CD    HD3    sing N N 29  
ARG NE    CZ     sing N N 30  
ARG NE    HE     sing N N 31  
ARG CZ    NH1    sing N N 32  
ARG CZ    NH2    doub N N 33  
ARG NH1   HH11   sing N N 34  
ARG NH1   HH12   sing N N 35  
ARG NH2   HH21   sing N N 36  
ARG NH2   HH22   sing N N 37  
ARG OXT   HXT    sing N N 38  
ASN N     CA     sing N N 39  
ASN N     H      sing N N 40  
ASN N     H2     sing N N 41  
ASN CA    C      sing N N 42  
ASN CA    CB     sing N N 43  
ASN CA    HA     sing N N 44  
ASN C     O      doub N N 45  
ASN C     OXT    sing N N 46  
ASN CB    CG     sing N N 47  
ASN CB    HB2    sing N N 48  
ASN CB    HB3    sing N N 49  
ASN CG    OD1    doub N N 50  
ASN CG    ND2    sing N N 51  
ASN ND2   HD21   sing N N 52  
ASN ND2   HD22   sing N N 53  
ASN OXT   HXT    sing N N 54  
ASP N     CA     sing N N 55  
ASP N     H      sing N N 56  
ASP N     H2     sing N N 57  
ASP CA    C      sing N N 58  
ASP CA    CB     sing N N 59  
ASP CA    HA     sing N N 60  
ASP C     O      doub N N 61  
ASP C     OXT    sing N N 62  
ASP CB    CG     sing N N 63  
ASP CB    HB2    sing N N 64  
ASP CB    HB3    sing N N 65  
ASP CG    OD1    doub N N 66  
ASP CG    OD2    sing N N 67  
ASP OD2   HD2    sing N N 68  
ASP OXT   HXT    sing N N 69  
CYS N     CA     sing N N 70  
CYS N     H      sing N N 71  
CYS N     H2     sing N N 72  
CYS CA    C      sing N N 73  
CYS CA    CB     sing N N 74  
CYS CA    HA     sing N N 75  
CYS C     O      doub N N 76  
CYS C     OXT    sing N N 77  
CYS CB    SG     sing N N 78  
CYS CB    HB2    sing N N 79  
CYS CB    HB3    sing N N 80  
CYS SG    HG     sing N N 81  
CYS OXT   HXT    sing N N 82  
D5M "O5'" "C5'"  sing N N 83  
D5M "O5'" P      sing N N 84  
D5M "C5'" "C4'"  sing N N 85  
D5M "C5'" "H5'1" sing N N 86  
D5M "C5'" "H5'2" sing N N 87  
D5M "C4'" "O4'"  sing N N 88  
D5M "C4'" "C3'"  sing N N 89  
D5M "C4'" "H4'"  sing N N 90  
D5M "O4'" "C1'"  sing N N 91  
D5M "C3'" "O3'"  sing N N 92  
D5M "C3'" "C2'"  sing N N 93  
D5M "C3'" H1     sing N N 94  
D5M "O3'" "H3'"  sing N N 95  
D5M "C2'" "C1'"  sing N N 96  
D5M "C2'" "H2'1" sing N N 97  
D5M "C2'" "H2'2" sing N N 98  
D5M "C1'" N9     sing N N 99  
D5M "C1'" "H1'"  sing N N 100 
D5M N9    C8     sing Y N 101 
D5M N9    C4     sing Y N 102 
D5M C8    N7     doub Y N 103 
D5M C8    H8     sing N N 104 
D5M N7    C5     sing Y N 105 
D5M C5    C6     sing Y N 106 
D5M C5    C4     doub Y N 107 
D5M C6    N6     sing N N 108 
D5M C6    N1     doub Y N 109 
D5M N6    HN61   sing N N 110 
D5M N6    HN62   sing N N 111 
D5M N1    C2     sing Y N 112 
D5M C2    N3     doub Y N 113 
D5M C2    H2     sing N N 114 
D5M N3    C4     sing Y N 115 
D5M P     O1P    doub N N 116 
D5M P     O3P    sing N N 117 
D5M P     O2P    sing N N 118 
D5M O3P   H3P    sing N N 119 
D5M O2P   H2P    sing N N 120 
GLN N     CA     sing N N 121 
GLN N     H      sing N N 122 
GLN N     H2     sing N N 123 
GLN CA    C      sing N N 124 
GLN CA    CB     sing N N 125 
GLN CA    HA     sing N N 126 
GLN C     O      doub N N 127 
GLN C     OXT    sing N N 128 
GLN CB    CG     sing N N 129 
GLN CB    HB2    sing N N 130 
GLN CB    HB3    sing N N 131 
GLN CG    CD     sing N N 132 
GLN CG    HG2    sing N N 133 
GLN CG    HG3    sing N N 134 
GLN CD    OE1    doub N N 135 
GLN CD    NE2    sing N N 136 
GLN NE2   HE21   sing N N 137 
GLN NE2   HE22   sing N N 138 
GLN OXT   HXT    sing N N 139 
GLU N     CA     sing N N 140 
GLU N     H      sing N N 141 
GLU N     H2     sing N N 142 
GLU CA    C      sing N N 143 
GLU CA    CB     sing N N 144 
GLU CA    HA     sing N N 145 
GLU C     O      doub N N 146 
GLU C     OXT    sing N N 147 
GLU CB    CG     sing N N 148 
GLU CB    HB2    sing N N 149 
GLU CB    HB3    sing N N 150 
GLU CG    CD     sing N N 151 
GLU CG    HG2    sing N N 152 
GLU CG    HG3    sing N N 153 
GLU CD    OE1    doub N N 154 
GLU CD    OE2    sing N N 155 
GLU OE2   HE2    sing N N 156 
GLU OXT   HXT    sing N N 157 
GLY N     CA     sing N N 158 
GLY N     H      sing N N 159 
GLY N     H2     sing N N 160 
GLY CA    C      sing N N 161 
GLY CA    HA2    sing N N 162 
GLY CA    HA3    sing N N 163 
GLY C     O      doub N N 164 
GLY C     OXT    sing N N 165 
GLY OXT   HXT    sing N N 166 
HIS N     CA     sing N N 167 
HIS N     H      sing N N 168 
HIS N     H2     sing N N 169 
HIS CA    C      sing N N 170 
HIS CA    CB     sing N N 171 
HIS CA    HA     sing N N 172 
HIS C     O      doub N N 173 
HIS C     OXT    sing N N 174 
HIS CB    CG     sing N N 175 
HIS CB    HB2    sing N N 176 
HIS CB    HB3    sing N N 177 
HIS CG    ND1    sing Y N 178 
HIS CG    CD2    doub Y N 179 
HIS ND1   CE1    doub Y N 180 
HIS ND1   HD1    sing N N 181 
HIS CD2   NE2    sing Y N 182 
HIS CD2   HD2    sing N N 183 
HIS CE1   NE2    sing Y N 184 
HIS CE1   HE1    sing N N 185 
HIS NE2   HE2    sing N N 186 
HIS OXT   HXT    sing N N 187 
HOH O     H1     sing N N 188 
HOH O     H2     sing N N 189 
ILE N     CA     sing N N 190 
ILE N     H      sing N N 191 
ILE N     H2     sing N N 192 
ILE CA    C      sing N N 193 
ILE CA    CB     sing N N 194 
ILE CA    HA     sing N N 195 
ILE C     O      doub N N 196 
ILE C     OXT    sing N N 197 
ILE CB    CG1    sing N N 198 
ILE CB    CG2    sing N N 199 
ILE CB    HB     sing N N 200 
ILE CG1   CD1    sing N N 201 
ILE CG1   HG12   sing N N 202 
ILE CG1   HG13   sing N N 203 
ILE CG2   HG21   sing N N 204 
ILE CG2   HG22   sing N N 205 
ILE CG2   HG23   sing N N 206 
ILE CD1   HD11   sing N N 207 
ILE CD1   HD12   sing N N 208 
ILE CD1   HD13   sing N N 209 
ILE OXT   HXT    sing N N 210 
LEU N     CA     sing N N 211 
LEU N     H      sing N N 212 
LEU N     H2     sing N N 213 
LEU CA    C      sing N N 214 
LEU CA    CB     sing N N 215 
LEU CA    HA     sing N N 216 
LEU C     O      doub N N 217 
LEU C     OXT    sing N N 218 
LEU CB    CG     sing N N 219 
LEU CB    HB2    sing N N 220 
LEU CB    HB3    sing N N 221 
LEU CG    CD1    sing N N 222 
LEU CG    CD2    sing N N 223 
LEU CG    HG     sing N N 224 
LEU CD1   HD11   sing N N 225 
LEU CD1   HD12   sing N N 226 
LEU CD1   HD13   sing N N 227 
LEU CD2   HD21   sing N N 228 
LEU CD2   HD22   sing N N 229 
LEU CD2   HD23   sing N N 230 
LEU OXT   HXT    sing N N 231 
LYS N     CA     sing N N 232 
LYS N     H      sing N N 233 
LYS N     H2     sing N N 234 
LYS CA    C      sing N N 235 
LYS CA    CB     sing N N 236 
LYS CA    HA     sing N N 237 
LYS C     O      doub N N 238 
LYS C     OXT    sing N N 239 
LYS CB    CG     sing N N 240 
LYS CB    HB2    sing N N 241 
LYS CB    HB3    sing N N 242 
LYS CG    CD     sing N N 243 
LYS CG    HG2    sing N N 244 
LYS CG    HG3    sing N N 245 
LYS CD    CE     sing N N 246 
LYS CD    HD2    sing N N 247 
LYS CD    HD3    sing N N 248 
LYS CE    NZ     sing N N 249 
LYS CE    HE2    sing N N 250 
LYS CE    HE3    sing N N 251 
LYS NZ    HZ1    sing N N 252 
LYS NZ    HZ2    sing N N 253 
LYS NZ    HZ3    sing N N 254 
LYS OXT   HXT    sing N N 255 
MET N     CA     sing N N 256 
MET N     H      sing N N 257 
MET N     H2     sing N N 258 
MET CA    C      sing N N 259 
MET CA    CB     sing N N 260 
MET CA    HA     sing N N 261 
MET C     O      doub N N 262 
MET C     OXT    sing N N 263 
MET CB    CG     sing N N 264 
MET CB    HB2    sing N N 265 
MET CB    HB3    sing N N 266 
MET CG    SD     sing N N 267 
MET CG    HG2    sing N N 268 
MET CG    HG3    sing N N 269 
MET SD    CE     sing N N 270 
MET CE    HE1    sing N N 271 
MET CE    HE2    sing N N 272 
MET CE    HE3    sing N N 273 
MET OXT   HXT    sing N N 274 
PHE N     CA     sing N N 275 
PHE N     H      sing N N 276 
PHE N     H2     sing N N 277 
PHE CA    C      sing N N 278 
PHE CA    CB     sing N N 279 
PHE CA    HA     sing N N 280 
PHE C     O      doub N N 281 
PHE C     OXT    sing N N 282 
PHE CB    CG     sing N N 283 
PHE CB    HB2    sing N N 284 
PHE CB    HB3    sing N N 285 
PHE CG    CD1    doub Y N 286 
PHE CG    CD2    sing Y N 287 
PHE CD1   CE1    sing Y N 288 
PHE CD1   HD1    sing N N 289 
PHE CD2   CE2    doub Y N 290 
PHE CD2   HD2    sing N N 291 
PHE CE1   CZ     doub Y N 292 
PHE CE1   HE1    sing N N 293 
PHE CE2   CZ     sing Y N 294 
PHE CE2   HE2    sing N N 295 
PHE CZ    HZ     sing N N 296 
PHE OXT   HXT    sing N N 297 
PRO N     CA     sing N N 298 
PRO N     CD     sing N N 299 
PRO N     H      sing N N 300 
PRO CA    C      sing N N 301 
PRO CA    CB     sing N N 302 
PRO CA    HA     sing N N 303 
PRO C     O      doub N N 304 
PRO C     OXT    sing N N 305 
PRO CB    CG     sing N N 306 
PRO CB    HB2    sing N N 307 
PRO CB    HB3    sing N N 308 
PRO CG    CD     sing N N 309 
PRO CG    HG2    sing N N 310 
PRO CG    HG3    sing N N 311 
PRO CD    HD2    sing N N 312 
PRO CD    HD3    sing N N 313 
PRO OXT   HXT    sing N N 314 
SER N     CA     sing N N 315 
SER N     H      sing N N 316 
SER N     H2     sing N N 317 
SER CA    C      sing N N 318 
SER CA    CB     sing N N 319 
SER CA    HA     sing N N 320 
SER C     O      doub N N 321 
SER C     OXT    sing N N 322 
SER CB    OG     sing N N 323 
SER CB    HB2    sing N N 324 
SER CB    HB3    sing N N 325 
SER OG    HG     sing N N 326 
SER OXT   HXT    sing N N 327 
THR N     CA     sing N N 328 
THR N     H      sing N N 329 
THR N     H2     sing N N 330 
THR CA    C      sing N N 331 
THR CA    CB     sing N N 332 
THR CA    HA     sing N N 333 
THR C     O      doub N N 334 
THR C     OXT    sing N N 335 
THR CB    OG1    sing N N 336 
THR CB    CG2    sing N N 337 
THR CB    HB     sing N N 338 
THR OG1   HG1    sing N N 339 
THR CG2   HG21   sing N N 340 
THR CG2   HG22   sing N N 341 
THR CG2   HG23   sing N N 342 
THR OXT   HXT    sing N N 343 
TRP N     CA     sing N N 344 
TRP N     H      sing N N 345 
TRP N     H2     sing N N 346 
TRP CA    C      sing N N 347 
TRP CA    CB     sing N N 348 
TRP CA    HA     sing N N 349 
TRP C     O      doub N N 350 
TRP C     OXT    sing N N 351 
TRP CB    CG     sing N N 352 
TRP CB    HB2    sing N N 353 
TRP CB    HB3    sing N N 354 
TRP CG    CD1    doub Y N 355 
TRP CG    CD2    sing Y N 356 
TRP CD1   NE1    sing Y N 357 
TRP CD1   HD1    sing N N 358 
TRP CD2   CE2    doub Y N 359 
TRP CD2   CE3    sing Y N 360 
TRP NE1   CE2    sing Y N 361 
TRP NE1   HE1    sing N N 362 
TRP CE2   CZ2    sing Y N 363 
TRP CE3   CZ3    doub Y N 364 
TRP CE3   HE3    sing N N 365 
TRP CZ2   CH2    doub Y N 366 
TRP CZ2   HZ2    sing N N 367 
TRP CZ3   CH2    sing Y N 368 
TRP CZ3   HZ3    sing N N 369 
TRP CH2   HH2    sing N N 370 
TRP OXT   HXT    sing N N 371 
TYR N     CA     sing N N 372 
TYR N     H      sing N N 373 
TYR N     H2     sing N N 374 
TYR CA    C      sing N N 375 
TYR CA    CB     sing N N 376 
TYR CA    HA     sing N N 377 
TYR C     O      doub N N 378 
TYR C     OXT    sing N N 379 
TYR CB    CG     sing N N 380 
TYR CB    HB2    sing N N 381 
TYR CB    HB3    sing N N 382 
TYR CG    CD1    doub Y N 383 
TYR CG    CD2    sing Y N 384 
TYR CD1   CE1    sing Y N 385 
TYR CD1   HD1    sing N N 386 
TYR CD2   CE2    doub Y N 387 
TYR CD2   HD2    sing N N 388 
TYR CE1   CZ     doub Y N 389 
TYR CE1   HE1    sing N N 390 
TYR CE2   CZ     sing Y N 391 
TYR CE2   HE2    sing N N 392 
TYR CZ    OH     sing N N 393 
TYR OH    HH     sing N N 394 
TYR OXT   HXT    sing N N 395 
VAL N     CA     sing N N 396 
VAL N     H      sing N N 397 
VAL N     H2     sing N N 398 
VAL CA    C      sing N N 399 
VAL CA    CB     sing N N 400 
VAL CA    HA     sing N N 401 
VAL C     O      doub N N 402 
VAL C     OXT    sing N N 403 
VAL CB    CG1    sing N N 404 
VAL CB    CG2    sing N N 405 
VAL CB    HB     sing N N 406 
VAL CG1   HG11   sing N N 407 
VAL CG1   HG12   sing N N 408 
VAL CG1   HG13   sing N N 409 
VAL CG2   HG21   sing N N 410 
VAL CG2   HG22   sing N N 411 
VAL CG2   HG23   sing N N 412 
VAL OXT   HXT    sing N N 413 
# 
loop_
_pdbx_entity_nonpoly.entity_id 
_pdbx_entity_nonpoly.name 
_pdbx_entity_nonpoly.comp_id 
2 'MAGNESIUM ION'                      MG  
3 "2'-DEOXYADENOSINE-5'-MONOPHOSPHATE" D5M 
4 water                                HOH 
# 
_pdbx_initial_refinement_model.id               1 
_pdbx_initial_refinement_model.entity_id_list   ? 
_pdbx_initial_refinement_model.type             'experimental model' 
_pdbx_initial_refinement_model.source_name      PDB 
_pdbx_initial_refinement_model.accession_code   3SYY 
_pdbx_initial_refinement_model.details          ? 
# 
